data_6HOE
# 
_entry.id   6HOE 
# 
_audit_conform.dict_name       mmcif_pdbx.dic 
_audit_conform.dict_version    5.383 
_audit_conform.dict_location   http://mmcif.pdb.org/dictionaries/ascii/mmcif_pdbx.dic 
# 
loop_
_database_2.database_id 
_database_2.database_code 
_database_2.pdbx_database_accession 
_database_2.pdbx_DOI 
PDB   6HOE         pdb_00006hoe 10.2210/pdb6hoe/pdb 
WWPDB D_1200011954 ?            ?                   
# 
loop_
_pdbx_audit_revision_history.ordinal 
_pdbx_audit_revision_history.data_content_type 
_pdbx_audit_revision_history.major_revision 
_pdbx_audit_revision_history.minor_revision 
_pdbx_audit_revision_history.revision_date 
1 'Structure model' 1 0 2018-12-26 
2 'Structure model' 1 1 2019-01-23 
3 'Structure model' 1 2 2024-01-24 
# 
_pdbx_audit_revision_details.ordinal             1 
_pdbx_audit_revision_details.revision_ordinal    1 
_pdbx_audit_revision_details.data_content_type   'Structure model' 
_pdbx_audit_revision_details.provider            repository 
_pdbx_audit_revision_details.type                'Initial release' 
_pdbx_audit_revision_details.description         ? 
_pdbx_audit_revision_details.details             ? 
# 
loop_
_pdbx_audit_revision_group.ordinal 
_pdbx_audit_revision_group.revision_ordinal 
_pdbx_audit_revision_group.data_content_type 
_pdbx_audit_revision_group.group 
1 2 'Structure model' 'Data collection'        
2 2 'Structure model' 'Database references'    
3 3 'Structure model' 'Data collection'        
4 3 'Structure model' 'Database references'    
5 3 'Structure model' 'Refinement description' 
# 
loop_
_pdbx_audit_revision_category.ordinal 
_pdbx_audit_revision_category.revision_ordinal 
_pdbx_audit_revision_category.data_content_type 
_pdbx_audit_revision_category.category 
1 2 'Structure model' citation                      
2 3 'Structure model' chem_comp_atom                
3 3 'Structure model' chem_comp_bond                
4 3 'Structure model' database_2                    
5 3 'Structure model' pdbx_initial_refinement_model 
# 
loop_
_pdbx_audit_revision_item.ordinal 
_pdbx_audit_revision_item.revision_ordinal 
_pdbx_audit_revision_item.data_content_type 
_pdbx_audit_revision_item.item 
1 2 'Structure model' '_citation.journal_volume'            
2 2 'Structure model' '_citation.page_first'                
3 2 'Structure model' '_citation.page_last'                 
4 3 'Structure model' '_database_2.pdbx_DOI'                
5 3 'Structure model' '_database_2.pdbx_database_accession' 
# 
_pdbx_database_status.status_code                     REL 
_pdbx_database_status.status_code_sf                  REL 
_pdbx_database_status.status_code_mr                  ? 
_pdbx_database_status.entry_id                        6HOE 
_pdbx_database_status.recvd_initial_deposition_date   2018-09-17 
_pdbx_database_status.SG_entry                        N 
_pdbx_database_status.deposit_site                    PDBE 
_pdbx_database_status.process_site                    PDBE 
_pdbx_database_status.status_code_cs                  ? 
_pdbx_database_status.methods_development_category    ? 
_pdbx_database_status.pdb_format_compatible           Y 
_pdbx_database_status.status_code_nmr_data            ? 
# 
loop_
_audit_author.name 
_audit_author.pdbx_ordinal 
_audit_author.identifier_ORCID 
'Wintjens, R.'  1 0000-0002-0234-7847 
'Wohlkonig, A.' 2 0000-0003-3103-5022 
# 
_citation.abstract                  ? 
_citation.abstract_id_CAS           ? 
_citation.book_id_ISBN              ? 
_citation.book_publisher            ? 
_citation.book_publisher_city       ? 
_citation.book_title                ? 
_citation.coordinate_linkage        ? 
_citation.country                   ? 
_citation.database_id_Medline       ? 
_citation.details                   ? 
_citation.id                        primary 
_citation.journal_abbrev            'Biochim Biophys Acta Proteins Proteom' 
_citation.journal_id_ASTM           ? 
_citation.journal_id_CSD            ? 
_citation.journal_id_ISSN           1878-1454 
_citation.journal_full              ? 
_citation.journal_issue             ? 
_citation.journal_volume            1867 
_citation.language                  ? 
_citation.page_first                248 
_citation.page_last                 258 
_citation.title                     
'A comprehensive analysis of the protein-ligand interactions in crystal structures of Mycobacterium tuberculosis EthR.' 
_citation.year                      2018 
_citation.database_id_CSD           ? 
_citation.pdbx_database_id_DOI      10.1016/j.bbapap.2018.12.003 
_citation.pdbx_database_id_PubMed   30553830 
_citation.unpublished_flag          ? 
# 
loop_
_citation_author.citation_id 
_citation_author.name 
_citation_author.ordinal 
_citation_author.identifier_ORCID 
primary 'Tanina, A.'     1  ? 
primary 'Wohlkonig, A.'  2  ? 
primary 'Soror, S.H.'    3  ? 
primary 'Flipo, M.'      4  ? 
primary 'Villemagne, B.' 5  ? 
primary 'Prevet, H.'     6  ? 
primary 'Deprez, B.'     7  ? 
primary 'Moune, M.'      8  ? 
primary 'Peree, H.'      9  ? 
primary 'Meyer, F.'      10 ? 
primary 'Baulard, A.R.'  11 ? 
primary 'Willand, N.'    12 ? 
primary 'Wintjens, R.'   13 ? 
# 
loop_
_entity.id 
_entity.type 
_entity.src_method 
_entity.pdbx_description 
_entity.formula_weight 
_entity.pdbx_number_of_molecules 
_entity.pdbx_ec 
_entity.pdbx_mutation 
_entity.pdbx_fragment 
_entity.details 
1 polymer     man 'HTH-type transcriptional regulator EthR'                                                24927.980 1  ? ? ? ? 
2 non-polymer syn 'ethyl 2-[4-[4-[3,3,3-tris(fluoranyl)propylcarbamoyl]phenyl]-1,3-thiazol-2-yl]ethanoate' 386.389   1  ? ? ? ? 
3 water       nat water                                                                                    18.015    36 ? ? ? ? 
# 
_entity_poly.entity_id                      1 
_entity_poly.type                           'polypeptide(L)' 
_entity_poly.nstd_linkage                   no 
_entity_poly.nstd_monomer                   no 
_entity_poly.pdbx_seq_one_letter_code       
;MTTSAASQASLPMTTSAASQASLPRGRRTARPSGDDRELAILATAENLLEDRPLADISVDDLAKGAGISRPTFYFYFPSK
EAVLLTLLDRVVNQADMALQTLAENPADTDRENMWRTGINVFFETFGSHKAVTRAGQAARATSVEVAELWSTFMQKWIAY
TAAVIDAERDRGAAPRTLPAHELATALNLMNERTLFASFAGEQPSVPEARVLDTLVHIWVTSIYGENR
;
_entity_poly.pdbx_seq_one_letter_code_can   
;MTTSAASQASLPMTTSAASQASLPRGRRTARPSGDDRELAILATAENLLEDRPLADISVDDLAKGAGISRPTFYFYFPSK
EAVLLTLLDRVVNQADMALQTLAENPADTDRENMWRTGINVFFETFGSHKAVTRAGQAARATSVEVAELWSTFMQKWIAY
TAAVIDAERDRGAAPRTLPAHELATALNLMNERTLFASFAGEQPSVPEARVLDTLVHIWVTSIYGENR
;
_entity_poly.pdbx_strand_id                 A 
_entity_poly.pdbx_target_identifier         ? 
# 
loop_
_pdbx_entity_nonpoly.entity_id 
_pdbx_entity_nonpoly.name 
_pdbx_entity_nonpoly.comp_id 
2 'ethyl 2-[4-[4-[3,3,3-tris(fluoranyl)propylcarbamoyl]phenyl]-1,3-thiazol-2-yl]ethanoate' GH2 
3 water                                                                                    HOH 
# 
loop_
_entity_poly_seq.entity_id 
_entity_poly_seq.num 
_entity_poly_seq.mon_id 
_entity_poly_seq.hetero 
1 1   MET n 
1 2   THR n 
1 3   THR n 
1 4   SER n 
1 5   ALA n 
1 6   ALA n 
1 7   SER n 
1 8   GLN n 
1 9   ALA n 
1 10  SER n 
1 11  LEU n 
1 12  PRO n 
1 13  MET n 
1 14  THR n 
1 15  THR n 
1 16  SER n 
1 17  ALA n 
1 18  ALA n 
1 19  SER n 
1 20  GLN n 
1 21  ALA n 
1 22  SER n 
1 23  LEU n 
1 24  PRO n 
1 25  ARG n 
1 26  GLY n 
1 27  ARG n 
1 28  ARG n 
1 29  THR n 
1 30  ALA n 
1 31  ARG n 
1 32  PRO n 
1 33  SER n 
1 34  GLY n 
1 35  ASP n 
1 36  ASP n 
1 37  ARG n 
1 38  GLU n 
1 39  LEU n 
1 40  ALA n 
1 41  ILE n 
1 42  LEU n 
1 43  ALA n 
1 44  THR n 
1 45  ALA n 
1 46  GLU n 
1 47  ASN n 
1 48  LEU n 
1 49  LEU n 
1 50  GLU n 
1 51  ASP n 
1 52  ARG n 
1 53  PRO n 
1 54  LEU n 
1 55  ALA n 
1 56  ASP n 
1 57  ILE n 
1 58  SER n 
1 59  VAL n 
1 60  ASP n 
1 61  ASP n 
1 62  LEU n 
1 63  ALA n 
1 64  LYS n 
1 65  GLY n 
1 66  ALA n 
1 67  GLY n 
1 68  ILE n 
1 69  SER n 
1 70  ARG n 
1 71  PRO n 
1 72  THR n 
1 73  PHE n 
1 74  TYR n 
1 75  PHE n 
1 76  TYR n 
1 77  PHE n 
1 78  PRO n 
1 79  SER n 
1 80  LYS n 
1 81  GLU n 
1 82  ALA n 
1 83  VAL n 
1 84  LEU n 
1 85  LEU n 
1 86  THR n 
1 87  LEU n 
1 88  LEU n 
1 89  ASP n 
1 90  ARG n 
1 91  VAL n 
1 92  VAL n 
1 93  ASN n 
1 94  GLN n 
1 95  ALA n 
1 96  ASP n 
1 97  MET n 
1 98  ALA n 
1 99  LEU n 
1 100 GLN n 
1 101 THR n 
1 102 LEU n 
1 103 ALA n 
1 104 GLU n 
1 105 ASN n 
1 106 PRO n 
1 107 ALA n 
1 108 ASP n 
1 109 THR n 
1 110 ASP n 
1 111 ARG n 
1 112 GLU n 
1 113 ASN n 
1 114 MET n 
1 115 TRP n 
1 116 ARG n 
1 117 THR n 
1 118 GLY n 
1 119 ILE n 
1 120 ASN n 
1 121 VAL n 
1 122 PHE n 
1 123 PHE n 
1 124 GLU n 
1 125 THR n 
1 126 PHE n 
1 127 GLY n 
1 128 SER n 
1 129 HIS n 
1 130 LYS n 
1 131 ALA n 
1 132 VAL n 
1 133 THR n 
1 134 ARG n 
1 135 ALA n 
1 136 GLY n 
1 137 GLN n 
1 138 ALA n 
1 139 ALA n 
1 140 ARG n 
1 141 ALA n 
1 142 THR n 
1 143 SER n 
1 144 VAL n 
1 145 GLU n 
1 146 VAL n 
1 147 ALA n 
1 148 GLU n 
1 149 LEU n 
1 150 TRP n 
1 151 SER n 
1 152 THR n 
1 153 PHE n 
1 154 MET n 
1 155 GLN n 
1 156 LYS n 
1 157 TRP n 
1 158 ILE n 
1 159 ALA n 
1 160 TYR n 
1 161 THR n 
1 162 ALA n 
1 163 ALA n 
1 164 VAL n 
1 165 ILE n 
1 166 ASP n 
1 167 ALA n 
1 168 GLU n 
1 169 ARG n 
1 170 ASP n 
1 171 ARG n 
1 172 GLY n 
1 173 ALA n 
1 174 ALA n 
1 175 PRO n 
1 176 ARG n 
1 177 THR n 
1 178 LEU n 
1 179 PRO n 
1 180 ALA n 
1 181 HIS n 
1 182 GLU n 
1 183 LEU n 
1 184 ALA n 
1 185 THR n 
1 186 ALA n 
1 187 LEU n 
1 188 ASN n 
1 189 LEU n 
1 190 MET n 
1 191 ASN n 
1 192 GLU n 
1 193 ARG n 
1 194 THR n 
1 195 LEU n 
1 196 PHE n 
1 197 ALA n 
1 198 SER n 
1 199 PHE n 
1 200 ALA n 
1 201 GLY n 
1 202 GLU n 
1 203 GLN n 
1 204 PRO n 
1 205 SER n 
1 206 VAL n 
1 207 PRO n 
1 208 GLU n 
1 209 ALA n 
1 210 ARG n 
1 211 VAL n 
1 212 LEU n 
1 213 ASP n 
1 214 THR n 
1 215 LEU n 
1 216 VAL n 
1 217 HIS n 
1 218 ILE n 
1 219 TRP n 
1 220 VAL n 
1 221 THR n 
1 222 SER n 
1 223 ILE n 
1 224 TYR n 
1 225 GLY n 
1 226 GLU n 
1 227 ASN n 
1 228 ARG n 
# 
_entity_src_gen.entity_id                          1 
_entity_src_gen.pdbx_src_id                        1 
_entity_src_gen.pdbx_alt_source_flag               sample 
_entity_src_gen.pdbx_seq_type                      'Biological sequence' 
_entity_src_gen.pdbx_beg_seq_num                   1 
_entity_src_gen.pdbx_end_seq_num                   228 
_entity_src_gen.gene_src_common_name               ? 
_entity_src_gen.gene_src_genus                     ? 
_entity_src_gen.pdbx_gene_src_gene                 'ethR, etaR, MT3970' 
_entity_src_gen.gene_src_species                   ? 
_entity_src_gen.gene_src_strain                    ? 
_entity_src_gen.gene_src_tissue                    ? 
_entity_src_gen.gene_src_tissue_fraction           ? 
_entity_src_gen.gene_src_details                   ? 
_entity_src_gen.pdbx_gene_src_fragment             ? 
_entity_src_gen.pdbx_gene_src_scientific_name      'Mycobacterium tuberculosis CDC1551' 
_entity_src_gen.pdbx_gene_src_ncbi_taxonomy_id     83331 
_entity_src_gen.pdbx_gene_src_variant              'CDC 1551 / Oshkosh' 
_entity_src_gen.pdbx_gene_src_cell_line            ? 
_entity_src_gen.pdbx_gene_src_atcc                 ? 
_entity_src_gen.pdbx_gene_src_organ                ? 
_entity_src_gen.pdbx_gene_src_organelle            ? 
_entity_src_gen.pdbx_gene_src_cell                 ? 
_entity_src_gen.pdbx_gene_src_cellular_location    ? 
_entity_src_gen.host_org_common_name               ? 
_entity_src_gen.pdbx_host_org_scientific_name      'Escherichia coli BL21' 
_entity_src_gen.pdbx_host_org_ncbi_taxonomy_id     511693 
_entity_src_gen.host_org_genus                     ? 
_entity_src_gen.pdbx_host_org_gene                 ? 
_entity_src_gen.pdbx_host_org_organ                ? 
_entity_src_gen.host_org_species                   ? 
_entity_src_gen.pdbx_host_org_tissue               ? 
_entity_src_gen.pdbx_host_org_tissue_fraction      ? 
_entity_src_gen.pdbx_host_org_strain               ? 
_entity_src_gen.pdbx_host_org_variant              ? 
_entity_src_gen.pdbx_host_org_cell_line            ? 
_entity_src_gen.pdbx_host_org_atcc                 ? 
_entity_src_gen.pdbx_host_org_culture_collection   ? 
_entity_src_gen.pdbx_host_org_cell                 ? 
_entity_src_gen.pdbx_host_org_organelle            ? 
_entity_src_gen.pdbx_host_org_cellular_location    ? 
_entity_src_gen.pdbx_host_org_vector_type          ? 
_entity_src_gen.pdbx_host_org_vector               ? 
_entity_src_gen.host_org_details                   ? 
_entity_src_gen.expression_system_id               ? 
_entity_src_gen.plasmid_name                       ? 
_entity_src_gen.plasmid_details                    ? 
_entity_src_gen.pdbx_description                   ? 
# 
loop_
_chem_comp.id 
_chem_comp.type 
_chem_comp.mon_nstd_flag 
_chem_comp.name 
_chem_comp.pdbx_synonyms 
_chem_comp.formula 
_chem_comp.formula_weight 
ALA 'L-peptide linking' y ALANINE                                                                                  ? 'C3 H7 N O2' 
89.093  
ARG 'L-peptide linking' y ARGININE                                                                                 ? 
'C6 H15 N4 O2 1'     175.209 
ASN 'L-peptide linking' y ASPARAGINE                                                                               ? 'C4 H8 N2 O3' 
132.118 
ASP 'L-peptide linking' y 'ASPARTIC ACID'                                                                          ? 'C4 H7 N O4' 
133.103 
GH2 non-polymer         . 'ethyl 2-[4-[4-[3,3,3-tris(fluoranyl)propylcarbamoyl]phenyl]-1,3-thiazol-2-yl]ethanoate' ? 
'C17 H17 F3 N2 O3 S' 386.389 
GLN 'L-peptide linking' y GLUTAMINE                                                                                ? 
'C5 H10 N2 O3'       146.144 
GLU 'L-peptide linking' y 'GLUTAMIC ACID'                                                                          ? 'C5 H9 N O4' 
147.129 
GLY 'peptide linking'   y GLYCINE                                                                                  ? 'C2 H5 N O2' 
75.067  
HIS 'L-peptide linking' y HISTIDINE                                                                                ? 
'C6 H10 N3 O2 1'     156.162 
HOH non-polymer         . WATER                                                                                    ? 'H2 O' 18.015 
ILE 'L-peptide linking' y ISOLEUCINE                                                                               ? 'C6 H13 N O2' 
131.173 
LEU 'L-peptide linking' y LEUCINE                                                                                  ? 'C6 H13 N O2' 
131.173 
LYS 'L-peptide linking' y LYSINE                                                                                   ? 
'C6 H15 N2 O2 1'     147.195 
MET 'L-peptide linking' y METHIONINE                                                                               ? 
'C5 H11 N O2 S'      149.211 
PHE 'L-peptide linking' y PHENYLALANINE                                                                            ? 'C9 H11 N O2' 
165.189 
PRO 'L-peptide linking' y PROLINE                                                                                  ? 'C5 H9 N O2' 
115.130 
SER 'L-peptide linking' y SERINE                                                                                   ? 'C3 H7 N O3' 
105.093 
THR 'L-peptide linking' y THREONINE                                                                                ? 'C4 H9 N O3' 
119.119 
TRP 'L-peptide linking' y TRYPTOPHAN                                                                               ? 
'C11 H12 N2 O2'      204.225 
TYR 'L-peptide linking' y TYROSINE                                                                                 ? 'C9 H11 N O3' 
181.189 
VAL 'L-peptide linking' y VALINE                                                                                   ? 'C5 H11 N O2' 
117.146 
# 
loop_
_pdbx_poly_seq_scheme.asym_id 
_pdbx_poly_seq_scheme.entity_id 
_pdbx_poly_seq_scheme.seq_id 
_pdbx_poly_seq_scheme.mon_id 
_pdbx_poly_seq_scheme.ndb_seq_num 
_pdbx_poly_seq_scheme.pdb_seq_num 
_pdbx_poly_seq_scheme.auth_seq_num 
_pdbx_poly_seq_scheme.pdb_mon_id 
_pdbx_poly_seq_scheme.auth_mon_id 
_pdbx_poly_seq_scheme.pdb_strand_id 
_pdbx_poly_seq_scheme.pdb_ins_code 
_pdbx_poly_seq_scheme.hetero 
A 1 1   MET 1   -11 ?   ?   ?   A . n 
A 1 2   THR 2   -10 ?   ?   ?   A . n 
A 1 3   THR 3   -9  ?   ?   ?   A . n 
A 1 4   SER 4   -8  ?   ?   ?   A . n 
A 1 5   ALA 5   -7  ?   ?   ?   A . n 
A 1 6   ALA 6   -6  ?   ?   ?   A . n 
A 1 7   SER 7   -5  ?   ?   ?   A . n 
A 1 8   GLN 8   -4  ?   ?   ?   A . n 
A 1 9   ALA 9   -3  ?   ?   ?   A . n 
A 1 10  SER 10  -2  ?   ?   ?   A . n 
A 1 11  LEU 11  -1  ?   ?   ?   A . n 
A 1 12  PRO 12  0   ?   ?   ?   A . n 
A 1 13  MET 13  1   ?   ?   ?   A . n 
A 1 14  THR 14  2   ?   ?   ?   A . n 
A 1 15  THR 15  3   ?   ?   ?   A . n 
A 1 16  SER 16  4   ?   ?   ?   A . n 
A 1 17  ALA 17  5   ?   ?   ?   A . n 
A 1 18  ALA 18  6   ?   ?   ?   A . n 
A 1 19  SER 19  7   ?   ?   ?   A . n 
A 1 20  GLN 20  8   ?   ?   ?   A . n 
A 1 21  ALA 21  9   ?   ?   ?   A . n 
A 1 22  SER 22  10  ?   ?   ?   A . n 
A 1 23  LEU 23  11  ?   ?   ?   A . n 
A 1 24  PRO 24  12  ?   ?   ?   A . n 
A 1 25  ARG 25  13  ?   ?   ?   A . n 
A 1 26  GLY 26  14  ?   ?   ?   A . n 
A 1 27  ARG 27  15  ?   ?   ?   A . n 
A 1 28  ARG 28  16  ?   ?   ?   A . n 
A 1 29  THR 29  17  ?   ?   ?   A . n 
A 1 30  ALA 30  18  ?   ?   ?   A . n 
A 1 31  ARG 31  19  ?   ?   ?   A . n 
A 1 32  PRO 32  20  ?   ?   ?   A . n 
A 1 33  SER 33  21  ?   ?   ?   A . n 
A 1 34  GLY 34  22  ?   ?   ?   A . n 
A 1 35  ASP 35  23  ?   ?   ?   A . n 
A 1 36  ASP 36  24  24  ASP ASP A . n 
A 1 37  ARG 37  25  25  ARG ARG A . n 
A 1 38  GLU 38  26  26  GLU GLU A . n 
A 1 39  LEU 39  27  27  LEU LEU A . n 
A 1 40  ALA 40  28  28  ALA ALA A . n 
A 1 41  ILE 41  29  29  ILE ILE A . n 
A 1 42  LEU 42  30  30  LEU LEU A . n 
A 1 43  ALA 43  31  31  ALA ALA A . n 
A 1 44  THR 44  32  32  THR THR A . n 
A 1 45  ALA 45  33  33  ALA ALA A . n 
A 1 46  GLU 46  34  34  GLU GLU A . n 
A 1 47  ASN 47  35  35  ASN ASN A . n 
A 1 48  LEU 48  36  36  LEU LEU A . n 
A 1 49  LEU 49  37  37  LEU LEU A . n 
A 1 50  GLU 50  38  38  GLU GLU A . n 
A 1 51  ASP 51  39  39  ASP ASP A . n 
A 1 52  ARG 52  40  40  ARG ARG A . n 
A 1 53  PRO 53  41  41  PRO PRO A . n 
A 1 54  LEU 54  42  42  LEU LEU A . n 
A 1 55  ALA 55  43  43  ALA ALA A . n 
A 1 56  ASP 56  44  44  ASP ASP A . n 
A 1 57  ILE 57  45  45  ILE ILE A . n 
A 1 58  SER 58  46  46  SER SER A . n 
A 1 59  VAL 59  47  47  VAL VAL A . n 
A 1 60  ASP 60  48  48  ASP ASP A . n 
A 1 61  ASP 61  49  49  ASP ASP A . n 
A 1 62  LEU 62  50  50  LEU LEU A . n 
A 1 63  ALA 63  51  51  ALA ALA A . n 
A 1 64  LYS 64  52  52  LYS LYS A . n 
A 1 65  GLY 65  53  53  GLY GLY A . n 
A 1 66  ALA 66  54  54  ALA ALA A . n 
A 1 67  GLY 67  55  55  GLY GLY A . n 
A 1 68  ILE 68  56  56  ILE ILE A . n 
A 1 69  SER 69  57  57  SER SER A . n 
A 1 70  ARG 70  58  58  ARG ARG A . n 
A 1 71  PRO 71  59  59  PRO PRO A . n 
A 1 72  THR 72  60  60  THR THR A . n 
A 1 73  PHE 73  61  61  PHE PHE A . n 
A 1 74  TYR 74  62  62  TYR TYR A . n 
A 1 75  PHE 75  63  63  PHE PHE A . n 
A 1 76  TYR 76  64  64  TYR TYR A . n 
A 1 77  PHE 77  65  65  PHE PHE A . n 
A 1 78  PRO 78  66  66  PRO PRO A . n 
A 1 79  SER 79  67  67  SER SER A . n 
A 1 80  LYS 80  68  68  LYS LYS A . n 
A 1 81  GLU 81  69  69  GLU GLU A . n 
A 1 82  ALA 82  70  70  ALA ALA A . n 
A 1 83  VAL 83  71  71  VAL VAL A . n 
A 1 84  LEU 84  72  72  LEU LEU A . n 
A 1 85  LEU 85  73  73  LEU LEU A . n 
A 1 86  THR 86  74  74  THR THR A . n 
A 1 87  LEU 87  75  75  LEU LEU A . n 
A 1 88  LEU 88  76  76  LEU LEU A . n 
A 1 89  ASP 89  77  77  ASP ASP A . n 
A 1 90  ARG 90  78  78  ARG ARG A . n 
A 1 91  VAL 91  79  79  VAL VAL A . n 
A 1 92  VAL 92  80  80  VAL VAL A . n 
A 1 93  ASN 93  81  81  ASN ASN A . n 
A 1 94  GLN 94  82  82  GLN GLN A . n 
A 1 95  ALA 95  83  83  ALA ALA A . n 
A 1 96  ASP 96  84  84  ASP ASP A . n 
A 1 97  MET 97  85  85  MET MET A . n 
A 1 98  ALA 98  86  86  ALA ALA A . n 
A 1 99  LEU 99  87  87  LEU LEU A . n 
A 1 100 GLN 100 88  88  GLN GLN A . n 
A 1 101 THR 101 89  89  THR THR A . n 
A 1 102 LEU 102 90  90  LEU LEU A . n 
A 1 103 ALA 103 91  91  ALA ALA A . n 
A 1 104 GLU 104 92  92  GLU GLU A . n 
A 1 105 ASN 105 93  93  ASN ASN A . n 
A 1 106 PRO 106 94  ?   ?   ?   A . n 
A 1 107 ALA 107 95  ?   ?   ?   A . n 
A 1 108 ASP 108 96  ?   ?   ?   A . n 
A 1 109 THR 109 97  ?   ?   ?   A . n 
A 1 110 ASP 110 98  98  ASP ASP A . n 
A 1 111 ARG 111 99  99  ARG ARG A . n 
A 1 112 GLU 112 100 100 GLU GLU A . n 
A 1 113 ASN 113 101 101 ASN ASN A . n 
A 1 114 MET 114 102 102 MET MET A . n 
A 1 115 TRP 115 103 103 TRP TRP A . n 
A 1 116 ARG 116 104 104 ARG ARG A . n 
A 1 117 THR 117 105 105 THR THR A . n 
A 1 118 GLY 118 106 106 GLY GLY A . n 
A 1 119 ILE 119 107 107 ILE ILE A . n 
A 1 120 ASN 120 108 108 ASN ASN A . n 
A 1 121 VAL 121 109 109 VAL VAL A . n 
A 1 122 PHE 122 110 110 PHE PHE A . n 
A 1 123 PHE 123 111 111 PHE PHE A . n 
A 1 124 GLU 124 112 112 GLU GLU A . n 
A 1 125 THR 125 113 113 THR THR A . n 
A 1 126 PHE 126 114 114 PHE PHE A . n 
A 1 127 GLY 127 115 115 GLY GLY A . n 
A 1 128 SER 128 116 116 SER SER A . n 
A 1 129 HIS 129 117 117 HIS HIS A . n 
A 1 130 LYS 130 118 118 LYS LYS A . n 
A 1 131 ALA 131 119 119 ALA ALA A . n 
A 1 132 VAL 132 120 120 VAL VAL A . n 
A 1 133 THR 133 121 121 THR THR A . n 
A 1 134 ARG 134 122 122 ARG ARG A . n 
A 1 135 ALA 135 123 123 ALA ALA A . n 
A 1 136 GLY 136 124 124 GLY GLY A . n 
A 1 137 GLN 137 125 125 GLN GLN A . n 
A 1 138 ALA 138 126 126 ALA ALA A . n 
A 1 139 ALA 139 127 127 ALA ALA A . n 
A 1 140 ARG 140 128 128 ARG ARG A . n 
A 1 141 ALA 141 129 129 ALA ALA A . n 
A 1 142 THR 142 130 130 THR THR A . n 
A 1 143 SER 143 131 131 SER SER A . n 
A 1 144 VAL 144 132 132 VAL VAL A . n 
A 1 145 GLU 145 133 133 GLU GLU A . n 
A 1 146 VAL 146 134 134 VAL VAL A . n 
A 1 147 ALA 147 135 135 ALA ALA A . n 
A 1 148 GLU 148 136 136 GLU GLU A . n 
A 1 149 LEU 149 137 137 LEU LEU A . n 
A 1 150 TRP 150 138 138 TRP TRP A . n 
A 1 151 SER 151 139 139 SER SER A . n 
A 1 152 THR 152 140 140 THR THR A . n 
A 1 153 PHE 153 141 141 PHE PHE A . n 
A 1 154 MET 154 142 142 MET MET A . n 
A 1 155 GLN 155 143 143 GLN GLN A . n 
A 1 156 LYS 156 144 144 LYS LYS A . n 
A 1 157 TRP 157 145 145 TRP TRP A . n 
A 1 158 ILE 158 146 146 ILE ILE A . n 
A 1 159 ALA 159 147 147 ALA ALA A . n 
A 1 160 TYR 160 148 148 TYR TYR A . n 
A 1 161 THR 161 149 149 THR THR A . n 
A 1 162 ALA 162 150 150 ALA ALA A . n 
A 1 163 ALA 163 151 151 ALA ALA A . n 
A 1 164 VAL 164 152 152 VAL VAL A . n 
A 1 165 ILE 165 153 153 ILE ILE A . n 
A 1 166 ASP 166 154 154 ASP ASP A . n 
A 1 167 ALA 167 155 155 ALA ALA A . n 
A 1 168 GLU 168 156 156 GLU GLU A . n 
A 1 169 ARG 169 157 157 ARG ARG A . n 
A 1 170 ASP 170 158 158 ASP ASP A . n 
A 1 171 ARG 171 159 159 ARG ARG A . n 
A 1 172 GLY 172 160 160 GLY GLY A . n 
A 1 173 ALA 173 161 161 ALA ALA A . n 
A 1 174 ALA 174 162 162 ALA ALA A . n 
A 1 175 PRO 175 163 163 PRO PRO A . n 
A 1 176 ARG 176 164 164 ARG ARG A . n 
A 1 177 THR 177 165 165 THR THR A . n 
A 1 178 LEU 178 166 166 LEU LEU A . n 
A 1 179 PRO 179 167 167 PRO PRO A . n 
A 1 180 ALA 180 168 168 ALA ALA A . n 
A 1 181 HIS 181 169 169 HIS HIS A . n 
A 1 182 GLU 182 170 170 GLU GLU A . n 
A 1 183 LEU 183 171 171 LEU LEU A . n 
A 1 184 ALA 184 172 172 ALA ALA A . n 
A 1 185 THR 185 173 173 THR THR A . n 
A 1 186 ALA 186 174 174 ALA ALA A . n 
A 1 187 LEU 187 175 175 LEU LEU A . n 
A 1 188 ASN 188 176 176 ASN ASN A . n 
A 1 189 LEU 189 177 177 LEU LEU A . n 
A 1 190 MET 190 178 178 MET MET A . n 
A 1 191 ASN 191 179 179 ASN ASN A . n 
A 1 192 GLU 192 180 180 GLU GLU A . n 
A 1 193 ARG 193 181 181 ARG ARG A . n 
A 1 194 THR 194 182 182 THR THR A . n 
A 1 195 LEU 195 183 183 LEU LEU A . n 
A 1 196 PHE 196 184 184 PHE PHE A . n 
A 1 197 ALA 197 185 185 ALA ALA A . n 
A 1 198 SER 198 186 186 SER SER A . n 
A 1 199 PHE 199 187 187 PHE PHE A . n 
A 1 200 ALA 200 188 188 ALA ALA A . n 
A 1 201 GLY 201 189 189 GLY GLY A . n 
A 1 202 GLU 202 190 190 GLU GLU A . n 
A 1 203 GLN 203 191 191 GLN GLN A . n 
A 1 204 PRO 204 192 192 PRO PRO A . n 
A 1 205 SER 205 193 193 SER SER A . n 
A 1 206 VAL 206 194 194 VAL VAL A . n 
A 1 207 PRO 207 195 195 PRO PRO A . n 
A 1 208 GLU 208 196 196 GLU GLU A . n 
A 1 209 ALA 209 197 197 ALA ALA A . n 
A 1 210 ARG 210 198 198 ARG ARG A . n 
A 1 211 VAL 211 199 199 VAL VAL A . n 
A 1 212 LEU 212 200 200 LEU LEU A . n 
A 1 213 ASP 213 201 201 ASP ASP A . n 
A 1 214 THR 214 202 202 THR THR A . n 
A 1 215 LEU 215 203 203 LEU LEU A . n 
A 1 216 VAL 216 204 204 VAL VAL A . n 
A 1 217 HIS 217 205 205 HIS HIS A . n 
A 1 218 ILE 218 206 206 ILE ILE A . n 
A 1 219 TRP 219 207 207 TRP TRP A . n 
A 1 220 VAL 220 208 208 VAL VAL A . n 
A 1 221 THR 221 209 209 THR THR A . n 
A 1 222 SER 222 210 210 SER SER A . n 
A 1 223 ILE 223 211 211 ILE ILE A . n 
A 1 224 TYR 224 212 212 TYR TYR A . n 
A 1 225 GLY 225 213 213 GLY GLY A . n 
A 1 226 GLU 226 214 214 GLU GLU A . n 
A 1 227 ASN 227 215 ?   ?   ?   A . n 
A 1 228 ARG 228 216 ?   ?   ?   A . n 
# 
loop_
_pdbx_nonpoly_scheme.asym_id 
_pdbx_nonpoly_scheme.entity_id 
_pdbx_nonpoly_scheme.mon_id 
_pdbx_nonpoly_scheme.ndb_seq_num 
_pdbx_nonpoly_scheme.pdb_seq_num 
_pdbx_nonpoly_scheme.auth_seq_num 
_pdbx_nonpoly_scheme.pdb_mon_id 
_pdbx_nonpoly_scheme.auth_mon_id 
_pdbx_nonpoly_scheme.pdb_strand_id 
_pdbx_nonpoly_scheme.pdb_ins_code 
B 2 GH2 1  301 1  GH2 DRG A . 
C 3 HOH 1  401 18 HOH HOH A . 
C 3 HOH 2  402 36 HOH HOH A . 
C 3 HOH 3  403 6  HOH HOH A . 
C 3 HOH 4  404 35 HOH HOH A . 
C 3 HOH 5  405 8  HOH HOH A . 
C 3 HOH 6  406 15 HOH HOH A . 
C 3 HOH 7  407 32 HOH HOH A . 
C 3 HOH 8  408 33 HOH HOH A . 
C 3 HOH 9  409 2  HOH HOH A . 
C 3 HOH 10 410 5  HOH HOH A . 
C 3 HOH 11 411 7  HOH HOH A . 
C 3 HOH 12 412 3  HOH HOH A . 
C 3 HOH 13 413 29 HOH HOH A . 
C 3 HOH 14 414 16 HOH HOH A . 
C 3 HOH 15 415 21 HOH HOH A . 
C 3 HOH 16 416 30 HOH HOH A . 
C 3 HOH 17 417 27 HOH HOH A . 
C 3 HOH 18 418 11 HOH HOH A . 
C 3 HOH 19 419 1  HOH HOH A . 
C 3 HOH 20 420 26 HOH HOH A . 
C 3 HOH 21 421 19 HOH HOH A . 
C 3 HOH 22 422 23 HOH HOH A . 
C 3 HOH 23 423 20 HOH HOH A . 
C 3 HOH 24 424 22 HOH HOH A . 
C 3 HOH 25 425 9  HOH HOH A . 
C 3 HOH 26 426 13 HOH HOH A . 
C 3 HOH 27 427 4  HOH HOH A . 
C 3 HOH 28 428 10 HOH HOH A . 
C 3 HOH 29 429 14 HOH HOH A . 
C 3 HOH 30 430 17 HOH HOH A . 
C 3 HOH 31 431 24 HOH HOH A . 
C 3 HOH 32 432 25 HOH HOH A . 
C 3 HOH 33 433 34 HOH HOH A . 
C 3 HOH 34 434 12 HOH HOH A . 
C 3 HOH 35 435 31 HOH HOH A . 
C 3 HOH 36 436 28 HOH HOH A . 
# 
loop_
_software.citation_id 
_software.classification 
_software.compiler_name 
_software.compiler_version 
_software.contact_author 
_software.contact_author_email 
_software.date 
_software.description 
_software.dependencies 
_software.hardware 
_software.language 
_software.location 
_software.mods 
_software.name 
_software.os 
_software.os_version 
_software.type 
_software.version 
_software.pdbx_ordinal 
? refinement       ? ? ? ? ? ? ? ? ? ? ? REFMAC  ? ? ? 5.8.0232 1 
? 'data reduction' ? ? ? ? ? ? ? ? ? ? ? iMOSFLM ? ? ? .        2 
? phasing          ? ? ? ? ? ? ? ? ? ? ? MOLREP  ? ? ? .        3 
# 
_cell.angle_alpha                  90.00 
_cell.angle_alpha_esd              ? 
_cell.angle_beta                   90.00 
_cell.angle_beta_esd               ? 
_cell.angle_gamma                  90.00 
_cell.angle_gamma_esd              ? 
_cell.entry_id                     6HOE 
_cell.details                      ? 
_cell.formula_units_Z              ? 
_cell.length_a                     121.759 
_cell.length_a_esd                 ? 
_cell.length_b                     121.759 
_cell.length_b_esd                 ? 
_cell.length_c                     33.705 
_cell.length_c_esd                 ? 
_cell.volume                       ? 
_cell.volume_esd                   ? 
_cell.Z_PDB                        8 
_cell.reciprocal_angle_alpha       ? 
_cell.reciprocal_angle_beta        ? 
_cell.reciprocal_angle_gamma       ? 
_cell.reciprocal_angle_alpha_esd   ? 
_cell.reciprocal_angle_beta_esd    ? 
_cell.reciprocal_angle_gamma_esd   ? 
_cell.reciprocal_length_a          ? 
_cell.reciprocal_length_b          ? 
_cell.reciprocal_length_c          ? 
_cell.reciprocal_length_a_esd      ? 
_cell.reciprocal_length_b_esd      ? 
_cell.reciprocal_length_c_esd      ? 
_cell.pdbx_unique_axis             ? 
# 
_symmetry.entry_id                         6HOE 
_symmetry.cell_setting                     ? 
_symmetry.Int_Tables_number                92 
_symmetry.space_group_name_Hall            ? 
_symmetry.space_group_name_H-M             'P 41 21 2' 
_symmetry.pdbx_full_space_group_name_H-M   ? 
# 
_exptl.absorpt_coefficient_mu     ? 
_exptl.absorpt_correction_T_max   ? 
_exptl.absorpt_correction_T_min   ? 
_exptl.absorpt_correction_type    ? 
_exptl.absorpt_process_details    ? 
_exptl.entry_id                   6HOE 
_exptl.crystals_number            1 
_exptl.details                    ? 
_exptl.method                     'X-RAY DIFFRACTION' 
_exptl.method_details             ? 
# 
_exptl_crystal.colour                      ? 
_exptl_crystal.density_diffrn              ? 
_exptl_crystal.density_Matthews            2.41 
_exptl_crystal.density_method              ? 
_exptl_crystal.density_percent_sol         48.99 
_exptl_crystal.description                 ? 
_exptl_crystal.F_000                       ? 
_exptl_crystal.id                          1 
_exptl_crystal.preparation                 ? 
_exptl_crystal.size_max                    ? 
_exptl_crystal.size_mid                    ? 
_exptl_crystal.size_min                    ? 
_exptl_crystal.size_rad                    ? 
_exptl_crystal.colour_lustre               ? 
_exptl_crystal.colour_modifier             ? 
_exptl_crystal.colour_primary              ? 
_exptl_crystal.density_meas                ? 
_exptl_crystal.density_meas_esd            ? 
_exptl_crystal.density_meas_gt             ? 
_exptl_crystal.density_meas_lt             ? 
_exptl_crystal.density_meas_temp           ? 
_exptl_crystal.density_meas_temp_esd       ? 
_exptl_crystal.density_meas_temp_gt        ? 
_exptl_crystal.density_meas_temp_lt        ? 
_exptl_crystal.pdbx_crystal_image_url      ? 
_exptl_crystal.pdbx_crystal_image_format   ? 
_exptl_crystal.pdbx_mosaicity              ? 
_exptl_crystal.pdbx_mosaicity_esd          ? 
# 
_exptl_crystal_grow.apparatus       ? 
_exptl_crystal_grow.atmosphere      ? 
_exptl_crystal_grow.crystal_id      1 
_exptl_crystal_grow.details         ? 
_exptl_crystal_grow.method          'VAPOR DIFFUSION' 
_exptl_crystal_grow.method_ref      ? 
_exptl_crystal_grow.pH              6.7 
_exptl_crystal_grow.pressure        ? 
_exptl_crystal_grow.pressure_esd    ? 
_exptl_crystal_grow.seeding         ? 
_exptl_crystal_grow.seeding_ref     ? 
_exptl_crystal_grow.temp            293 
_exptl_crystal_grow.temp_details    ? 
_exptl_crystal_grow.temp_esd        ? 
_exptl_crystal_grow.time            ? 
_exptl_crystal_grow.pdbx_details    '1.4-1.6 ammonium sulfate, 15% glycerol, 100 mM MES' 
_exptl_crystal_grow.pdbx_pH_range   ? 
# 
_diffrn.ambient_environment              ? 
_diffrn.ambient_temp                     100 
_diffrn.ambient_temp_details             ? 
_diffrn.ambient_temp_esd                 ? 
_diffrn.crystal_id                       1 
_diffrn.crystal_support                  ? 
_diffrn.crystal_treatment                ? 
_diffrn.details                          ? 
_diffrn.id                               1 
_diffrn.ambient_pressure                 ? 
_diffrn.ambient_pressure_esd             ? 
_diffrn.ambient_pressure_gt              ? 
_diffrn.ambient_pressure_lt              ? 
_diffrn.ambient_temp_gt                  ? 
_diffrn.ambient_temp_lt                  ? 
_diffrn.pdbx_serial_crystal_experiment   ? 
# 
_diffrn_detector.details                      ? 
_diffrn_detector.detector                     PIXEL 
_diffrn_detector.diffrn_id                    1 
_diffrn_detector.type                         'DECTRIS PILATUS 6M' 
_diffrn_detector.area_resol_mean              ? 
_diffrn_detector.dtime                        ? 
_diffrn_detector.pdbx_frames_total            ? 
_diffrn_detector.pdbx_collection_time_total   ? 
_diffrn_detector.pdbx_collection_date         2010-12-06 
_diffrn_detector.pdbx_frequency               ? 
# 
_diffrn_radiation.collimation                      ? 
_diffrn_radiation.diffrn_id                        1 
_diffrn_radiation.filter_edge                      ? 
_diffrn_radiation.inhomogeneity                    ? 
_diffrn_radiation.monochromator                    ? 
_diffrn_radiation.polarisn_norm                    ? 
_diffrn_radiation.polarisn_ratio                   ? 
_diffrn_radiation.probe                            ? 
_diffrn_radiation.type                             ? 
_diffrn_radiation.xray_symbol                      ? 
_diffrn_radiation.wavelength_id                    1 
_diffrn_radiation.pdbx_monochromatic_or_laue_m_l   M 
_diffrn_radiation.pdbx_wavelength_list             ? 
_diffrn_radiation.pdbx_wavelength                  ? 
_diffrn_radiation.pdbx_diffrn_protocol             'SINGLE WAVELENGTH' 
_diffrn_radiation.pdbx_analyzer                    ? 
_diffrn_radiation.pdbx_scattering_type             x-ray 
# 
_diffrn_radiation_wavelength.id           1 
_diffrn_radiation_wavelength.wavelength   1.00 
_diffrn_radiation_wavelength.wt           1.0 
# 
_diffrn_source.current                     ? 
_diffrn_source.details                     ? 
_diffrn_source.diffrn_id                   1 
_diffrn_source.power                       ? 
_diffrn_source.size                        ? 
_diffrn_source.source                      SYNCHROTRON 
_diffrn_source.target                      ? 
_diffrn_source.type                        'SLS BEAMLINE X06SA' 
_diffrn_source.voltage                     ? 
_diffrn_source.take-off_angle              ? 
_diffrn_source.pdbx_wavelength_list        1.00 
_diffrn_source.pdbx_wavelength             ? 
_diffrn_source.pdbx_synchrotron_beamline   X06SA 
_diffrn_source.pdbx_synchrotron_site       SLS 
# 
_reflns.B_iso_Wilson_estimate            ? 
_reflns.entry_id                         6HOE 
_reflns.data_reduction_details           ? 
_reflns.data_reduction_method            ? 
_reflns.d_resolution_high                1.90 
_reflns.d_resolution_low                 86.10 
_reflns.details                          ? 
_reflns.limit_h_max                      ? 
_reflns.limit_h_min                      ? 
_reflns.limit_k_max                      ? 
_reflns.limit_k_min                      ? 
_reflns.limit_l_max                      ? 
_reflns.limit_l_min                      ? 
_reflns.number_all                       ? 
_reflns.number_obs                       20663 
_reflns.observed_criterion               ? 
_reflns.observed_criterion_F_max         ? 
_reflns.observed_criterion_F_min         ? 
_reflns.observed_criterion_I_max         ? 
_reflns.observed_criterion_I_min         ? 
_reflns.observed_criterion_sigma_F       ? 
_reflns.observed_criterion_sigma_I       ? 
_reflns.percent_possible_obs             99.9 
_reflns.R_free_details                   ? 
_reflns.Rmerge_F_all                     ? 
_reflns.Rmerge_F_obs                     ? 
_reflns.Friedel_coverage                 ? 
_reflns.number_gt                        ? 
_reflns.threshold_expression             ? 
_reflns.pdbx_redundancy                  12.7 
_reflns.pdbx_Rmerge_I_obs                0.151 
_reflns.pdbx_Rmerge_I_all                ? 
_reflns.pdbx_Rsym_value                  ? 
_reflns.pdbx_netI_over_av_sigmaI         ? 
_reflns.pdbx_netI_over_sigmaI            14 
_reflns.pdbx_res_netI_over_av_sigmaI_2   ? 
_reflns.pdbx_res_netI_over_sigmaI_2      ? 
_reflns.pdbx_chi_squared                 ? 
_reflns.pdbx_scaling_rejects             ? 
_reflns.pdbx_d_res_high_opt              ? 
_reflns.pdbx_d_res_low_opt               ? 
_reflns.pdbx_d_res_opt_method            ? 
_reflns.phase_calculation_details        ? 
_reflns.pdbx_Rrim_I_all                  ? 
_reflns.pdbx_Rpim_I_all                  ? 
_reflns.pdbx_d_opt                       ? 
_reflns.pdbx_number_measured_all         ? 
_reflns.pdbx_diffrn_id                   1 
_reflns.pdbx_ordinal                     1 
_reflns.pdbx_CC_half                     ? 
_reflns.pdbx_R_split                     ? 
# 
_reflns_shell.d_res_high                  1.90 
_reflns_shell.d_res_low                   2.00 
_reflns_shell.meanI_over_sigI_all         ? 
_reflns_shell.meanI_over_sigI_obs         1.4 
_reflns_shell.number_measured_all         ? 
_reflns_shell.number_measured_obs         ? 
_reflns_shell.number_possible             ? 
_reflns_shell.number_unique_all           ? 
_reflns_shell.number_unique_obs           2942 
_reflns_shell.percent_possible_all        99 
_reflns_shell.percent_possible_obs        ? 
_reflns_shell.Rmerge_F_all                ? 
_reflns_shell.Rmerge_F_obs                ? 
_reflns_shell.Rmerge_I_all                ? 
_reflns_shell.Rmerge_I_obs                1.770 
_reflns_shell.meanI_over_sigI_gt          ? 
_reflns_shell.meanI_over_uI_all           ? 
_reflns_shell.meanI_over_uI_gt            ? 
_reflns_shell.number_measured_gt          ? 
_reflns_shell.number_unique_gt            ? 
_reflns_shell.percent_possible_gt         ? 
_reflns_shell.Rmerge_F_gt                 ? 
_reflns_shell.Rmerge_I_gt                 ? 
_reflns_shell.pdbx_redundancy             11.4 
_reflns_shell.pdbx_Rsym_value             ? 
_reflns_shell.pdbx_chi_squared            ? 
_reflns_shell.pdbx_netI_over_sigmaI_all   ? 
_reflns_shell.pdbx_netI_over_sigmaI_obs   ? 
_reflns_shell.pdbx_Rrim_I_all             ? 
_reflns_shell.pdbx_Rpim_I_all             ? 
_reflns_shell.pdbx_rejects                ? 
_reflns_shell.pdbx_ordinal                1 
_reflns_shell.pdbx_diffrn_id              1 
_reflns_shell.pdbx_CC_half                ? 
_reflns_shell.pdbx_R_split                ? 
# 
_refine.aniso_B[1][1]                            0.00 
_refine.aniso_B[1][2]                            -0.00 
_refine.aniso_B[1][3]                            -0.00 
_refine.aniso_B[2][2]                            0.00 
_refine.aniso_B[2][3]                            -0.00 
_refine.aniso_B[3][3]                            -0.01 
_refine.B_iso_max                                ? 
_refine.B_iso_mean                               29.708 
_refine.B_iso_min                                ? 
_refine.correlation_coeff_Fo_to_Fc               0.956 
_refine.correlation_coeff_Fo_to_Fc_free          0.936 
_refine.details                                  'HYDROGENS HAVE BEEN ADDED IN THE RIDING POSITIONS' 
_refine.diff_density_max                         ? 
_refine.diff_density_max_esd                     ? 
_refine.diff_density_min                         ? 
_refine.diff_density_min_esd                     ? 
_refine.diff_density_rms                         ? 
_refine.diff_density_rms_esd                     ? 
_refine.entry_id                                 6HOE 
_refine.pdbx_refine_id                           'X-RAY DIFFRACTION' 
_refine.ls_abs_structure_details                 ? 
_refine.ls_abs_structure_Flack                   ? 
_refine.ls_abs_structure_Flack_esd               ? 
_refine.ls_abs_structure_Rogers                  ? 
_refine.ls_abs_structure_Rogers_esd              ? 
_refine.ls_d_res_high                            1.90 
_refine.ls_d_res_low                             86.10 
_refine.ls_extinction_coef                       ? 
_refine.ls_extinction_coef_esd                   ? 
_refine.ls_extinction_expression                 ? 
_refine.ls_extinction_method                     ? 
_refine.ls_goodness_of_fit_all                   ? 
_refine.ls_goodness_of_fit_all_esd               ? 
_refine.ls_goodness_of_fit_obs                   ? 
_refine.ls_goodness_of_fit_obs_esd               ? 
_refine.ls_hydrogen_treatment                    ? 
_refine.ls_matrix_type                           ? 
_refine.ls_number_constraints                    ? 
_refine.ls_number_parameters                     ? 
_refine.ls_number_reflns_all                     ? 
_refine.ls_number_reflns_obs                     19588 
_refine.ls_number_reflns_R_free                  1033 
_refine.ls_number_reflns_R_work                  ? 
_refine.ls_number_restraints                     ? 
_refine.ls_percent_reflns_obs                    99.85 
_refine.ls_percent_reflns_R_free                 5.0 
_refine.ls_R_factor_all                          ? 
_refine.ls_R_factor_obs                          0.19711 
_refine.ls_R_factor_R_free                       0.23089 
_refine.ls_R_factor_R_free_error                 ? 
_refine.ls_R_factor_R_free_error_details         ? 
_refine.ls_R_factor_R_work                       0.19528 
_refine.ls_R_Fsqd_factor_obs                     ? 
_refine.ls_R_I_factor_obs                        ? 
_refine.ls_redundancy_reflns_all                 ? 
_refine.ls_redundancy_reflns_obs                 ? 
_refine.ls_restrained_S_all                      ? 
_refine.ls_restrained_S_obs                      ? 
_refine.ls_shift_over_esd_max                    ? 
_refine.ls_shift_over_esd_mean                   ? 
_refine.ls_structure_factor_coef                 ? 
_refine.ls_weighting_details                     ? 
_refine.ls_weighting_scheme                      ? 
_refine.ls_wR_factor_all                         ? 
_refine.ls_wR_factor_obs                         ? 
_refine.ls_wR_factor_R_free                      ? 
_refine.ls_wR_factor_R_work                      ? 
_refine.occupancy_max                            ? 
_refine.occupancy_min                            ? 
_refine.solvent_model_details                    ? 
_refine.solvent_model_param_bsol                 ? 
_refine.solvent_model_param_ksol                 ? 
_refine.ls_R_factor_gt                           ? 
_refine.ls_goodness_of_fit_gt                    ? 
_refine.ls_goodness_of_fit_ref                   ? 
_refine.ls_shift_over_su_max                     ? 
_refine.ls_shift_over_su_max_lt                  ? 
_refine.ls_shift_over_su_mean                    ? 
_refine.ls_shift_over_su_mean_lt                 ? 
_refine.pdbx_ls_sigma_I                          ? 
_refine.pdbx_ls_sigma_F                          ? 
_refine.pdbx_ls_sigma_Fsqd                       ? 
_refine.pdbx_data_cutoff_high_absF               ? 
_refine.pdbx_data_cutoff_high_rms_absF           ? 
_refine.pdbx_data_cutoff_low_absF                ? 
_refine.pdbx_isotropic_thermal_model             ? 
_refine.pdbx_ls_cross_valid_method               THROUGHOUT 
_refine.pdbx_method_to_determine_struct          'MOLECULAR REPLACEMENT' 
_refine.pdbx_starting_model                      1U9N 
_refine.pdbx_stereochemistry_target_values       ? 
_refine.pdbx_R_Free_selection_details            RANDOM 
_refine.pdbx_stereochem_target_val_spec_case     ? 
_refine.pdbx_overall_ESU_R                       0.127 
_refine.pdbx_overall_ESU_R_Free                  0.125 
_refine.pdbx_solvent_vdw_probe_radii             1.20 
_refine.pdbx_solvent_ion_probe_radii             0.80 
_refine.pdbx_solvent_shrinkage_radii             0.80 
_refine.pdbx_real_space_R                        ? 
_refine.pdbx_density_correlation                 ? 
_refine.pdbx_pd_number_of_powder_patterns        ? 
_refine.pdbx_pd_number_of_points                 ? 
_refine.pdbx_pd_meas_number_of_points            ? 
_refine.pdbx_pd_proc_ls_prof_R_factor            ? 
_refine.pdbx_pd_proc_ls_prof_wR_factor           ? 
_refine.pdbx_pd_Marquardt_correlation_coeff      ? 
_refine.pdbx_pd_Fsqrd_R_factor                   ? 
_refine.pdbx_pd_ls_matrix_band_width             ? 
_refine.pdbx_overall_phase_error                 ? 
_refine.pdbx_overall_SU_R_free_Cruickshank_DPI   ? 
_refine.pdbx_overall_SU_R_free_Blow_DPI          ? 
_refine.pdbx_overall_SU_R_Blow_DPI               ? 
_refine.pdbx_TLS_residual_ADP_flag               ? 
_refine.pdbx_diffrn_id                           1 
_refine.overall_SU_B                             3.472 
_refine.overall_SU_ML                            0.096 
_refine.overall_SU_R_Cruickshank_DPI             ? 
_refine.overall_SU_R_free                        ? 
_refine.overall_FOM_free_R_set                   ? 
_refine.overall_FOM_work_R_set                   ? 
_refine.pdbx_average_fsc_overall                 ? 
_refine.pdbx_average_fsc_work                    ? 
_refine.pdbx_average_fsc_free                    ? 
# 
_refine_hist.pdbx_refine_id                   'X-RAY DIFFRACTION' 
_refine_hist.cycle_id                         1 
_refine_hist.pdbx_number_atoms_protein        1463 
_refine_hist.pdbx_number_atoms_nucleic_acid   0 
_refine_hist.pdbx_number_atoms_ligand         26 
_refine_hist.number_atoms_solvent             36 
_refine_hist.number_atoms_total               1525 
_refine_hist.d_res_high                       1.90 
_refine_hist.d_res_low                        86.10 
# 
loop_
_refine_ls_restr.pdbx_refine_id 
_refine_ls_restr.criterion 
_refine_ls_restr.dev_ideal 
_refine_ls_restr.dev_ideal_target 
_refine_ls_restr.number 
_refine_ls_restr.rejects 
_refine_ls_restr.type 
_refine_ls_restr.weight 
_refine_ls_restr.pdbx_restraint_function 
'X-RAY DIFFRACTION' ? 0.010  0.013  1519 ? r_bond_refined_d             ? ? 
'X-RAY DIFFRACTION' ? 0.001  0.017  1405 ? r_bond_other_d               ? ? 
'X-RAY DIFFRACTION' ? 1.696  1.664  2068 ? r_angle_refined_deg          ? ? 
'X-RAY DIFFRACTION' ? 1.502  1.586  3230 ? r_angle_other_deg            ? ? 
'X-RAY DIFFRACTION' ? 5.377  5.000  185  ? r_dihedral_angle_1_deg       ? ? 
'X-RAY DIFFRACTION' ? 36.551 21.294 85   ? r_dihedral_angle_2_deg       ? ? 
'X-RAY DIFFRACTION' ? 13.257 15.000 238  ? r_dihedral_angle_3_deg       ? ? 
'X-RAY DIFFRACTION' ? 17.391 15.000 13   ? r_dihedral_angle_4_deg       ? ? 
'X-RAY DIFFRACTION' ? 0.083  0.200  202  ? r_chiral_restr               ? ? 
'X-RAY DIFFRACTION' ? 0.009  0.020  1715 ? r_gen_planes_refined         ? ? 
'X-RAY DIFFRACTION' ? 0.001  0.020  340  ? r_gen_planes_other           ? ? 
'X-RAY DIFFRACTION' ? ?      ?      ?    ? r_nbd_refined                ? ? 
'X-RAY DIFFRACTION' ? ?      ?      ?    ? r_nbd_other                  ? ? 
'X-RAY DIFFRACTION' ? ?      ?      ?    ? r_nbtor_refined              ? ? 
'X-RAY DIFFRACTION' ? ?      ?      ?    ? r_nbtor_other                ? ? 
'X-RAY DIFFRACTION' ? ?      ?      ?    ? r_xyhbond_nbd_refined        ? ? 
'X-RAY DIFFRACTION' ? ?      ?      ?    ? r_xyhbond_nbd_other          ? ? 
'X-RAY DIFFRACTION' ? ?      ?      ?    ? r_metal_ion_refined          ? ? 
'X-RAY DIFFRACTION' ? ?      ?      ?    ? r_metal_ion_other            ? ? 
'X-RAY DIFFRACTION' ? ?      ?      ?    ? r_symmetry_vdw_refined       ? ? 
'X-RAY DIFFRACTION' ? ?      ?      ?    ? r_symmetry_vdw_other         ? ? 
'X-RAY DIFFRACTION' ? ?      ?      ?    ? r_symmetry_hbond_refined     ? ? 
'X-RAY DIFFRACTION' ? ?      ?      ?    ? r_symmetry_hbond_other       ? ? 
'X-RAY DIFFRACTION' ? ?      ?      ?    ? r_symmetry_metal_ion_refined ? ? 
'X-RAY DIFFRACTION' ? ?      ?      ?    ? r_symmetry_metal_ion_other   ? ? 
'X-RAY DIFFRACTION' ? 2.487  2.948  746  ? r_mcbond_it                  ? ? 
'X-RAY DIFFRACTION' ? 2.453  2.946  745  ? r_mcbond_other               ? ? 
'X-RAY DIFFRACTION' ? 3.436  4.400  929  ? r_mcangle_it                 ? ? 
'X-RAY DIFFRACTION' ? 3.437  4.402  930  ? r_mcangle_other              ? ? 
'X-RAY DIFFRACTION' ? 3.721  3.356  773  ? r_scbond_it                  ? ? 
'X-RAY DIFFRACTION' ? 3.721  3.358  771  ? r_scbond_other               ? ? 
'X-RAY DIFFRACTION' ? ?      ?      ?    ? r_scangle_it                 ? ? 
'X-RAY DIFFRACTION' ? 5.608  4.856  1140 ? r_scangle_other              ? ? 
'X-RAY DIFFRACTION' ? 6.324  34.595 1727 ? r_long_range_B_refined       ? ? 
'X-RAY DIFFRACTION' ? 6.326  34.565 1723 ? r_long_range_B_other         ? ? 
'X-RAY DIFFRACTION' ? ?      ?      ?    ? r_rigid_bond_restr           ? ? 
'X-RAY DIFFRACTION' ? ?      ?      ?    ? r_sphericity_free            ? ? 
'X-RAY DIFFRACTION' ? ?      ?      ?    ? r_sphericity_bonded          ? ? 
# 
_refine_ls_shell.pdbx_refine_id                   'X-RAY DIFFRACTION' 
_refine_ls_shell.d_res_high                       1.900 
_refine_ls_shell.d_res_low                        1.949 
_refine_ls_shell.number_reflns_all                ? 
_refine_ls_shell.number_reflns_obs                ? 
_refine_ls_shell.number_reflns_R_free             74 
_refine_ls_shell.number_reflns_R_work             1395 
_refine_ls_shell.percent_reflns_obs               98.00 
_refine_ls_shell.percent_reflns_R_free            ? 
_refine_ls_shell.R_factor_all                     ? 
_refine_ls_shell.R_factor_obs                     ? 
_refine_ls_shell.R_factor_R_free                  0.367 
_refine_ls_shell.R_factor_R_free_error            ? 
_refine_ls_shell.R_factor_R_work                  0.364 
_refine_ls_shell.redundancy_reflns_all            ? 
_refine_ls_shell.redundancy_reflns_obs            ? 
_refine_ls_shell.wR_factor_all                    ? 
_refine_ls_shell.wR_factor_obs                    ? 
_refine_ls_shell.wR_factor_R_free                 ? 
_refine_ls_shell.wR_factor_R_work                 ? 
_refine_ls_shell.pdbx_total_number_of_bins_used   20 
_refine_ls_shell.pdbx_phase_error                 ? 
_refine_ls_shell.pdbx_fsc_work                    ? 
_refine_ls_shell.pdbx_fsc_free                    ? 
# 
_struct.entry_id                     6HOE 
_struct.title                        'TRANSCRIPTIONAL REPRESSOR ETHR FROM MYCOBACTERIUM TUBERCULOSIS IN COMPLEX WITH BDM44850' 
_struct.pdbx_model_details           ? 
_struct.pdbx_formula_weight          ? 
_struct.pdbx_formula_weight_method   ? 
_struct.pdbx_model_type_details      ? 
_struct.pdbx_CASP_flag               N 
# 
_struct_keywords.entry_id        6HOE 
_struct_keywords.text            
'HELIX-TURN-HELIX, DNA BINDING PROTEIN, TETR-FAMILY, COMPLEX, INHIBITOR, DRUG DESIGN, TUBERCULOSIS, ETHIONAMIDE' 
_struct_keywords.pdbx_keywords   'DNA BINDING PROTEIN' 
# 
loop_
_struct_asym.id 
_struct_asym.pdbx_blank_PDB_chainid_flag 
_struct_asym.pdbx_modified 
_struct_asym.entity_id 
_struct_asym.details 
A N N 1 ? 
B N N 2 ? 
C N N 3 ? 
# 
_struct_ref.id                         1 
_struct_ref.db_name                    UNP 
_struct_ref.db_code                    ETHR_MYCTO 
_struct_ref.pdbx_db_accession          P9WMC0 
_struct_ref.pdbx_db_isoform            ? 
_struct_ref.entity_id                  1 
_struct_ref.pdbx_seq_one_letter_code   
;MTTSAASQASLPRGRRTARPSGDDRELAILATAENLLEDRPLADISVDDLAKGAGISRPTFYFYFPSKEAVLLTLLDRVV
NQADMALQTLAENPADTDRENMWRTGINVFFETFGSHKAVTRAGQAARATSVEVAELWSTFMQKWIAYTAAVIDAERDRG
AAPRTLPAHELATALNLMNERTLFASFAGEQPSVPEARVLDTLVHIWVTSIYGENR
;
_struct_ref.pdbx_align_begin           1 
# 
_struct_ref_seq.align_id                      1 
_struct_ref_seq.ref_id                        1 
_struct_ref_seq.pdbx_PDB_id_code              6HOE 
_struct_ref_seq.pdbx_strand_id                A 
_struct_ref_seq.seq_align_beg                 13 
_struct_ref_seq.pdbx_seq_align_beg_ins_code   ? 
_struct_ref_seq.seq_align_end                 228 
_struct_ref_seq.pdbx_seq_align_end_ins_code   ? 
_struct_ref_seq.pdbx_db_accession             P9WMC0 
_struct_ref_seq.db_align_beg                  1 
_struct_ref_seq.pdbx_db_align_beg_ins_code    ? 
_struct_ref_seq.db_align_end                  216 
_struct_ref_seq.pdbx_db_align_end_ins_code    ? 
_struct_ref_seq.pdbx_auth_seq_align_beg       1 
_struct_ref_seq.pdbx_auth_seq_align_end       216 
# 
loop_
_struct_ref_seq_dif.align_id 
_struct_ref_seq_dif.pdbx_pdb_id_code 
_struct_ref_seq_dif.mon_id 
_struct_ref_seq_dif.pdbx_pdb_strand_id 
_struct_ref_seq_dif.seq_num 
_struct_ref_seq_dif.pdbx_pdb_ins_code 
_struct_ref_seq_dif.pdbx_seq_db_name 
_struct_ref_seq_dif.pdbx_seq_db_accession_code 
_struct_ref_seq_dif.db_mon_id 
_struct_ref_seq_dif.pdbx_seq_db_seq_num 
_struct_ref_seq_dif.details 
_struct_ref_seq_dif.pdbx_auth_seq_num 
_struct_ref_seq_dif.pdbx_ordinal 
1 6HOE MET A 1  ? UNP P9WMC0 ? ? 'initiating methionine' -11 1  
1 6HOE THR A 2  ? UNP P9WMC0 ? ? 'expression tag'        -10 2  
1 6HOE THR A 3  ? UNP P9WMC0 ? ? 'expression tag'        -9  3  
1 6HOE SER A 4  ? UNP P9WMC0 ? ? 'expression tag'        -8  4  
1 6HOE ALA A 5  ? UNP P9WMC0 ? ? 'expression tag'        -7  5  
1 6HOE ALA A 6  ? UNP P9WMC0 ? ? 'expression tag'        -6  6  
1 6HOE SER A 7  ? UNP P9WMC0 ? ? 'expression tag'        -5  7  
1 6HOE GLN A 8  ? UNP P9WMC0 ? ? 'expression tag'        -4  8  
1 6HOE ALA A 9  ? UNP P9WMC0 ? ? 'expression tag'        -3  9  
1 6HOE SER A 10 ? UNP P9WMC0 ? ? 'expression tag'        -2  10 
1 6HOE LEU A 11 ? UNP P9WMC0 ? ? 'expression tag'        -1  11 
1 6HOE PRO A 12 ? UNP P9WMC0 ? ? 'expression tag'        0   12 
# 
_pdbx_struct_assembly.id                   1 
_pdbx_struct_assembly.details              author_and_software_defined_assembly 
_pdbx_struct_assembly.method_details       PISA 
_pdbx_struct_assembly.oligomeric_details   dimeric 
_pdbx_struct_assembly.oligomeric_count     2 
# 
loop_
_pdbx_struct_assembly_prop.biol_id 
_pdbx_struct_assembly_prop.type 
_pdbx_struct_assembly_prop.value 
_pdbx_struct_assembly_prop.details 
1 'ABSA (A^2)' 2720  ? 
1 MORE         -21   ? 
1 'SSA (A^2)'  16610 ? 
# 
_pdbx_struct_assembly_gen.assembly_id       1 
_pdbx_struct_assembly_gen.oper_expression   1,2 
_pdbx_struct_assembly_gen.asym_id_list      A,B,C 
# 
_pdbx_struct_assembly_auth_evidence.id                     1 
_pdbx_struct_assembly_auth_evidence.assembly_id            1 
_pdbx_struct_assembly_auth_evidence.experimental_support   none 
_pdbx_struct_assembly_auth_evidence.details                ? 
# 
loop_
_pdbx_struct_oper_list.id 
_pdbx_struct_oper_list.type 
_pdbx_struct_oper_list.name 
_pdbx_struct_oper_list.symmetry_operation 
_pdbx_struct_oper_list.matrix[1][1] 
_pdbx_struct_oper_list.matrix[1][2] 
_pdbx_struct_oper_list.matrix[1][3] 
_pdbx_struct_oper_list.vector[1] 
_pdbx_struct_oper_list.matrix[2][1] 
_pdbx_struct_oper_list.matrix[2][2] 
_pdbx_struct_oper_list.matrix[2][3] 
_pdbx_struct_oper_list.vector[2] 
_pdbx_struct_oper_list.matrix[3][1] 
_pdbx_struct_oper_list.matrix[3][2] 
_pdbx_struct_oper_list.matrix[3][3] 
_pdbx_struct_oper_list.vector[3] 
1 'identity operation'         1_555 x,y,z  1.0000000000  0.0000000000 0.0000000000  0.0000000000  0.0000000000 1.0000000000  0.0000000000  0.0000000000 0.0000000000  0.0000000000  1.0000000000  0.0000000000  
2 'crystal symmetry operation' 7_555 y,x,-z -0.7736007734 0.4658076677 -0.4296103584 17.8235999649 0.4658076677 -0.0416187079 -0.8839067258 6.1185362210 -0.4296103584 -0.8839067258 -0.1847805186 16.0268722543 
# 
loop_
_struct_conf.conf_type_id 
_struct_conf.id 
_struct_conf.pdbx_PDB_helix_id 
_struct_conf.beg_label_comp_id 
_struct_conf.beg_label_asym_id 
_struct_conf.beg_label_seq_id 
_struct_conf.pdbx_beg_PDB_ins_code 
_struct_conf.end_label_comp_id 
_struct_conf.end_label_asym_id 
_struct_conf.end_label_seq_id 
_struct_conf.pdbx_end_PDB_ins_code 
_struct_conf.beg_auth_comp_id 
_struct_conf.beg_auth_asym_id 
_struct_conf.beg_auth_seq_id 
_struct_conf.end_auth_comp_id 
_struct_conf.end_auth_asym_id 
_struct_conf.end_auth_seq_id 
_struct_conf.pdbx_PDB_helix_class 
_struct_conf.details 
_struct_conf.pdbx_PDB_helix_length 
HELX_P HELX_P1  AA1 ASP A 36  ? ARG A 52  ? ASP A 24  ARG A 40  1 ? 17 
HELX_P HELX_P2  AA2 PRO A 53  ? ILE A 57  ? PRO A 41  ILE A 45  5 ? 5  
HELX_P HELX_P3  AA3 SER A 58  ? GLY A 67  ? SER A 46  GLY A 55  1 ? 10 
HELX_P HELX_P4  AA4 SER A 69  ? PHE A 77  ? SER A 57  PHE A 65  1 ? 9  
HELX_P HELX_P5  AA5 SER A 79  ? ASN A 105 ? SER A 67  ASN A 93  1 ? 27 
HELX_P HELX_P6  AA6 ARG A 111 ? SER A 128 ? ARG A 99  SER A 116 1 ? 18 
HELX_P HELX_P7  AA7 HIS A 129 ? ARG A 140 ? HIS A 117 ARG A 128 1 ? 12 
HELX_P HELX_P8  AA8 SER A 143 ? ARG A 171 ? SER A 131 ARG A 159 1 ? 29 
HELX_P HELX_P9  AA9 PRO A 179 ? ALA A 200 ? PRO A 167 ALA A 188 1 ? 22 
HELX_P HELX_P10 AB1 PRO A 207 ? GLY A 225 ? PRO A 195 GLY A 213 1 ? 19 
# 
_struct_conf_type.id          HELX_P 
_struct_conf_type.criteria    ? 
_struct_conf_type.reference   ? 
# 
_struct_mon_prot_cis.pdbx_id                1 
_struct_mon_prot_cis.label_comp_id          GLN 
_struct_mon_prot_cis.label_seq_id           203 
_struct_mon_prot_cis.label_asym_id          A 
_struct_mon_prot_cis.label_alt_id           . 
_struct_mon_prot_cis.pdbx_PDB_ins_code      ? 
_struct_mon_prot_cis.auth_comp_id           GLN 
_struct_mon_prot_cis.auth_seq_id            191 
_struct_mon_prot_cis.auth_asym_id           A 
_struct_mon_prot_cis.pdbx_label_comp_id_2   PRO 
_struct_mon_prot_cis.pdbx_label_seq_id_2    204 
_struct_mon_prot_cis.pdbx_label_asym_id_2   A 
_struct_mon_prot_cis.pdbx_PDB_ins_code_2    ? 
_struct_mon_prot_cis.pdbx_auth_comp_id_2    PRO 
_struct_mon_prot_cis.pdbx_auth_seq_id_2     192 
_struct_mon_prot_cis.pdbx_auth_asym_id_2    A 
_struct_mon_prot_cis.pdbx_PDB_model_num     1 
_struct_mon_prot_cis.pdbx_omega_angle       3.59 
# 
_struct_site.id                   AC1 
_struct_site.pdbx_evidence_code   Software 
_struct_site.pdbx_auth_asym_id    A 
_struct_site.pdbx_auth_comp_id    GH2 
_struct_site.pdbx_auth_seq_id     301 
_struct_site.pdbx_auth_ins_code   ? 
_struct_site.pdbx_num_residues    16 
_struct_site.details              'binding site for residue GH2 A 301' 
# 
loop_
_struct_site_gen.id 
_struct_site_gen.site_id 
_struct_site_gen.pdbx_num_res 
_struct_site_gen.label_comp_id 
_struct_site_gen.label_asym_id 
_struct_site_gen.label_seq_id 
_struct_site_gen.pdbx_auth_ins_code 
_struct_site_gen.auth_comp_id 
_struct_site_gen.auth_asym_id 
_struct_site_gen.auth_seq_id 
_struct_site_gen.label_atom_id 
_struct_site_gen.label_alt_id 
_struct_site_gen.symmetry 
_struct_site_gen.details 
1  AC1 16 MET A 114 ? MET A 102 . ? 1_555 ? 
2  AC1 16 TRP A 115 ? TRP A 103 . ? 1_555 ? 
3  AC1 16 GLY A 118 ? GLY A 106 . ? 1_555 ? 
4  AC1 16 PHE A 122 ? PHE A 110 . ? 1_555 ? 
5  AC1 16 PHE A 126 ? PHE A 114 . ? 1_555 ? 
6  AC1 16 TRP A 150 ? TRP A 138 . ? 1_555 ? 
7  AC1 16 MET A 154 ? MET A 142 . ? 1_555 ? 
8  AC1 16 TYR A 160 ? TYR A 148 . ? 1_555 ? 
9  AC1 16 THR A 161 ? THR A 149 . ? 1_555 ? 
10 AC1 16 VAL A 164 ? VAL A 152 . ? 1_555 ? 
11 AC1 16 ASN A 188 ? ASN A 176 . ? 1_555 ? 
12 AC1 16 ASN A 191 ? ASN A 179 . ? 1_555 ? 
13 AC1 16 GLU A 192 ? GLU A 180 . ? 1_555 ? 
14 AC1 16 LEU A 195 ? LEU A 183 . ? 1_555 ? 
15 AC1 16 PHE A 196 ? PHE A 184 . ? 1_555 ? 
16 AC1 16 TRP A 219 ? TRP A 207 . ? 1_555 ? 
# 
_pdbx_validate_torsion.id              1 
_pdbx_validate_torsion.PDB_model_num   1 
_pdbx_validate_torsion.auth_comp_id    THR 
_pdbx_validate_torsion.auth_asym_id    A 
_pdbx_validate_torsion.auth_seq_id     165 
_pdbx_validate_torsion.PDB_ins_code    ? 
_pdbx_validate_torsion.label_alt_id    ? 
_pdbx_validate_torsion.phi             -104.50 
_pdbx_validate_torsion.psi             -113.42 
# 
loop_
_pdbx_struct_special_symmetry.id 
_pdbx_struct_special_symmetry.PDB_model_num 
_pdbx_struct_special_symmetry.auth_asym_id 
_pdbx_struct_special_symmetry.auth_comp_id 
_pdbx_struct_special_symmetry.auth_seq_id 
_pdbx_struct_special_symmetry.PDB_ins_code 
_pdbx_struct_special_symmetry.label_asym_id 
_pdbx_struct_special_symmetry.label_comp_id 
_pdbx_struct_special_symmetry.label_seq_id 
1 1 A HOH 404 ? C HOH . 
2 1 A HOH 433 ? C HOH . 
# 
loop_
_pdbx_unobs_or_zero_occ_residues.id 
_pdbx_unobs_or_zero_occ_residues.PDB_model_num 
_pdbx_unobs_or_zero_occ_residues.polymer_flag 
_pdbx_unobs_or_zero_occ_residues.occupancy_flag 
_pdbx_unobs_or_zero_occ_residues.auth_asym_id 
_pdbx_unobs_or_zero_occ_residues.auth_comp_id 
_pdbx_unobs_or_zero_occ_residues.auth_seq_id 
_pdbx_unobs_or_zero_occ_residues.PDB_ins_code 
_pdbx_unobs_or_zero_occ_residues.label_asym_id 
_pdbx_unobs_or_zero_occ_residues.label_comp_id 
_pdbx_unobs_or_zero_occ_residues.label_seq_id 
1  1 Y 1 A MET -11 ? A MET 1   
2  1 Y 1 A THR -10 ? A THR 2   
3  1 Y 1 A THR -9  ? A THR 3   
4  1 Y 1 A SER -8  ? A SER 4   
5  1 Y 1 A ALA -7  ? A ALA 5   
6  1 Y 1 A ALA -6  ? A ALA 6   
7  1 Y 1 A SER -5  ? A SER 7   
8  1 Y 1 A GLN -4  ? A GLN 8   
9  1 Y 1 A ALA -3  ? A ALA 9   
10 1 Y 1 A SER -2  ? A SER 10  
11 1 Y 1 A LEU -1  ? A LEU 11  
12 1 Y 1 A PRO 0   ? A PRO 12  
13 1 Y 1 A MET 1   ? A MET 13  
14 1 Y 1 A THR 2   ? A THR 14  
15 1 Y 1 A THR 3   ? A THR 15  
16 1 Y 1 A SER 4   ? A SER 16  
17 1 Y 1 A ALA 5   ? A ALA 17  
18 1 Y 1 A ALA 6   ? A ALA 18  
19 1 Y 1 A SER 7   ? A SER 19  
20 1 Y 1 A GLN 8   ? A GLN 20  
21 1 Y 1 A ALA 9   ? A ALA 21  
22 1 Y 1 A SER 10  ? A SER 22  
23 1 Y 1 A LEU 11  ? A LEU 23  
24 1 Y 1 A PRO 12  ? A PRO 24  
25 1 Y 1 A ARG 13  ? A ARG 25  
26 1 Y 1 A GLY 14  ? A GLY 26  
27 1 Y 1 A ARG 15  ? A ARG 27  
28 1 Y 1 A ARG 16  ? A ARG 28  
29 1 Y 1 A THR 17  ? A THR 29  
30 1 Y 1 A ALA 18  ? A ALA 30  
31 1 Y 1 A ARG 19  ? A ARG 31  
32 1 Y 1 A PRO 20  ? A PRO 32  
33 1 Y 1 A SER 21  ? A SER 33  
34 1 Y 1 A GLY 22  ? A GLY 34  
35 1 Y 1 A ASP 23  ? A ASP 35  
36 1 Y 1 A PRO 94  ? A PRO 106 
37 1 Y 1 A ALA 95  ? A ALA 107 
38 1 Y 1 A ASP 96  ? A ASP 108 
39 1 Y 1 A THR 97  ? A THR 109 
40 1 Y 1 A ASN 215 ? A ASN 227 
41 1 Y 1 A ARG 216 ? A ARG 228 
# 
loop_
_chem_comp_atom.comp_id 
_chem_comp_atom.atom_id 
_chem_comp_atom.type_symbol 
_chem_comp_atom.pdbx_aromatic_flag 
_chem_comp_atom.pdbx_stereo_config 
_chem_comp_atom.pdbx_ordinal 
ALA N    N N N 1   
ALA CA   C N S 2   
ALA C    C N N 3   
ALA O    O N N 4   
ALA CB   C N N 5   
ALA OXT  O N N 6   
ALA H    H N N 7   
ALA H2   H N N 8   
ALA HA   H N N 9   
ALA HB1  H N N 10  
ALA HB2  H N N 11  
ALA HB3  H N N 12  
ALA HXT  H N N 13  
ARG N    N N N 14  
ARG CA   C N S 15  
ARG C    C N N 16  
ARG O    O N N 17  
ARG CB   C N N 18  
ARG CG   C N N 19  
ARG CD   C N N 20  
ARG NE   N N N 21  
ARG CZ   C N N 22  
ARG NH1  N N N 23  
ARG NH2  N N N 24  
ARG OXT  O N N 25  
ARG H    H N N 26  
ARG H2   H N N 27  
ARG HA   H N N 28  
ARG HB2  H N N 29  
ARG HB3  H N N 30  
ARG HG2  H N N 31  
ARG HG3  H N N 32  
ARG HD2  H N N 33  
ARG HD3  H N N 34  
ARG HE   H N N 35  
ARG HH11 H N N 36  
ARG HH12 H N N 37  
ARG HH21 H N N 38  
ARG HH22 H N N 39  
ARG HXT  H N N 40  
ASN N    N N N 41  
ASN CA   C N S 42  
ASN C    C N N 43  
ASN O    O N N 44  
ASN CB   C N N 45  
ASN CG   C N N 46  
ASN OD1  O N N 47  
ASN ND2  N N N 48  
ASN OXT  O N N 49  
ASN H    H N N 50  
ASN H2   H N N 51  
ASN HA   H N N 52  
ASN HB2  H N N 53  
ASN HB3  H N N 54  
ASN HD21 H N N 55  
ASN HD22 H N N 56  
ASN HXT  H N N 57  
ASP N    N N N 58  
ASP CA   C N S 59  
ASP C    C N N 60  
ASP O    O N N 61  
ASP CB   C N N 62  
ASP CG   C N N 63  
ASP OD1  O N N 64  
ASP OD2  O N N 65  
ASP OXT  O N N 66  
ASP H    H N N 67  
ASP H2   H N N 68  
ASP HA   H N N 69  
ASP HB2  H N N 70  
ASP HB3  H N N 71  
ASP HD2  H N N 72  
ASP HXT  H N N 73  
GH2 C4   C N N 74  
GH2 C14  C N N 75  
GH2 C5   C Y N 76  
GH2 C6   C Y N 77  
GH2 C11  C Y N 78  
GH2 C7   C Y N 79  
GH2 C8   C Y N 80  
GH2 C9   C Y N 81  
GH2 C10  C Y N 82  
GH2 C12  C Y N 83  
GH2 C13  C Y N 84  
GH2 N1   N Y N 85  
GH2 N2   N N N 86  
GH2 C3   C N N 87  
GH2 C1   C N N 88  
GH2 C2   C N N 89  
GH2 O1   O N N 90  
GH2 O2   O N N 91  
GH2 S1   S Y N 92  
GH2 O3   O N N 93  
GH2 C15  C N N 94  
GH2 C16  C N N 95  
GH2 C17  C N N 96  
GH2 F1   F N N 97  
GH2 F2   F N N 98  
GH2 F3   F N N 99  
GH2 H1   H N N 100 
GH2 H2   H N N 101 
GH2 H3   H N N 102 
GH2 H4   H N N 103 
GH2 H5   H N N 104 
GH2 H6   H N N 105 
GH2 H7   H N N 106 
GH2 H8   H N N 107 
GH2 H9   H N N 108 
GH2 H10  H N N 109 
GH2 H11  H N N 110 
GH2 H12  H N N 111 
GH2 H13  H N N 112 
GH2 H14  H N N 113 
GH2 H15  H N N 114 
GH2 H16  H N N 115 
GH2 H17  H N N 116 
GLN N    N N N 117 
GLN CA   C N S 118 
GLN C    C N N 119 
GLN O    O N N 120 
GLN CB   C N N 121 
GLN CG   C N N 122 
GLN CD   C N N 123 
GLN OE1  O N N 124 
GLN NE2  N N N 125 
GLN OXT  O N N 126 
GLN H    H N N 127 
GLN H2   H N N 128 
GLN HA   H N N 129 
GLN HB2  H N N 130 
GLN HB3  H N N 131 
GLN HG2  H N N 132 
GLN HG3  H N N 133 
GLN HE21 H N N 134 
GLN HE22 H N N 135 
GLN HXT  H N N 136 
GLU N    N N N 137 
GLU CA   C N S 138 
GLU C    C N N 139 
GLU O    O N N 140 
GLU CB   C N N 141 
GLU CG   C N N 142 
GLU CD   C N N 143 
GLU OE1  O N N 144 
GLU OE2  O N N 145 
GLU OXT  O N N 146 
GLU H    H N N 147 
GLU H2   H N N 148 
GLU HA   H N N 149 
GLU HB2  H N N 150 
GLU HB3  H N N 151 
GLU HG2  H N N 152 
GLU HG3  H N N 153 
GLU HE2  H N N 154 
GLU HXT  H N N 155 
GLY N    N N N 156 
GLY CA   C N N 157 
GLY C    C N N 158 
GLY O    O N N 159 
GLY OXT  O N N 160 
GLY H    H N N 161 
GLY H2   H N N 162 
GLY HA2  H N N 163 
GLY HA3  H N N 164 
GLY HXT  H N N 165 
HIS N    N N N 166 
HIS CA   C N S 167 
HIS C    C N N 168 
HIS O    O N N 169 
HIS CB   C N N 170 
HIS CG   C Y N 171 
HIS ND1  N Y N 172 
HIS CD2  C Y N 173 
HIS CE1  C Y N 174 
HIS NE2  N Y N 175 
HIS OXT  O N N 176 
HIS H    H N N 177 
HIS H2   H N N 178 
HIS HA   H N N 179 
HIS HB2  H N N 180 
HIS HB3  H N N 181 
HIS HD1  H N N 182 
HIS HD2  H N N 183 
HIS HE1  H N N 184 
HIS HE2  H N N 185 
HIS HXT  H N N 186 
HOH O    O N N 187 
HOH H1   H N N 188 
HOH H2   H N N 189 
ILE N    N N N 190 
ILE CA   C N S 191 
ILE C    C N N 192 
ILE O    O N N 193 
ILE CB   C N S 194 
ILE CG1  C N N 195 
ILE CG2  C N N 196 
ILE CD1  C N N 197 
ILE OXT  O N N 198 
ILE H    H N N 199 
ILE H2   H N N 200 
ILE HA   H N N 201 
ILE HB   H N N 202 
ILE HG12 H N N 203 
ILE HG13 H N N 204 
ILE HG21 H N N 205 
ILE HG22 H N N 206 
ILE HG23 H N N 207 
ILE HD11 H N N 208 
ILE HD12 H N N 209 
ILE HD13 H N N 210 
ILE HXT  H N N 211 
LEU N    N N N 212 
LEU CA   C N S 213 
LEU C    C N N 214 
LEU O    O N N 215 
LEU CB   C N N 216 
LEU CG   C N N 217 
LEU CD1  C N N 218 
LEU CD2  C N N 219 
LEU OXT  O N N 220 
LEU H    H N N 221 
LEU H2   H N N 222 
LEU HA   H N N 223 
LEU HB2  H N N 224 
LEU HB3  H N N 225 
LEU HG   H N N 226 
LEU HD11 H N N 227 
LEU HD12 H N N 228 
LEU HD13 H N N 229 
LEU HD21 H N N 230 
LEU HD22 H N N 231 
LEU HD23 H N N 232 
LEU HXT  H N N 233 
LYS N    N N N 234 
LYS CA   C N S 235 
LYS C    C N N 236 
LYS O    O N N 237 
LYS CB   C N N 238 
LYS CG   C N N 239 
LYS CD   C N N 240 
LYS CE   C N N 241 
LYS NZ   N N N 242 
LYS OXT  O N N 243 
LYS H    H N N 244 
LYS H2   H N N 245 
LYS HA   H N N 246 
LYS HB2  H N N 247 
LYS HB3  H N N 248 
LYS HG2  H N N 249 
LYS HG3  H N N 250 
LYS HD2  H N N 251 
LYS HD3  H N N 252 
LYS HE2  H N N 253 
LYS HE3  H N N 254 
LYS HZ1  H N N 255 
LYS HZ2  H N N 256 
LYS HZ3  H N N 257 
LYS HXT  H N N 258 
MET N    N N N 259 
MET CA   C N S 260 
MET C    C N N 261 
MET O    O N N 262 
MET CB   C N N 263 
MET CG   C N N 264 
MET SD   S N N 265 
MET CE   C N N 266 
MET OXT  O N N 267 
MET H    H N N 268 
MET H2   H N N 269 
MET HA   H N N 270 
MET HB2  H N N 271 
MET HB3  H N N 272 
MET HG2  H N N 273 
MET HG3  H N N 274 
MET HE1  H N N 275 
MET HE2  H N N 276 
MET HE3  H N N 277 
MET HXT  H N N 278 
PHE N    N N N 279 
PHE CA   C N S 280 
PHE C    C N N 281 
PHE O    O N N 282 
PHE CB   C N N 283 
PHE CG   C Y N 284 
PHE CD1  C Y N 285 
PHE CD2  C Y N 286 
PHE CE1  C Y N 287 
PHE CE2  C Y N 288 
PHE CZ   C Y N 289 
PHE OXT  O N N 290 
PHE H    H N N 291 
PHE H2   H N N 292 
PHE HA   H N N 293 
PHE HB2  H N N 294 
PHE HB3  H N N 295 
PHE HD1  H N N 296 
PHE HD2  H N N 297 
PHE HE1  H N N 298 
PHE HE2  H N N 299 
PHE HZ   H N N 300 
PHE HXT  H N N 301 
PRO N    N N N 302 
PRO CA   C N S 303 
PRO C    C N N 304 
PRO O    O N N 305 
PRO CB   C N N 306 
PRO CG   C N N 307 
PRO CD   C N N 308 
PRO OXT  O N N 309 
PRO H    H N N 310 
PRO HA   H N N 311 
PRO HB2  H N N 312 
PRO HB3  H N N 313 
PRO HG2  H N N 314 
PRO HG3  H N N 315 
PRO HD2  H N N 316 
PRO HD3  H N N 317 
PRO HXT  H N N 318 
SER N    N N N 319 
SER CA   C N S 320 
SER C    C N N 321 
SER O    O N N 322 
SER CB   C N N 323 
SER OG   O N N 324 
SER OXT  O N N 325 
SER H    H N N 326 
SER H2   H N N 327 
SER HA   H N N 328 
SER HB2  H N N 329 
SER HB3  H N N 330 
SER HG   H N N 331 
SER HXT  H N N 332 
THR N    N N N 333 
THR CA   C N S 334 
THR C    C N N 335 
THR O    O N N 336 
THR CB   C N R 337 
THR OG1  O N N 338 
THR CG2  C N N 339 
THR OXT  O N N 340 
THR H    H N N 341 
THR H2   H N N 342 
THR HA   H N N 343 
THR HB   H N N 344 
THR HG1  H N N 345 
THR HG21 H N N 346 
THR HG22 H N N 347 
THR HG23 H N N 348 
THR HXT  H N N 349 
TRP N    N N N 350 
TRP CA   C N S 351 
TRP C    C N N 352 
TRP O    O N N 353 
TRP CB   C N N 354 
TRP CG   C Y N 355 
TRP CD1  C Y N 356 
TRP CD2  C Y N 357 
TRP NE1  N Y N 358 
TRP CE2  C Y N 359 
TRP CE3  C Y N 360 
TRP CZ2  C Y N 361 
TRP CZ3  C Y N 362 
TRP CH2  C Y N 363 
TRP OXT  O N N 364 
TRP H    H N N 365 
TRP H2   H N N 366 
TRP HA   H N N 367 
TRP HB2  H N N 368 
TRP HB3  H N N 369 
TRP HD1  H N N 370 
TRP HE1  H N N 371 
TRP HE3  H N N 372 
TRP HZ2  H N N 373 
TRP HZ3  H N N 374 
TRP HH2  H N N 375 
TRP HXT  H N N 376 
TYR N    N N N 377 
TYR CA   C N S 378 
TYR C    C N N 379 
TYR O    O N N 380 
TYR CB   C N N 381 
TYR CG   C Y N 382 
TYR CD1  C Y N 383 
TYR CD2  C Y N 384 
TYR CE1  C Y N 385 
TYR CE2  C Y N 386 
TYR CZ   C Y N 387 
TYR OH   O N N 388 
TYR OXT  O N N 389 
TYR H    H N N 390 
TYR H2   H N N 391 
TYR HA   H N N 392 
TYR HB2  H N N 393 
TYR HB3  H N N 394 
TYR HD1  H N N 395 
TYR HD2  H N N 396 
TYR HE1  H N N 397 
TYR HE2  H N N 398 
TYR HH   H N N 399 
TYR HXT  H N N 400 
VAL N    N N N 401 
VAL CA   C N S 402 
VAL C    C N N 403 
VAL O    O N N 404 
VAL CB   C N N 405 
VAL CG1  C N N 406 
VAL CG2  C N N 407 
VAL OXT  O N N 408 
VAL H    H N N 409 
VAL H2   H N N 410 
VAL HA   H N N 411 
VAL HB   H N N 412 
VAL HG11 H N N 413 
VAL HG12 H N N 414 
VAL HG13 H N N 415 
VAL HG21 H N N 416 
VAL HG22 H N N 417 
VAL HG23 H N N 418 
VAL HXT  H N N 419 
# 
loop_
_chem_comp_bond.comp_id 
_chem_comp_bond.atom_id_1 
_chem_comp_bond.atom_id_2 
_chem_comp_bond.value_order 
_chem_comp_bond.pdbx_aromatic_flag 
_chem_comp_bond.pdbx_stereo_config 
_chem_comp_bond.pdbx_ordinal 
ALA N   CA   sing N N 1   
ALA N   H    sing N N 2   
ALA N   H2   sing N N 3   
ALA CA  C    sing N N 4   
ALA CA  CB   sing N N 5   
ALA CA  HA   sing N N 6   
ALA C   O    doub N N 7   
ALA C   OXT  sing N N 8   
ALA CB  HB1  sing N N 9   
ALA CB  HB2  sing N N 10  
ALA CB  HB3  sing N N 11  
ALA OXT HXT  sing N N 12  
ARG N   CA   sing N N 13  
ARG N   H    sing N N 14  
ARG N   H2   sing N N 15  
ARG CA  C    sing N N 16  
ARG CA  CB   sing N N 17  
ARG CA  HA   sing N N 18  
ARG C   O    doub N N 19  
ARG C   OXT  sing N N 20  
ARG CB  CG   sing N N 21  
ARG CB  HB2  sing N N 22  
ARG CB  HB3  sing N N 23  
ARG CG  CD   sing N N 24  
ARG CG  HG2  sing N N 25  
ARG CG  HG3  sing N N 26  
ARG CD  NE   sing N N 27  
ARG CD  HD2  sing N N 28  
ARG CD  HD3  sing N N 29  
ARG NE  CZ   sing N N 30  
ARG NE  HE   sing N N 31  
ARG CZ  NH1  sing N N 32  
ARG CZ  NH2  doub N N 33  
ARG NH1 HH11 sing N N 34  
ARG NH1 HH12 sing N N 35  
ARG NH2 HH21 sing N N 36  
ARG NH2 HH22 sing N N 37  
ARG OXT HXT  sing N N 38  
ASN N   CA   sing N N 39  
ASN N   H    sing N N 40  
ASN N   H2   sing N N 41  
ASN CA  C    sing N N 42  
ASN CA  CB   sing N N 43  
ASN CA  HA   sing N N 44  
ASN C   O    doub N N 45  
ASN C   OXT  sing N N 46  
ASN CB  CG   sing N N 47  
ASN CB  HB2  sing N N 48  
ASN CB  HB3  sing N N 49  
ASN CG  OD1  doub N N 50  
ASN CG  ND2  sing N N 51  
ASN ND2 HD21 sing N N 52  
ASN ND2 HD22 sing N N 53  
ASN OXT HXT  sing N N 54  
ASP N   CA   sing N N 55  
ASP N   H    sing N N 56  
ASP N   H2   sing N N 57  
ASP CA  C    sing N N 58  
ASP CA  CB   sing N N 59  
ASP CA  HA   sing N N 60  
ASP C   O    doub N N 61  
ASP C   OXT  sing N N 62  
ASP CB  CG   sing N N 63  
ASP CB  HB2  sing N N 64  
ASP CB  HB3  sing N N 65  
ASP CG  OD1  doub N N 66  
ASP CG  OD2  sing N N 67  
ASP OD2 HD2  sing N N 68  
ASP OXT HXT  sing N N 69  
GH2 F2  C17  sing N N 70  
GH2 F1  C17  sing N N 71  
GH2 O3  C14  doub N N 72  
GH2 C17 F3   sing N N 73  
GH2 C17 C16  sing N N 74  
GH2 C10 C9   doub Y N 75  
GH2 C10 C11  sing Y N 76  
GH2 C16 C15  sing N N 77  
GH2 C14 C11  sing N N 78  
GH2 C14 N2   sing N N 79  
GH2 C15 N2   sing N N 80  
GH2 C9  C8   sing Y N 81  
GH2 C11 C12  doub Y N 82  
GH2 O2  C3   doub N N 83  
GH2 C4  C3   sing N N 84  
GH2 C4  C5   sing N N 85  
GH2 N1  C5   doub Y N 86  
GH2 N1  C6   sing Y N 87  
GH2 C8  C6   sing N N 88  
GH2 C8  C13  doub Y N 89  
GH2 C3  O1   sing N N 90  
GH2 C12 C13  sing Y N 91  
GH2 C5  S1   sing Y N 92  
GH2 C6  C7   doub Y N 93  
GH2 O1  C2   sing N N 94  
GH2 C2  C1   sing N N 95  
GH2 C7  S1   sing Y N 96  
GH2 C4  H1   sing N N 97  
GH2 C4  H2   sing N N 98  
GH2 C7  H3   sing N N 99  
GH2 C9  H4   sing N N 100 
GH2 C10 H5   sing N N 101 
GH2 C12 H6   sing N N 102 
GH2 C13 H7   sing N N 103 
GH2 N2  H8   sing N N 104 
GH2 C1  H9   sing N N 105 
GH2 C1  H10  sing N N 106 
GH2 C1  H11  sing N N 107 
GH2 C2  H12  sing N N 108 
GH2 C2  H13  sing N N 109 
GH2 C15 H14  sing N N 110 
GH2 C15 H15  sing N N 111 
GH2 C16 H16  sing N N 112 
GH2 C16 H17  sing N N 113 
GLN N   CA   sing N N 114 
GLN N   H    sing N N 115 
GLN N   H2   sing N N 116 
GLN CA  C    sing N N 117 
GLN CA  CB   sing N N 118 
GLN CA  HA   sing N N 119 
GLN C   O    doub N N 120 
GLN C   OXT  sing N N 121 
GLN CB  CG   sing N N 122 
GLN CB  HB2  sing N N 123 
GLN CB  HB3  sing N N 124 
GLN CG  CD   sing N N 125 
GLN CG  HG2  sing N N 126 
GLN CG  HG3  sing N N 127 
GLN CD  OE1  doub N N 128 
GLN CD  NE2  sing N N 129 
GLN NE2 HE21 sing N N 130 
GLN NE2 HE22 sing N N 131 
GLN OXT HXT  sing N N 132 
GLU N   CA   sing N N 133 
GLU N   H    sing N N 134 
GLU N   H2   sing N N 135 
GLU CA  C    sing N N 136 
GLU CA  CB   sing N N 137 
GLU CA  HA   sing N N 138 
GLU C   O    doub N N 139 
GLU C   OXT  sing N N 140 
GLU CB  CG   sing N N 141 
GLU CB  HB2  sing N N 142 
GLU CB  HB3  sing N N 143 
GLU CG  CD   sing N N 144 
GLU CG  HG2  sing N N 145 
GLU CG  HG3  sing N N 146 
GLU CD  OE1  doub N N 147 
GLU CD  OE2  sing N N 148 
GLU OE2 HE2  sing N N 149 
GLU OXT HXT  sing N N 150 
GLY N   CA   sing N N 151 
GLY N   H    sing N N 152 
GLY N   H2   sing N N 153 
GLY CA  C    sing N N 154 
GLY CA  HA2  sing N N 155 
GLY CA  HA3  sing N N 156 
GLY C   O    doub N N 157 
GLY C   OXT  sing N N 158 
GLY OXT HXT  sing N N 159 
HIS N   CA   sing N N 160 
HIS N   H    sing N N 161 
HIS N   H2   sing N N 162 
HIS CA  C    sing N N 163 
HIS CA  CB   sing N N 164 
HIS CA  HA   sing N N 165 
HIS C   O    doub N N 166 
HIS C   OXT  sing N N 167 
HIS CB  CG   sing N N 168 
HIS CB  HB2  sing N N 169 
HIS CB  HB3  sing N N 170 
HIS CG  ND1  sing Y N 171 
HIS CG  CD2  doub Y N 172 
HIS ND1 CE1  doub Y N 173 
HIS ND1 HD1  sing N N 174 
HIS CD2 NE2  sing Y N 175 
HIS CD2 HD2  sing N N 176 
HIS CE1 NE2  sing Y N 177 
HIS CE1 HE1  sing N N 178 
HIS NE2 HE2  sing N N 179 
HIS OXT HXT  sing N N 180 
HOH O   H1   sing N N 181 
HOH O   H2   sing N N 182 
ILE N   CA   sing N N 183 
ILE N   H    sing N N 184 
ILE N   H2   sing N N 185 
ILE CA  C    sing N N 186 
ILE CA  CB   sing N N 187 
ILE CA  HA   sing N N 188 
ILE C   O    doub N N 189 
ILE C   OXT  sing N N 190 
ILE CB  CG1  sing N N 191 
ILE CB  CG2  sing N N 192 
ILE CB  HB   sing N N 193 
ILE CG1 CD1  sing N N 194 
ILE CG1 HG12 sing N N 195 
ILE CG1 HG13 sing N N 196 
ILE CG2 HG21 sing N N 197 
ILE CG2 HG22 sing N N 198 
ILE CG2 HG23 sing N N 199 
ILE CD1 HD11 sing N N 200 
ILE CD1 HD12 sing N N 201 
ILE CD1 HD13 sing N N 202 
ILE OXT HXT  sing N N 203 
LEU N   CA   sing N N 204 
LEU N   H    sing N N 205 
LEU N   H2   sing N N 206 
LEU CA  C    sing N N 207 
LEU CA  CB   sing N N 208 
LEU CA  HA   sing N N 209 
LEU C   O    doub N N 210 
LEU C   OXT  sing N N 211 
LEU CB  CG   sing N N 212 
LEU CB  HB2  sing N N 213 
LEU CB  HB3  sing N N 214 
LEU CG  CD1  sing N N 215 
LEU CG  CD2  sing N N 216 
LEU CG  HG   sing N N 217 
LEU CD1 HD11 sing N N 218 
LEU CD1 HD12 sing N N 219 
LEU CD1 HD13 sing N N 220 
LEU CD2 HD21 sing N N 221 
LEU CD2 HD22 sing N N 222 
LEU CD2 HD23 sing N N 223 
LEU OXT HXT  sing N N 224 
LYS N   CA   sing N N 225 
LYS N   H    sing N N 226 
LYS N   H2   sing N N 227 
LYS CA  C    sing N N 228 
LYS CA  CB   sing N N 229 
LYS CA  HA   sing N N 230 
LYS C   O    doub N N 231 
LYS C   OXT  sing N N 232 
LYS CB  CG   sing N N 233 
LYS CB  HB2  sing N N 234 
LYS CB  HB3  sing N N 235 
LYS CG  CD   sing N N 236 
LYS CG  HG2  sing N N 237 
LYS CG  HG3  sing N N 238 
LYS CD  CE   sing N N 239 
LYS CD  HD2  sing N N 240 
LYS CD  HD3  sing N N 241 
LYS CE  NZ   sing N N 242 
LYS CE  HE2  sing N N 243 
LYS CE  HE3  sing N N 244 
LYS NZ  HZ1  sing N N 245 
LYS NZ  HZ2  sing N N 246 
LYS NZ  HZ3  sing N N 247 
LYS OXT HXT  sing N N 248 
MET N   CA   sing N N 249 
MET N   H    sing N N 250 
MET N   H2   sing N N 251 
MET CA  C    sing N N 252 
MET CA  CB   sing N N 253 
MET CA  HA   sing N N 254 
MET C   O    doub N N 255 
MET C   OXT  sing N N 256 
MET CB  CG   sing N N 257 
MET CB  HB2  sing N N 258 
MET CB  HB3  sing N N 259 
MET CG  SD   sing N N 260 
MET CG  HG2  sing N N 261 
MET CG  HG3  sing N N 262 
MET SD  CE   sing N N 263 
MET CE  HE1  sing N N 264 
MET CE  HE2  sing N N 265 
MET CE  HE3  sing N N 266 
MET OXT HXT  sing N N 267 
PHE N   CA   sing N N 268 
PHE N   H    sing N N 269 
PHE N   H2   sing N N 270 
PHE CA  C    sing N N 271 
PHE CA  CB   sing N N 272 
PHE CA  HA   sing N N 273 
PHE C   O    doub N N 274 
PHE C   OXT  sing N N 275 
PHE CB  CG   sing N N 276 
PHE CB  HB2  sing N N 277 
PHE CB  HB3  sing N N 278 
PHE CG  CD1  doub Y N 279 
PHE CG  CD2  sing Y N 280 
PHE CD1 CE1  sing Y N 281 
PHE CD1 HD1  sing N N 282 
PHE CD2 CE2  doub Y N 283 
PHE CD2 HD2  sing N N 284 
PHE CE1 CZ   doub Y N 285 
PHE CE1 HE1  sing N N 286 
PHE CE2 CZ   sing Y N 287 
PHE CE2 HE2  sing N N 288 
PHE CZ  HZ   sing N N 289 
PHE OXT HXT  sing N N 290 
PRO N   CA   sing N N 291 
PRO N   CD   sing N N 292 
PRO N   H    sing N N 293 
PRO CA  C    sing N N 294 
PRO CA  CB   sing N N 295 
PRO CA  HA   sing N N 296 
PRO C   O    doub N N 297 
PRO C   OXT  sing N N 298 
PRO CB  CG   sing N N 299 
PRO CB  HB2  sing N N 300 
PRO CB  HB3  sing N N 301 
PRO CG  CD   sing N N 302 
PRO CG  HG2  sing N N 303 
PRO CG  HG3  sing N N 304 
PRO CD  HD2  sing N N 305 
PRO CD  HD3  sing N N 306 
PRO OXT HXT  sing N N 307 
SER N   CA   sing N N 308 
SER N   H    sing N N 309 
SER N   H2   sing N N 310 
SER CA  C    sing N N 311 
SER CA  CB   sing N N 312 
SER CA  HA   sing N N 313 
SER C   O    doub N N 314 
SER C   OXT  sing N N 315 
SER CB  OG   sing N N 316 
SER CB  HB2  sing N N 317 
SER CB  HB3  sing N N 318 
SER OG  HG   sing N N 319 
SER OXT HXT  sing N N 320 
THR N   CA   sing N N 321 
THR N   H    sing N N 322 
THR N   H2   sing N N 323 
THR CA  C    sing N N 324 
THR CA  CB   sing N N 325 
THR CA  HA   sing N N 326 
THR C   O    doub N N 327 
THR C   OXT  sing N N 328 
THR CB  OG1  sing N N 329 
THR CB  CG2  sing N N 330 
THR CB  HB   sing N N 331 
THR OG1 HG1  sing N N 332 
THR CG2 HG21 sing N N 333 
THR CG2 HG22 sing N N 334 
THR CG2 HG23 sing N N 335 
THR OXT HXT  sing N N 336 
TRP N   CA   sing N N 337 
TRP N   H    sing N N 338 
TRP N   H2   sing N N 339 
TRP CA  C    sing N N 340 
TRP CA  CB   sing N N 341 
TRP CA  HA   sing N N 342 
TRP C   O    doub N N 343 
TRP C   OXT  sing N N 344 
TRP CB  CG   sing N N 345 
TRP CB  HB2  sing N N 346 
TRP CB  HB3  sing N N 347 
TRP CG  CD1  doub Y N 348 
TRP CG  CD2  sing Y N 349 
TRP CD1 NE1  sing Y N 350 
TRP CD1 HD1  sing N N 351 
TRP CD2 CE2  doub Y N 352 
TRP CD2 CE3  sing Y N 353 
TRP NE1 CE2  sing Y N 354 
TRP NE1 HE1  sing N N 355 
TRP CE2 CZ2  sing Y N 356 
TRP CE3 CZ3  doub Y N 357 
TRP CE3 HE3  sing N N 358 
TRP CZ2 CH2  doub Y N 359 
TRP CZ2 HZ2  sing N N 360 
TRP CZ3 CH2  sing Y N 361 
TRP CZ3 HZ3  sing N N 362 
TRP CH2 HH2  sing N N 363 
TRP OXT HXT  sing N N 364 
TYR N   CA   sing N N 365 
TYR N   H    sing N N 366 
TYR N   H2   sing N N 367 
TYR CA  C    sing N N 368 
TYR CA  CB   sing N N 369 
TYR CA  HA   sing N N 370 
TYR C   O    doub N N 371 
TYR C   OXT  sing N N 372 
TYR CB  CG   sing N N 373 
TYR CB  HB2  sing N N 374 
TYR CB  HB3  sing N N 375 
TYR CG  CD1  doub Y N 376 
TYR CG  CD2  sing Y N 377 
TYR CD1 CE1  sing Y N 378 
TYR CD1 HD1  sing N N 379 
TYR CD2 CE2  doub Y N 380 
TYR CD2 HD2  sing N N 381 
TYR CE1 CZ   doub Y N 382 
TYR CE1 HE1  sing N N 383 
TYR CE2 CZ   sing Y N 384 
TYR CE2 HE2  sing N N 385 
TYR CZ  OH   sing N N 386 
TYR OH  HH   sing N N 387 
TYR OXT HXT  sing N N 388 
VAL N   CA   sing N N 389 
VAL N   H    sing N N 390 
VAL N   H2   sing N N 391 
VAL CA  C    sing N N 392 
VAL CA  CB   sing N N 393 
VAL CA  HA   sing N N 394 
VAL C   O    doub N N 395 
VAL C   OXT  sing N N 396 
VAL CB  CG1  sing N N 397 
VAL CB  CG2  sing N N 398 
VAL CB  HB   sing N N 399 
VAL CG1 HG11 sing N N 400 
VAL CG1 HG12 sing N N 401 
VAL CG1 HG13 sing N N 402 
VAL CG2 HG21 sing N N 403 
VAL CG2 HG22 sing N N 404 
VAL CG2 HG23 sing N N 405 
VAL OXT HXT  sing N N 406 
# 
_pdbx_initial_refinement_model.id               1 
_pdbx_initial_refinement_model.entity_id_list   ? 
_pdbx_initial_refinement_model.type             'experimental model' 
_pdbx_initial_refinement_model.source_name      PDB 
_pdbx_initial_refinement_model.accession_code   1U9N 
_pdbx_initial_refinement_model.details          ? 
# 
_atom_sites.entry_id                    6HOE 
_atom_sites.fract_transf_matrix[1][1]   -0.00604257 
_atom_sites.fract_transf_matrix[1][2]   -0.00556119 
_atom_sites.fract_transf_matrix[1][3]   -0.00011782 
_atom_sites.fract_transf_matrix[2][1]   0.00213470 
_atom_sites.fract_transf_matrix[2][2]   -0.00247908 
_atom_sites.fract_transf_matrix[2][3]   0.00753330 
_atom_sites.fract_transf_matrix[3][1]   -0.01855537 
_atom_sites.fract_transf_matrix[3][2]   0.01991130 
_atom_sites.fract_transf_matrix[3][3]   0.01181050 
_atom_sites.fract_transf_vector[1]      -0.145870 
_atom_sites.fract_transf_vector[2]      -0.289485 
_atom_sites.fract_transf_vector[3]      0.009805 
# 
loop_
_atom_type.symbol 
C 
F 
N 
O 
S 
# 
loop_
_atom_site.group_PDB 
_atom_site.id 
_atom_site.type_symbol 
_atom_site.label_atom_id 
_atom_site.label_alt_id 
_atom_site.label_comp_id 
_atom_site.label_asym_id 
_atom_site.label_entity_id 
_atom_site.label_seq_id 
_atom_site.pdbx_PDB_ins_code 
_atom_site.Cartn_x 
_atom_site.Cartn_y 
_atom_site.Cartn_z 
_atom_site.occupancy 
_atom_site.B_iso_or_equiv 
_atom_site.pdbx_formal_charge 
_atom_site.auth_seq_id 
_atom_site.auth_comp_id 
_atom_site.auth_asym_id 
_atom_site.auth_atom_id 
_atom_site.pdbx_PDB_model_num 
ATOM   1    N N   . ASP A 1 36  ? -7.776  5.285   -22.098 1.00 62.33 ? 24  ASP A N   1 
ATOM   2    C CA  . ASP A 1 36  ? -7.512  5.192   -23.573 1.00 63.91 ? 24  ASP A CA  1 
ATOM   3    C C   . ASP A 1 36  ? -6.001  5.422   -23.784 1.00 58.66 ? 24  ASP A C   1 
ATOM   4    O O   . ASP A 1 36  ? -5.195  4.542   -23.450 1.00 53.17 ? 24  ASP A O   1 
ATOM   5    C CB  . ASP A 1 36  ? -8.440  6.150   -24.348 1.00 69.46 ? 24  ASP A CB  1 
ATOM   6    C CG  . ASP A 1 36  ? -8.430  7.605   -23.873 1.00 72.35 ? 24  ASP A CG  1 
ATOM   7    O OD1 . ASP A 1 36  ? -8.337  7.825   -22.635 1.00 63.77 ? 24  ASP A OD1 1 
ATOM   8    O OD2 . ASP A 1 36  ? -8.479  8.520   -24.746 1.00 61.04 ? 24  ASP A OD2 1 
ATOM   9    N N   . ARG A 1 37  ? -5.607  6.590   -24.282 1.00 53.66 ? 25  ARG A N   1 
ATOM   10   C CA  . ARG A 1 37  ? -4.222  7.095   -24.174 1.00 49.81 ? 25  ARG A CA  1 
ATOM   11   C C   . ARG A 1 37  ? -3.863  7.319   -22.696 1.00 43.85 ? 25  ARG A C   1 
ATOM   12   O O   . ARG A 1 37  ? -2.684  7.218   -22.358 1.00 38.30 ? 25  ARG A O   1 
ATOM   13   C CB  . ARG A 1 37  ? -4.108  8.372   -24.997 1.00 54.09 ? 25  ARG A CB  1 
ATOM   14   C CG  . ARG A 1 37  ? -3.981  8.097   -26.485 1.00 60.08 ? 25  ARG A CG  1 
ATOM   15   C CD  . ARG A 1 37  ? -3.844  9.388   -27.261 1.00 68.67 ? 25  ARG A CD  1 
ATOM   16   N NE  . ARG A 1 37  ? -5.108  9.893   -27.772 1.00 77.46 ? 25  ARG A NE  1 
ATOM   17   C CZ  . ARG A 1 37  ? -5.234  10.982  -28.518 1.00 74.89 ? 25  ARG A CZ  1 
ATOM   18   N NH1 . ARG A 1 37  ? -4.165  11.689  -28.831 1.00 76.24 ? 25  ARG A NH1 1 
ATOM   19   N NH2 . ARG A 1 37  ? -6.427  11.357  -28.950 1.00 77.80 ? 25  ARG A NH2 1 
ATOM   20   N N   . GLU A 1 38  ? -4.833  7.631   -21.839 1.00 41.41 ? 26  GLU A N   1 
ATOM   21   C CA  . GLU A 1 38  ? -4.564  7.764   -20.386 1.00 43.86 ? 26  GLU A CA  1 
ATOM   22   C C   . GLU A 1 38  ? -3.990  6.444   -19.851 1.00 39.68 ? 26  GLU A C   1 
ATOM   23   O O   . GLU A 1 38  ? -2.973  6.489   -19.193 1.00 32.91 ? 26  GLU A O   1 
ATOM   24   C CB  . GLU A 1 38  ? -5.810  8.155   -19.612 1.00 45.29 ? 26  GLU A CB  1 
ATOM   25   C CG  . GLU A 1 38  ? -5.474  8.603   -18.214 1.00 53.04 ? 26  GLU A CG  1 
ATOM   26   C CD  . GLU A 1 38  ? -6.650  9.196   -17.466 1.00 60.66 ? 26  GLU A CD  1 
ATOM   27   O OE1 . GLU A 1 38  ? -6.913  10.399  -17.648 1.00 61.85 ? 26  GLU A OE1 1 
ATOM   28   O OE2 . GLU A 1 38  ? -7.295  8.442   -16.718 1.00 59.97 ? 26  GLU A OE2 1 
ATOM   29   N N   . LEU A 1 39  ? -4.612  5.311   -20.165 1.00 37.43 ? 27  LEU A N   1 
ATOM   30   C CA  . LEU A 1 39  ? -4.188  3.979   -19.672 1.00 40.66 ? 27  LEU A CA  1 
ATOM   31   C C   . LEU A 1 39  ? -2.801  3.650   -20.224 1.00 40.01 ? 27  LEU A C   1 
ATOM   32   O O   . LEU A 1 39  ? -1.976  3.046   -19.501 1.00 36.55 ? 27  LEU A O   1 
ATOM   33   C CB  . LEU A 1 39  ? -5.232  2.933   -20.074 1.00 44.02 ? 27  LEU A CB  1 
ATOM   34   C CG  . LEU A 1 39  ? -6.505  2.911   -19.223 1.00 48.86 ? 27  LEU A CG  1 
ATOM   35   C CD1 . LEU A 1 39  ? -7.381  1.722   -19.612 1.00 51.64 ? 27  LEU A CD1 1 
ATOM   36   C CD2 . LEU A 1 39  ? -6.185  2.858   -17.727 1.00 48.61 ? 27  LEU A CD2 1 
ATOM   37   N N   . ALA A 1 40  ? -2.532  4.050   -21.458 1.00 38.34 ? 28  ALA A N   1 
ATOM   38   C CA  . ALA A 1 40  ? -1.226  3.842   -22.103 1.00 36.94 ? 28  ALA A CA  1 
ATOM   39   C C   . ALA A 1 40  ? -0.174  4.653   -21.348 1.00 33.83 ? 28  ALA A C   1 
ATOM   40   O O   . ALA A 1 40  ? 0.931   4.141   -21.162 1.00 39.00 ? 28  ALA A O   1 
ATOM   41   C CB  . ALA A 1 40  ? -1.296  4.216   -23.570 1.00 41.69 ? 28  ALA A CB  1 
ATOM   42   N N   . ILE A 1 41  ? -0.478  5.884   -20.941 1.00 30.91 ? 29  ILE A N   1 
ATOM   43   C CA  . ILE A 1 41  ? 0.513   6.716   -20.196 1.00 30.83 ? 29  ILE A CA  1 
ATOM   44   C C   . ILE A 1 41  ? 0.798   6.007   -18.859 1.00 28.07 ? 29  ILE A C   1 
ATOM   45   O O   . ILE A 1 41  ? 1.951   5.865   -18.521 1.00 29.53 ? 29  ILE A O   1 
ATOM   46   C CB  . ILE A 1 41  ? 0.039   8.172   -20.006 1.00 30.26 ? 29  ILE A CB  1 
ATOM   47   C CG1 . ILE A 1 41  ? 0.009   8.945   -21.335 1.00 31.30 ? 29  ILE A CG1 1 
ATOM   48   C CG2 . ILE A 1 41  ? 0.898   8.883   -18.959 1.00 29.62 ? 29  ILE A CG2 1 
ATOM   49   C CD1 . ILE A 1 41  ? -0.772  10.258  -21.271 1.00 32.13 ? 29  ILE A CD1 1 
ATOM   50   N N   . LEU A 1 42  ? -0.236  5.571   -18.145 1.00 31.74 ? 30  LEU A N   1 
ATOM   51   C CA  . LEU A 1 42  ? -0.105  4.919   -16.813 1.00 31.56 ? 30  LEU A CA  1 
ATOM   52   C C   . LEU A 1 42  ? 0.738   3.647   -16.955 1.00 31.74 ? 30  LEU A C   1 
ATOM   53   O O   . LEU A 1 42  ? 1.708   3.504   -16.167 1.00 31.55 ? 30  LEU A O   1 
ATOM   54   C CB  . LEU A 1 42  ? -1.488  4.618   -16.240 1.00 30.51 ? 30  LEU A CB  1 
ATOM   55   C CG  . LEU A 1 42  ? -2.317  5.855   -15.901 1.00 28.49 ? 30  LEU A CG  1 
ATOM   56   C CD1 . LEU A 1 42  ? -3.774  5.503   -15.650 1.00 30.74 ? 30  LEU A CD1 1 
ATOM   57   C CD2 . LEU A 1 42  ? -1.717  6.607   -14.736 1.00 30.86 ? 30  LEU A CD2 1 
ATOM   58   N N   . ALA A 1 43  ? 0.424   2.789   -17.933 1.00 32.40 ? 31  ALA A N   1 
ATOM   59   C CA  . ALA A 1 43  ? 1.141   1.505   -18.146 1.00 31.92 ? 31  ALA A CA  1 
ATOM   60   C C   . ALA A 1 43  ? 2.609   1.782   -18.465 1.00 33.73 ? 31  ALA A C   1 
ATOM   61   O O   . ALA A 1 43  ? 3.509   1.136   -17.877 1.00 33.22 ? 31  ALA A O   1 
ATOM   62   C CB  . ALA A 1 43  ? 0.482   0.703   -19.229 1.00 32.50 ? 31  ALA A CB  1 
ATOM   63   N N   . THR A 1 44  ? 2.867   2.741   -19.345 1.00 33.97 ? 32  THR A N   1 
ATOM   64   C CA  . THR A 1 44  ? 4.248   3.145   -19.706 1.00 33.94 ? 32  THR A CA  1 
ATOM   65   C C   . THR A 1 44  ? 4.979   3.551   -18.432 1.00 33.44 ? 32  THR A C   1 
ATOM   66   O O   . THR A 1 44  ? 6.117   3.090   -18.237 1.00 32.77 ? 32  THR A O   1 
ATOM   67   C CB  . THR A 1 44  ? 4.253   4.304   -20.714 1.00 33.87 ? 32  THR A CB  1 
ATOM   68   O OG1 . THR A 1 44  ? 3.498   3.897   -21.847 1.00 36.33 ? 32  THR A OG1 1 
ATOM   69   C CG2 . THR A 1 44  ? 5.630   4.723   -21.144 1.00 33.45 ? 32  THR A CG2 1 
ATOM   70   N N   . ALA A 1 45  ? 4.397   4.448   -17.630 1.00 31.06 ? 33  ALA A N   1 
ATOM   71   C CA  . ALA A 1 45  ? 5.050   4.945   -16.396 1.00 30.74 ? 33  ALA A CA  1 
ATOM   72   C C   . ALA A 1 45  ? 5.324   3.743   -15.464 1.00 31.59 ? 33  ALA A C   1 
ATOM   73   O O   . ALA A 1 45  ? 6.446   3.669   -14.916 1.00 29.24 ? 33  ALA A O   1 
ATOM   74   C CB  . ALA A 1 45  ? 4.201   5.990   -15.720 1.00 31.40 ? 33  ALA A CB  1 
ATOM   75   N N   . GLU A 1 46  ? 4.363   2.825   -15.300 1.00 29.13 ? 34  GLU A N   1 
ATOM   76   C CA  . GLU A 1 46  ? 4.558   1.673   -14.375 1.00 30.98 ? 34  GLU A CA  1 
ATOM   77   C C   . GLU A 1 46  ? 5.707   0.822   -14.938 1.00 35.26 ? 34  GLU A C   1 
ATOM   78   O O   . GLU A 1 46  ? 6.663   0.524   -14.191 1.00 28.97 ? 34  GLU A O   1 
ATOM   79   C CB  . GLU A 1 46  ? 3.273   0.871   -14.163 1.00 31.19 ? 34  GLU A CB  1 
ATOM   80   C CG  . GLU A 1 46  ? 3.462   -0.296  -13.190 1.00 33.24 ? 34  GLU A CG  1 
ATOM   81   C CD  . GLU A 1 46  ? 2.207   -0.827  -12.523 1.00 35.23 ? 34  GLU A CD  1 
ATOM   82   O OE1 . GLU A 1 46  ? 1.121   -0.664  -13.083 1.00 38.38 ? 34  GLU A OE1 1 
ATOM   83   O OE2 . GLU A 1 46  ? 2.317   -1.408  -11.440 1.00 35.84 ? 34  GLU A OE2 1 
ATOM   84   N N   . ASN A 1 47  ? 5.682   0.542   -16.241 1.00 35.74 ? 35  ASN A N   1 
ATOM   85   C CA  . ASN A 1 47  ? 6.785   -0.183  -16.918 1.00 37.88 ? 35  ASN A CA  1 
ATOM   86   C C   . ASN A 1 47  ? 8.132   0.495   -16.680 1.00 38.22 ? 35  ASN A C   1 
ATOM   87   O O   . ASN A 1 47  ? 9.059   -0.194  -16.277 1.00 39.22 ? 35  ASN A O   1 
ATOM   88   C CB  . ASN A 1 47  ? 6.492   -0.407  -18.387 1.00 41.73 ? 35  ASN A CB  1 
ATOM   89   C CG  . ASN A 1 47  ? 5.861   -1.760  -18.539 1.00 51.46 ? 35  ASN A CG  1 
ATOM   90   O OD1 . ASN A 1 47  ? 6.563   -2.713  -18.865 1.00 72.86 ? 35  ASN A OD1 1 
ATOM   91   N ND2 . ASN A 1 47  ? 4.588   -1.874  -18.194 1.00 53.09 ? 35  ASN A ND2 1 
ATOM   92   N N   . LEU A 1 48  ? 8.261   1.793   -16.877 1.00 39.59 ? 36  LEU A N   1 
ATOM   93   C CA  . LEU A 1 48  ? 9.585   2.448   -16.762 1.00 39.90 ? 36  LEU A CA  1 
ATOM   94   C C   . LEU A 1 48  ? 10.021  2.558   -15.296 1.00 41.26 ? 36  LEU A C   1 
ATOM   95   O O   . LEU A 1 48  ? 11.241  2.580   -15.049 1.00 41.60 ? 36  LEU A O   1 
ATOM   96   C CB  . LEU A 1 48  ? 9.526   3.820   -17.436 1.00 44.81 ? 36  LEU A CB  1 
ATOM   97   C CG  . LEU A 1 48  ? 9.270   3.787   -18.945 1.00 48.03 ? 36  LEU A CG  1 
ATOM   98   C CD1 . LEU A 1 48  ? 9.269   5.198   -19.504 1.00 49.52 ? 36  LEU A CD1 1 
ATOM   99   C CD2 . LEU A 1 48  ? 10.291  2.918   -19.660 1.00 46.61 ? 36  LEU A CD2 1 
ATOM   100  N N   . LEU A 1 49  ? 9.083   2.644   -14.351 1.00 38.41 ? 37  LEU A N   1 
ATOM   101  C CA  . LEU A 1 49  ? 9.427   2.733   -12.910 1.00 36.61 ? 37  LEU A CA  1 
ATOM   102  C C   . LEU A 1 49  ? 10.106  1.446   -12.433 1.00 35.23 ? 37  LEU A C   1 
ATOM   103  O O   . LEU A 1 49  ? 10.772  1.524   -11.398 1.00 34.81 ? 37  LEU A O   1 
ATOM   104  C CB  . LEU A 1 49  ? 8.179   3.066   -12.097 1.00 36.79 ? 37  LEU A CB  1 
ATOM   105  C CG  . LEU A 1 49  ? 7.863   4.564   -12.153 1.00 37.02 ? 37  LEU A CG  1 
ATOM   106  C CD1 . LEU A 1 49  ? 6.468   4.872   -11.646 1.00 33.39 ? 37  LEU A CD1 1 
ATOM   107  C CD2 . LEU A 1 49  ? 8.907   5.363   -11.395 1.00 36.22 ? 37  LEU A CD2 1 
ATOM   108  N N   . GLU A 1 50  ? 9.934   0.325   -13.141 1.00 36.31 ? 38  GLU A N   1 
ATOM   109  C CA  . GLU A 1 50  ? 10.616  -0.962  -12.829 1.00 42.24 ? 38  GLU A CA  1 
ATOM   110  C C   . GLU A 1 50  ? 12.100  -0.844  -13.177 1.00 45.81 ? 38  GLU A C   1 
ATOM   111  O O   . GLU A 1 50  ? 12.885  -1.438  -12.465 1.00 47.84 ? 38  GLU A O   1 
ATOM   112  C CB  . GLU A 1 50  ? 9.896   -2.128  -13.507 1.00 47.41 ? 38  GLU A CB  1 
ATOM   113  C CG  . GLU A 1 50  ? 8.601   -2.466  -12.776 1.00 58.10 ? 38  GLU A CG  1 
ATOM   114  C CD  . GLU A 1 50  ? 7.498   -3.106  -13.593 1.00 65.96 ? 38  GLU A CD  1 
ATOM   115  O OE1 . GLU A 1 50  ? 7.812   -4.018  -14.364 1.00 72.85 ? 38  GLU A OE1 1 
ATOM   116  O OE2 . GLU A 1 50  ? 6.321   -2.676  -13.457 1.00 73.65 ? 38  GLU A OE2 1 
ATOM   117  N N   . ASP A 1 51  ? 12.461  0.006   -14.142 1.00 53.79 ? 39  ASP A N   1 
ATOM   118  C CA  . ASP A 1 51  ? 13.860  0.219   -14.604 1.00 55.24 ? 39  ASP A CA  1 
ATOM   119  C C   . ASP A 1 51  ? 14.557  1.353   -13.853 1.00 51.96 ? 39  ASP A C   1 
ATOM   120  O O   . ASP A 1 51  ? 15.763  1.250   -13.700 1.00 52.92 ? 39  ASP A O   1 
ATOM   121  C CB  . ASP A 1 51  ? 13.929  0.536   -16.098 1.00 63.80 ? 39  ASP A CB  1 
ATOM   122  C CG  . ASP A 1 51  ? 14.159  -0.712  -16.926 1.00 73.54 ? 39  ASP A CG  1 
ATOM   123  O OD1 . ASP A 1 51  ? 13.834  -1.807  -16.422 1.00 80.13 ? 39  ASP A OD1 1 
ATOM   124  O OD2 . ASP A 1 51  ? 14.673  -0.584  -18.054 1.00 81.71 ? 39  ASP A OD2 1 
ATOM   125  N N   . ARG A 1 52  ? 13.886  2.439   -13.479 1.00 51.50 ? 40  ARG A N   1 
ATOM   126  C CA  . ARG A 1 52  ? 14.608  3.598   -12.892 1.00 47.87 ? 40  ARG A CA  1 
ATOM   127  C C   . ARG A 1 52  ? 13.661  4.512   -12.137 1.00 45.82 ? 40  ARG A C   1 
ATOM   128  O O   . ARG A 1 52  ? 12.436  4.400   -12.250 1.00 39.25 ? 40  ARG A O   1 
ATOM   129  C CB  . ARG A 1 52  ? 15.329  4.379   -13.993 1.00 60.01 ? 40  ARG A CB  1 
ATOM   130  C CG  . ARG A 1 52  ? 14.574  4.490   -15.310 1.00 61.86 ? 40  ARG A CG  1 
ATOM   131  C CD  . ARG A 1 52  ? 15.464  5.242   -16.284 1.00 68.71 ? 40  ARG A CD  1 
ATOM   132  N NE  . ARG A 1 52  ? 14.698  6.030   -17.235 1.00 66.51 ? 40  ARG A NE  1 
ATOM   133  C CZ  . ARG A 1 52  ? 14.078  5.546   -18.307 1.00 62.43 ? 40  ARG A CZ  1 
ATOM   134  N NH1 . ARG A 1 52  ? 14.114  4.252   -18.598 1.00 60.62 ? 40  ARG A NH1 1 
ATOM   135  N NH2 . ARG A 1 52  ? 13.405  6.376   -19.078 1.00 60.07 ? 40  ARG A NH2 1 
ATOM   136  N N   . PRO A 1 53  ? 14.230  5.417   -11.316 1.00 40.71 ? 41  PRO A N   1 
ATOM   137  C CA  . PRO A 1 53  ? 13.425  6.348   -10.526 1.00 43.29 ? 41  PRO A CA  1 
ATOM   138  C C   . PRO A 1 53  ? 12.634  7.331   -11.407 1.00 44.09 ? 41  PRO A C   1 
ATOM   139  O O   . PRO A 1 53  ? 12.944  7.475   -12.583 1.00 46.36 ? 41  PRO A O   1 
ATOM   140  C CB  . PRO A 1 53  ? 14.440  7.093   -9.644  1.00 44.05 ? 41  PRO A CB  1 
ATOM   141  C CG  . PRO A 1 53  ? 15.782  6.871   -10.335 1.00 43.34 ? 41  PRO A CG  1 
ATOM   142  C CD  . PRO A 1 53  ? 15.678  5.554   -11.075 1.00 42.23 ? 41  PRO A CD  1 
ATOM   143  N N   . LEU A 1 54  ? 11.640  7.982   -10.808 1.00 44.97 ? 42  LEU A N   1 
ATOM   144  C CA  . LEU A 1 54  ? 10.786  8.987   -11.487 1.00 49.66 ? 42  LEU A CA  1 
ATOM   145  C C   . LEU A 1 54  ? 11.648  10.157  -12.004 1.00 53.34 ? 42  LEU A C   1 
ATOM   146  O O   . LEU A 1 54  ? 11.339  10.663  -13.090 1.00 54.07 ? 42  LEU A O   1 
ATOM   147  C CB  . LEU A 1 54  ? 9.705   9.482   -10.526 1.00 45.98 ? 42  LEU A CB  1 
ATOM   148  C CG  . LEU A 1 54  ? 8.675   10.398  -11.185 1.00 45.43 ? 42  LEU A CG  1 
ATOM   149  C CD1 . LEU A 1 54  ? 7.841   9.640   -12.232 1.00 42.47 ? 42  LEU A CD1 1 
ATOM   150  C CD2 . LEU A 1 54  ? 7.806   11.059  -10.134 1.00 47.04 ? 42  LEU A CD2 1 
ATOM   151  N N   . ALA A 1 55  ? 12.685  10.562  -11.264 1.00 57.28 ? 43  ALA A N   1 
ATOM   152  C CA  . ALA A 1 55  ? 13.665  11.610  -11.647 1.00 54.90 ? 43  ALA A CA  1 
ATOM   153  C C   . ALA A 1 55  ? 14.381  11.259  -12.966 1.00 58.00 ? 43  ALA A C   1 
ATOM   154  O O   . ALA A 1 55  ? 14.803  12.190  -13.687 1.00 61.07 ? 43  ALA A O   1 
ATOM   155  C CB  . ALA A 1 55  ? 14.651  11.807  -10.525 1.00 51.88 ? 43  ALA A CB  1 
ATOM   156  N N   . ASP A 1 56  ? 14.523  9.980   -13.307 1.00 52.87 ? 44  ASP A N   1 
ATOM   157  C CA  . ASP A 1 56  ? 15.161  9.569   -14.584 1.00 48.92 ? 44  ASP A CA  1 
ATOM   158  C C   . ASP A 1 56  ? 14.100  9.262   -15.638 1.00 46.25 ? 44  ASP A C   1 
ATOM   159  O O   . ASP A 1 56  ? 14.476  8.703   -16.683 1.00 47.21 ? 44  ASP A O   1 
ATOM   160  C CB  . ASP A 1 56  ? 16.040  8.331   -14.423 1.00 54.63 ? 44  ASP A CB  1 
ATOM   161  C CG  . ASP A 1 56  ? 17.220  8.476   -13.479 1.00 55.36 ? 44  ASP A CG  1 
ATOM   162  O OD1 . ASP A 1 56  ? 17.186  9.373   -12.600 1.00 58.53 ? 44  ASP A OD1 1 
ATOM   163  O OD2 . ASP A 1 56  ? 18.161  7.664   -13.617 1.00 59.16 ? 44  ASP A OD2 1 
ATOM   164  N N   . ILE A 1 57  ? 12.821  9.550   -15.377 1.00 46.09 ? 45  ILE A N   1 
ATOM   165  C CA  . ILE A 1 57  ? 11.763  9.460   -16.431 1.00 47.13 ? 45  ILE A CA  1 
ATOM   166  C C   . ILE A 1 57  ? 11.276  10.888  -16.746 1.00 47.12 ? 45  ILE A C   1 
ATOM   167  O O   . ILE A 1 57  ? 10.945  11.665  -15.810 1.00 47.23 ? 45  ILE A O   1 
ATOM   168  C CB  . ILE A 1 57  ? 10.624  8.501   -16.017 1.00 47.95 ? 45  ILE A CB  1 
ATOM   169  C CG1 . ILE A 1 57  ? 11.156  7.127   -15.597 1.00 47.83 ? 45  ILE A CG1 1 
ATOM   170  C CG2 . ILE A 1 57  ? 9.598   8.357   -17.131 1.00 49.59 ? 45  ILE A CG2 1 
ATOM   171  C CD1 . ILE A 1 57  ? 10.116  6.205   -14.980 1.00 42.87 ? 45  ILE A CD1 1 
ATOM   172  N N   . SER A 1 58  ? 11.272  11.246  -18.029 1.00 50.51 ? 46  SER A N   1 
ATOM   173  C CA  . SER A 1 58  ? 10.847  12.578  -18.550 1.00 53.58 ? 46  SER A CA  1 
ATOM   174  C C   . SER A 1 58  ? 9.427   12.440  -19.104 1.00 50.14 ? 46  SER A C   1 
ATOM   175  O O   . SER A 1 58  ? 9.036   11.293  -19.464 1.00 45.83 ? 46  SER A O   1 
ATOM   176  C CB  . SER A 1 58  ? 11.805  13.089  -19.619 1.00 48.54 ? 46  SER A CB  1 
ATOM   177  O OG  . SER A 1 58  ? 11.777  12.212  -20.745 1.00 45.01 ? 46  SER A OG  1 
ATOM   178  N N   . VAL A 1 59  ? 8.694   13.554  -19.219 1.00 50.23 ? 47  VAL A N   1 
ATOM   179  C CA  . VAL A 1 59  ? 7.338   13.558  -19.851 1.00 46.63 ? 47  VAL A CA  1 
ATOM   180  C C   . VAL A 1 59  ? 7.481   12.983  -21.271 1.00 46.91 ? 47  VAL A C   1 
ATOM   181  O O   . VAL A 1 59  ? 6.556   12.321  -21.765 1.00 48.98 ? 47  VAL A O   1 
ATOM   182  C CB  . VAL A 1 59  ? 6.717   14.968  -19.805 1.00 48.95 ? 47  VAL A CB  1 
ATOM   183  C CG1 . VAL A 1 59  ? 5.382   15.016  -20.524 1.00 50.02 ? 47  VAL A CG1 1 
ATOM   184  C CG2 . VAL A 1 59  ? 6.571   15.479  -18.373 1.00 50.24 ? 47  VAL A CG2 1 
ATOM   185  N N   . ASP A 1 60  ? 8.657   13.145  -21.877 1.00 55.78 ? 48  ASP A N   1 
ATOM   186  C CA  . ASP A 1 60  ? 8.970   12.674  -23.257 1.00 60.03 ? 48  ASP A CA  1 
ATOM   187  C C   . ASP A 1 60  ? 8.970   11.143  -23.306 1.00 55.21 ? 48  ASP A C   1 
ATOM   188  O O   . ASP A 1 60  ? 8.395   10.548  -24.274 1.00 47.61 ? 48  ASP A O   1 
ATOM   189  C CB  . ASP A 1 60  ? 10.297  13.279  -23.733 1.00 65.81 ? 48  ASP A CB  1 
ATOM   190  C CG  . ASP A 1 60  ? 10.423  14.745  -23.348 1.00 72.24 ? 48  ASP A CG  1 
ATOM   191  O OD1 . ASP A 1 60  ? 9.783   15.586  -24.046 1.00 68.78 ? 48  ASP A OD1 1 
ATOM   192  O OD2 . ASP A 1 60  ? 11.081  15.029  -22.300 1.00 74.64 ? 48  ASP A OD2 1 
ATOM   193  N N   . ASP A 1 61  ? 9.605   10.519  -22.305 1.00 60.62 ? 49  ASP A N   1 
ATOM   194  C CA  . ASP A 1 61  ? 9.615   9.041   -22.139 1.00 53.63 ? 49  ASP A CA  1 
ATOM   195  C C   . ASP A 1 61  ? 8.161   8.544   -22.100 1.00 45.24 ? 49  ASP A C   1 
ATOM   196  O O   . ASP A 1 61  ? 7.797   7.621   -22.862 1.00 43.28 ? 49  ASP A O   1 
ATOM   197  C CB  . ASP A 1 61  ? 10.391  8.641   -20.883 1.00 61.91 ? 49  ASP A CB  1 
ATOM   198  C CG  . ASP A 1 61  ? 11.841  9.101   -20.830 1.00 63.85 ? 49  ASP A CG  1 
ATOM   199  O OD1 . ASP A 1 61  ? 12.586  8.790   -21.763 1.00 61.10 ? 49  ASP A OD1 1 
ATOM   200  O OD2 . ASP A 1 61  ? 12.221  9.731   -19.823 1.00 66.49 ? 49  ASP A OD2 1 
ATOM   201  N N   . LEU A 1 62  ? 7.318   9.163   -21.279 1.00 43.95 ? 50  LEU A N   1 
ATOM   202  C CA  . LEU A 1 62  ? 5.927   8.677   -21.069 1.00 39.21 ? 50  LEU A CA  1 
ATOM   203  C C   . LEU A 1 62  ? 5.137   8.880   -22.350 1.00 37.63 ? 50  LEU A C   1 
ATOM   204  O O   . LEU A 1 62  ? 4.427   7.948   -22.799 1.00 37.88 ? 50  LEU A O   1 
ATOM   205  C CB  . LEU A 1 62  ? 5.315   9.451   -19.907 1.00 42.04 ? 50  LEU A CB  1 
ATOM   206  C CG  . LEU A 1 62  ? 6.035   9.252   -18.580 1.00 44.02 ? 50  LEU A CG  1 
ATOM   207  C CD1 . LEU A 1 62  ? 5.429   10.150  -17.507 1.00 44.89 ? 50  LEU A CD1 1 
ATOM   208  C CD2 . LEU A 1 62  ? 5.987   7.777   -18.184 1.00 45.88 ? 50  LEU A CD2 1 
ATOM   209  N N   . ALA A 1 63  ? 5.281   10.078  -22.926 1.00 43.83 ? 51  ALA A N   1 
ATOM   210  C CA  . ALA A 1 63  ? 4.675   10.457  -24.222 1.00 42.43 ? 51  ALA A CA  1 
ATOM   211  C C   . ALA A 1 63  ? 5.035   9.376   -25.248 1.00 37.48 ? 51  ALA A C   1 
ATOM   212  O O   . ALA A 1 63  ? 4.123   8.757   -25.830 1.00 36.30 ? 51  ALA A O   1 
ATOM   213  C CB  . ALA A 1 63  ? 5.176   11.835  -24.618 1.00 44.75 ? 51  ALA A CB  1 
ATOM   214  N N   . LYS A 1 64  ? 6.323   9.124   -25.454 1.00 44.04 ? 52  LYS A N   1 
ATOM   215  C CA  . LYS A 1 64  ? 6.720   8.183   -26.538 1.00 49.96 ? 52  LYS A CA  1 
ATOM   216  C C   . LYS A 1 64  ? 6.064   6.826   -26.263 1.00 50.40 ? 52  LYS A C   1 
ATOM   217  O O   . LYS A 1 64  ? 5.369   6.322   -27.149 1.00 47.83 ? 52  LYS A O   1 
ATOM   218  C CB  . LYS A 1 64  ? 8.237   8.087   -26.657 1.00 60.97 ? 52  LYS A CB  1 
ATOM   219  C CG  . LYS A 1 64  ? 8.714   7.086   -27.707 1.00 70.39 ? 52  LYS A CG  1 
ATOM   220  C CD  . LYS A 1 64  ? 10.189  7.213   -28.060 1.00 79.80 ? 52  LYS A CD  1 
ATOM   221  C CE  . LYS A 1 64  ? 11.085  7.502   -26.869 1.00 79.35 ? 52  LYS A CE  1 
ATOM   222  N NZ  . LYS A 1 64  ? 12.497  7.655   -27.290 1.00 75.49 ? 52  LYS A NZ  1 
ATOM   223  N N   . GLY A 1 65  ? 6.192   6.304   -25.036 1.00 52.55 ? 53  GLY A N   1 
ATOM   224  C CA  . GLY A 1 65  ? 5.658   4.979   -24.672 1.00 44.18 ? 53  GLY A CA  1 
ATOM   225  C C   . GLY A 1 65  ? 4.183   4.856   -24.975 1.00 45.16 ? 53  GLY A C   1 
ATOM   226  O O   . GLY A 1 65  ? 3.752   3.738   -25.320 1.00 42.24 ? 53  GLY A O   1 
ATOM   227  N N   . ALA A 1 66  ? 3.412   5.944   -24.871 1.00 43.34 ? 54  ALA A N   1 
ATOM   228  C CA  . ALA A 1 66  ? 1.941   5.923   -25.074 1.00 41.68 ? 54  ALA A CA  1 
ATOM   229  C C   . ALA A 1 66  ? 1.570   6.242   -26.523 1.00 40.99 ? 54  ALA A C   1 
ATOM   230  O O   . ALA A 1 66  ? 0.356   6.183   -26.843 1.00 44.98 ? 54  ALA A O   1 
ATOM   231  C CB  . ALA A 1 66  ? 1.273   6.892   -24.124 1.00 45.44 ? 54  ALA A CB  1 
ATOM   232  N N   . GLY A 1 67  ? 2.546   6.575   -27.371 1.00 46.68 ? 55  GLY A N   1 
ATOM   233  C CA  . GLY A 1 67  ? 2.317   6.798   -28.822 1.00 48.01 ? 55  GLY A CA  1 
ATOM   234  C C   . GLY A 1 67  ? 1.631   8.131   -29.092 1.00 41.19 ? 55  GLY A C   1 
ATOM   235  O O   . GLY A 1 67  ? 0.711   8.193   -29.951 1.00 38.44 ? 55  GLY A O   1 
ATOM   236  N N   . ILE A 1 68  ? 2.029   9.146   -28.329 1.00 41.92 ? 56  ILE A N   1 
ATOM   237  C CA  . ILE A 1 68  ? 1.456   10.527  -28.353 1.00 41.29 ? 56  ILE A CA  1 
ATOM   238  C C   . ILE A 1 68  ? 2.615   11.507  -28.255 1.00 36.70 ? 56  ILE A C   1 
ATOM   239  O O   . ILE A 1 68  ? 3.676   11.114  -27.767 1.00 37.01 ? 56  ILE A O   1 
ATOM   240  C CB  . ILE A 1 68  ? 0.467   10.763  -27.195 1.00 40.45 ? 56  ILE A CB  1 
ATOM   241  C CG1 . ILE A 1 68  ? 1.130   10.572  -25.821 1.00 40.94 ? 56  ILE A CG1 1 
ATOM   242  C CG2 . ILE A 1 68  ? -0.777  9.909   -27.383 1.00 40.11 ? 56  ILE A CG2 1 
ATOM   243  C CD1 . ILE A 1 68  ? 0.296   11.016  -24.630 1.00 42.00 ? 56  ILE A CD1 1 
ATOM   244  N N   . SER A 1 69  ? 2.391   12.763  -28.638 1.00 37.56 ? 57  SER A N   1 
ATOM   245  C CA  . SER A 1 69  ? 3.378   13.860  -28.461 1.00 33.42 ? 57  SER A CA  1 
ATOM   246  C C   . SER A 1 69  ? 3.401   14.285  -26.998 1.00 33.10 ? 57  SER A C   1 
ATOM   247  O O   . SER A 1 69  ? 2.421   14.035  -26.265 1.00 34.84 ? 57  SER A O   1 
ATOM   248  C CB  . SER A 1 69  ? 3.031   15.047  -29.337 1.00 35.94 ? 57  SER A CB  1 
ATOM   249  O OG  . SER A 1 69  ? 1.920   15.780  -28.795 1.00 31.22 ? 57  SER A OG  1 
ATOM   250  N N   . ARG A 1 70  ? 4.413   15.060  -26.650 1.00 34.05 ? 58  ARG A N   1 
ATOM   251  C CA  . ARG A 1 70  ? 4.553   15.732  -25.347 1.00 38.97 ? 58  ARG A CA  1 
ATOM   252  C C   . ARG A 1 70  ? 3.383   16.684  -25.105 1.00 41.27 ? 58  ARG A C   1 
ATOM   253  O O   . ARG A 1 70  ? 2.802   16.649  -24.019 1.00 36.63 ? 58  ARG A O   1 
ATOM   254  C CB  . ARG A 1 70  ? 5.936   16.395  -25.278 1.00 48.11 ? 58  ARG A CB  1 
ATOM   255  C CG  . ARG A 1 70  ? 6.035   17.551  -24.294 1.00 56.37 ? 58  ARG A CG  1 
ATOM   256  C CD  . ARG A 1 70  ? 7.343   18.320  -24.399 1.00 61.17 ? 58  ARG A CD  1 
ATOM   257  N NE  . ARG A 1 70  ? 7.643   18.921  -23.113 1.00 64.32 ? 58  ARG A NE  1 
ATOM   258  C CZ  . ARG A 1 70  ? 8.253   18.293  -22.103 1.00 68.40 ? 58  ARG A CZ  1 
ATOM   259  N NH1 . ARG A 1 70  ? 8.462   18.917  -20.956 1.00 68.80 ? 58  ARG A NH1 1 
ATOM   260  N NH2 . ARG A 1 70  ? 8.664   17.047  -22.246 1.00 67.43 ? 58  ARG A NH2 1 
ATOM   261  N N   . PRO A 1 71  ? 3.003   17.623  -26.017 1.00 34.05 ? 59  PRO A N   1 
ATOM   262  C CA  . PRO A 1 71  ? 1.906   18.518  -25.689 1.00 32.86 ? 59  PRO A CA  1 
ATOM   263  C C   . PRO A 1 71  ? 0.635   17.687  -25.474 1.00 26.47 ? 59  PRO A C   1 
ATOM   264  O O   . PRO A 1 71  ? -0.133  18.059  -24.625 1.00 26.13 ? 59  PRO A O   1 
ATOM   265  C CB  . PRO A 1 71  ? 1.845   19.524  -26.852 1.00 33.90 ? 59  PRO A CB  1 
ATOM   266  C CG  . PRO A 1 71  ? 2.623   18.879  -27.963 1.00 33.24 ? 59  PRO A CG  1 
ATOM   267  C CD  . PRO A 1 71  ? 3.629   17.948  -27.305 1.00 35.72 ? 59  PRO A CD  1 
ATOM   268  N N   . THR A 1 72  ? 0.458   16.585  -26.211 1.00 27.75 ? 60  THR A N   1 
ATOM   269  C CA  . THR A 1 72  ? -0.750  15.724  -26.056 1.00 27.10 ? 60  THR A CA  1 
ATOM   270  C C   . THR A 1 72  ? -0.720  15.085  -24.648 1.00 27.81 ? 60  THR A C   1 
ATOM   271  O O   . THR A 1 72  ? -1.790  15.031  -24.007 1.00 29.08 ? 60  THR A O   1 
ATOM   272  C CB  . THR A 1 72  ? -0.938  14.752  -27.229 1.00 27.23 ? 60  THR A CB  1 
ATOM   273  O OG1 . THR A 1 72  ? -1.209  15.429  -28.460 1.00 25.77 ? 60  THR A OG1 1 
ATOM   274  C CG2 . THR A 1 72  ? -2.104  13.817  -27.006 1.00 28.17 ? 60  THR A CG2 1 
ATOM   275  N N   . PHE A 1 73  ? 0.453   14.714  -24.129 1.00 27.90 ? 61  PHE A N   1 
ATOM   276  C CA  . PHE A 1 73  ? 0.596   14.218  -22.736 1.00 31.81 ? 61  PHE A CA  1 
ATOM   277  C C   . PHE A 1 73  ? -0.051  15.210  -21.769 1.00 37.68 ? 61  PHE A C   1 
ATOM   278  O O   . PHE A 1 73  ? -0.809  14.778  -20.886 1.00 35.18 ? 61  PHE A O   1 
ATOM   279  C CB  . PHE A 1 73  ? 2.058   14.058  -22.322 1.00 33.73 ? 61  PHE A CB  1 
ATOM   280  C CG  . PHE A 1 73  ? 2.257   13.795  -20.849 1.00 35.88 ? 61  PHE A CG  1 
ATOM   281  C CD1 . PHE A 1 73  ? 2.291   14.840  -19.926 1.00 37.92 ? 61  PHE A CD1 1 
ATOM   282  C CD2 . PHE A 1 73  ? 2.426   12.498  -20.381 1.00 37.45 ? 61  PHE A CD2 1 
ATOM   283  C CE1 . PHE A 1 73  ? 2.510   14.591  -18.571 1.00 39.53 ? 61  PHE A CE1 1 
ATOM   284  C CE2 . PHE A 1 73  ? 2.634   12.250  -19.025 1.00 41.47 ? 61  PHE A CE2 1 
ATOM   285  C CZ  . PHE A 1 73  ? 2.672   13.291  -18.120 1.00 39.06 ? 61  PHE A CZ  1 
ATOM   286  N N   . TYR A 1 74  ? 0.256   16.502  -21.920 1.00 36.09 ? 62  TYR A N   1 
ATOM   287  C CA  . TYR A 1 74  ? -0.180  17.555  -20.960 1.00 38.07 ? 62  TYR A CA  1 
ATOM   288  C C   . TYR A 1 74  ? -1.695  17.723  -20.976 1.00 35.66 ? 62  TYR A C   1 
ATOM   289  O O   . TYR A 1 74  ? -2.244  18.333  -20.070 1.00 40.85 ? 62  TYR A O   1 
ATOM   290  C CB  . TYR A 1 74  ? 0.534   18.872  -21.231 1.00 38.86 ? 62  TYR A CB  1 
ATOM   291  C CG  . TYR A 1 74  ? 1.923   18.851  -20.684 1.00 39.93 ? 62  TYR A CG  1 
ATOM   292  C CD1 . TYR A 1 74  ? 2.131   18.750  -19.319 1.00 36.41 ? 62  TYR A CD1 1 
ATOM   293  C CD2 . TYR A 1 74  ? 3.019   18.855  -21.524 1.00 43.82 ? 62  TYR A CD2 1 
ATOM   294  C CE1 . TYR A 1 74  ? 3.410   18.708  -18.796 1.00 37.57 ? 62  TYR A CE1 1 
ATOM   295  C CE2 . TYR A 1 74  ? 4.303   18.800  -21.008 1.00 46.80 ? 62  TYR A CE2 1 
ATOM   296  C CZ  . TYR A 1 74  ? 4.497   18.744  -19.640 1.00 37.88 ? 62  TYR A CZ  1 
ATOM   297  O OH  . TYR A 1 74  ? 5.768   18.685  -19.144 1.00 48.11 ? 62  TYR A OH  1 
ATOM   298  N N   . PHE A 1 75  ? -2.366  17.187  -21.977 1.00 34.89 ? 63  PHE A N   1 
ATOM   299  C CA  . PHE A 1 75  ? -3.835  17.164  -22.003 1.00 38.69 ? 63  PHE A CA  1 
ATOM   300  C C   . PHE A 1 75  ? -4.384  16.166  -20.973 1.00 45.01 ? 63  PHE A C   1 
ATOM   301  O O   . PHE A 1 75  ? -5.524  16.352  -20.525 1.00 43.56 ? 63  PHE A O   1 
ATOM   302  C CB  . PHE A 1 75  ? -4.345  16.807  -23.396 1.00 40.14 ? 63  PHE A CB  1 
ATOM   303  C CG  . PHE A 1 75  ? -5.837  16.896  -23.468 1.00 42.98 ? 63  PHE A CG  1 
ATOM   304  C CD1 . PHE A 1 75  ? -6.458  18.137  -23.385 1.00 48.36 ? 63  PHE A CD1 1 
ATOM   305  C CD2 . PHE A 1 75  ? -6.617  15.753  -23.516 1.00 46.99 ? 63  PHE A CD2 1 
ATOM   306  C CE1 . PHE A 1 75  ? -7.840  18.233  -23.406 1.00 50.21 ? 63  PHE A CE1 1 
ATOM   307  C CE2 . PHE A 1 75  ? -8.005  15.849  -23.548 1.00 50.80 ? 63  PHE A CE2 1 
ATOM   308  C CZ  . PHE A 1 75  ? -8.612  17.086  -23.495 1.00 50.33 ? 63  PHE A CZ  1 
ATOM   309  N N   . TYR A 1 76  ? -3.632  15.106  -20.651 1.00 39.94 ? 64  TYR A N   1 
ATOM   310  C CA  . TYR A 1 76  ? -4.083  14.006  -19.758 1.00 35.93 ? 64  TYR A CA  1 
ATOM   311  C C   . TYR A 1 76  ? -3.615  14.251  -18.320 1.00 33.32 ? 64  TYR A C   1 
ATOM   312  O O   . TYR A 1 76  ? -4.335  13.886  -17.429 1.00 37.34 ? 64  TYR A O   1 
ATOM   313  C CB  . TYR A 1 76  ? -3.603  12.673  -20.343 1.00 33.71 ? 64  TYR A CB  1 
ATOM   314  C CG  . TYR A 1 76  ? -4.343  12.335  -21.603 1.00 33.32 ? 64  TYR A CG  1 
ATOM   315  C CD1 . TYR A 1 76  ? -5.615  11.790  -21.555 1.00 38.04 ? 64  TYR A CD1 1 
ATOM   316  C CD2 . TYR A 1 76  ? -3.809  12.636  -22.843 1.00 35.70 ? 64  TYR A CD2 1 
ATOM   317  C CE1 . TYR A 1 76  ? -6.316  11.499  -22.716 1.00 42.45 ? 64  TYR A CE1 1 
ATOM   318  C CE2 . TYR A 1 76  ? -4.479  12.318  -24.012 1.00 37.71 ? 64  TYR A CE2 1 
ATOM   319  C CZ  . TYR A 1 76  ? -5.749  11.789  -23.945 1.00 40.26 ? 64  TYR A CZ  1 
ATOM   320  O OH  . TYR A 1 76  ? -6.409  11.512  -25.095 1.00 41.61 ? 64  TYR A OH  1 
ATOM   321  N N   . PHE A 1 77  ? -2.426  14.806  -18.123 1.00 34.30 ? 65  PHE A N   1 
ATOM   322  C CA  . PHE A 1 77  ? -1.756  14.927  -16.811 1.00 34.65 ? 65  PHE A CA  1 
ATOM   323  C C   . PHE A 1 77  ? -0.981  16.227  -16.827 1.00 37.96 ? 65  PHE A C   1 
ATOM   324  O O   . PHE A 1 77  ? -0.346  16.544  -17.845 1.00 32.18 ? 65  PHE A O   1 
ATOM   325  C CB  . PHE A 1 77  ? -0.761  13.784  -16.546 1.00 32.77 ? 65  PHE A CB  1 
ATOM   326  C CG  . PHE A 1 77  ? -1.425  12.445  -16.395 1.00 30.50 ? 65  PHE A CG  1 
ATOM   327  C CD1 . PHE A 1 77  ? -2.007  12.084  -15.190 1.00 30.39 ? 65  PHE A CD1 1 
ATOM   328  C CD2 . PHE A 1 77  ? -1.533  11.578  -17.475 1.00 30.47 ? 65  PHE A CD2 1 
ATOM   329  C CE1 . PHE A 1 77  ? -2.640  10.860  -15.049 1.00 29.16 ? 65  PHE A CE1 1 
ATOM   330  C CE2 . PHE A 1 77  ? -2.192  10.366  -17.339 1.00 30.90 ? 65  PHE A CE2 1 
ATOM   331  C CZ  . PHE A 1 77  ? -2.705  9.992   -16.115 1.00 33.86 ? 65  PHE A CZ  1 
ATOM   332  N N   . PRO A 1 78  ? -1.059  16.997  -15.715 1.00 37.40 ? 66  PRO A N   1 
ATOM   333  C CA  . PRO A 1 78  ? -0.271  18.212  -15.570 1.00 37.00 ? 66  PRO A CA  1 
ATOM   334  C C   . PRO A 1 78  ? 1.229   17.975  -15.434 1.00 40.14 ? 66  PRO A C   1 
ATOM   335  O O   . PRO A 1 78  ? 1.894   18.892  -15.704 1.00 41.07 ? 66  PRO A O   1 
ATOM   336  C CB  . PRO A 1 78  ? -0.858  18.914  -14.331 1.00 41.21 ? 66  PRO A CB  1 
ATOM   337  C CG  . PRO A 1 78  ? -1.620  17.836  -13.577 1.00 39.40 ? 66  PRO A CG  1 
ATOM   338  C CD  . PRO A 1 78  ? -2.029  16.814  -14.619 1.00 39.43 ? 66  PRO A CD  1 
ATOM   339  N N   . SER A 1 79  ? 1.708   16.766  -15.101 1.00 41.50 ? 67  SER A N   1 
ATOM   340  C CA  . SER A 1 79  ? 3.135   16.469  -14.757 1.00 41.49 ? 67  SER A CA  1 
ATOM   341  C C   . SER A 1 79  ? 3.397   14.950  -14.679 1.00 39.43 ? 67  SER A C   1 
ATOM   342  O O   . SER A 1 79  ? 2.419   14.189  -14.492 1.00 31.63 ? 67  SER A O   1 
ATOM   343  C CB  . SER A 1 79  ? 3.443   17.060  -13.423 1.00 43.10 ? 67  SER A CB  1 
ATOM   344  O OG  . SER A 1 79  ? 2.464   16.621  -12.496 1.00 37.65 ? 67  SER A OG  1 
ATOM   345  N N   . LYS A 1 80  ? 4.657   14.519  -14.716 1.00 38.41 ? 68  LYS A N   1 
ATOM   346  C CA  . LYS A 1 80  ? 4.996   13.094  -14.462 1.00 40.76 ? 68  LYS A CA  1 
ATOM   347  C C   . LYS A 1 80  ? 4.657   12.763  -12.990 1.00 42.05 ? 68  LYS A C   1 
ATOM   348  O O   . LYS A 1 80  ? 4.259   11.600  -12.726 1.00 41.53 ? 68  LYS A O   1 
ATOM   349  C CB  . LYS A 1 80  ? 6.438   12.781  -14.863 1.00 40.91 ? 68  LYS A CB  1 
ATOM   350  C CG  . LYS A 1 80  ? 7.488   13.501  -14.040 1.00 46.38 ? 68  LYS A CG  1 
ATOM   351  C CD  . LYS A 1 80  ? 8.894   13.227  -14.474 1.00 49.79 ? 68  LYS A CD  1 
ATOM   352  C CE  . LYS A 1 80  ? 9.861   14.131  -13.735 1.00 57.19 ? 68  LYS A CE  1 
ATOM   353  N NZ  . LYS A 1 80  ? 11.209  13.533  -13.632 1.00 61.07 ? 68  LYS A NZ  1 
ATOM   354  N N   . GLU A 1 81  ? 4.677   13.755  -12.090 1.00 40.88 ? 69  GLU A N   1 
ATOM   355  C CA  . GLU A 1 81  ? 4.334   13.568  -10.651 1.00 38.47 ? 69  GLU A CA  1 
ATOM   356  C C   . GLU A 1 81  ? 2.852   13.225  -10.551 1.00 38.20 ? 69  GLU A C   1 
ATOM   357  O O   . GLU A 1 81  ? 2.505   12.351  -9.745  1.00 39.38 ? 69  GLU A O   1 
ATOM   358  C CB  . GLU A 1 81  ? 4.679   14.789  -9.803  1.00 39.35 ? 69  GLU A CB  1 
ATOM   359  C CG  . GLU A 1 81  ? 6.174   14.983  -9.656  1.00 44.29 ? 69  GLU A CG  1 
ATOM   360  C CD  . GLU A 1 81  ? 6.880   15.714  -10.792 1.00 51.03 ? 69  GLU A CD  1 
ATOM   361  O OE1 . GLU A 1 81  ? 6.186   16.310  -11.649 1.00 50.64 ? 69  GLU A OE1 1 
ATOM   362  O OE2 . GLU A 1 81  ? 8.125   15.665  -10.835 1.00 55.15 ? 69  GLU A OE2 1 
ATOM   363  N N   . ALA A 1 82  ? 2.002   13.814  -11.388 1.00 33.79 ? 70  ALA A N   1 
ATOM   364  C CA  . ALA A 1 82  ? 0.550   13.510  -11.376 1.00 33.28 ? 70  ALA A CA  1 
ATOM   365  C C   . ALA A 1 82  ? 0.337   12.079  -11.888 1.00 30.21 ? 70  ALA A C   1 
ATOM   366  O O   . ALA A 1 82  ? -0.643  11.420  -11.471 1.00 28.57 ? 70  ALA A O   1 
ATOM   367  C CB  . ALA A 1 82  ? -0.237  14.516  -12.196 1.00 33.81 ? 70  ALA A CB  1 
ATOM   368  N N   . VAL A 1 83  ? 1.184   11.624  -12.811 1.00 29.02 ? 71  VAL A N   1 
ATOM   369  C CA  . VAL A 1 83  ? 1.099   10.223  -13.308 1.00 30.20 ? 71  VAL A CA  1 
ATOM   370  C C   . VAL A 1 83  ? 1.374   9.296   -12.103 1.00 28.08 ? 71  VAL A C   1 
ATOM   371  O O   . VAL A 1 83  ? 0.548   8.415   -11.883 1.00 27.68 ? 71  VAL A O   1 
ATOM   372  C CB  . VAL A 1 83  ? 2.012   9.967   -14.525 1.00 30.33 ? 71  VAL A CB  1 
ATOM   373  C CG1 . VAL A 1 83  ? 1.881   8.540   -15.056 1.00 28.98 ? 71  VAL A CG1 1 
ATOM   374  C CG2 . VAL A 1 83  ? 1.683   10.955  -15.643 1.00 29.31 ? 71  VAL A CG2 1 
ATOM   375  N N   . LEU A 1 84  ? 2.429   9.538   -11.314 1.00 29.12 ? 72  LEU A N   1 
ATOM   376  C CA  . LEU A 1 84  ? 2.757   8.659   -10.141 1.00 30.82 ? 72  LEU A CA  1 
ATOM   377  C C   . LEU A 1 84  ? 1.598   8.667   -9.144  1.00 27.55 ? 72  LEU A C   1 
ATOM   378  O O   . LEU A 1 84  ? 1.230   7.582   -8.611  1.00 30.51 ? 72  LEU A O   1 
ATOM   379  C CB  . LEU A 1 84  ? 4.060   9.111   -9.477  1.00 33.35 ? 72  LEU A CB  1 
ATOM   380  C CG  . LEU A 1 84  ? 4.507   8.343   -8.223  1.00 35.25 ? 72  LEU A CG  1 
ATOM   381  C CD1 . LEU A 1 84  ? 4.578   6.835   -8.455  1.00 35.97 ? 72  LEU A CD1 1 
ATOM   382  C CD2 . LEU A 1 84  ? 5.865   8.854   -7.757  1.00 34.71 ? 72  LEU A CD2 1 
ATOM   383  N N   . LEU A 1 85  ? 0.995   9.829   -8.912  1.00 28.77 ? 73  LEU A N   1 
ATOM   384  C CA  . LEU A 1 85  ? -0.092  9.995   -7.917  1.00 28.33 ? 73  LEU A CA  1 
ATOM   385  C C   . LEU A 1 85  ? -1.273  9.154   -8.371  1.00 29.46 ? 73  LEU A C   1 
ATOM   386  O O   . LEU A 1 85  ? -1.893  8.478   -7.509  1.00 28.37 ? 73  LEU A O   1 
ATOM   387  C CB  . LEU A 1 85  ? -0.439  11.482  -7.770  1.00 31.35 ? 73  LEU A CB  1 
ATOM   388  C CG  . LEU A 1 85  ? -1.699  11.781  -6.966  1.00 33.24 ? 73  LEU A CG  1 
ATOM   389  C CD1 . LEU A 1 85  ? -1.533  11.318  -5.522  1.00 32.36 ? 73  LEU A CD1 1 
ATOM   390  C CD2 . LEU A 1 85  ? -2.040  13.260  -7.044  1.00 33.78 ? 73  LEU A CD2 1 
ATOM   391  N N   . THR A 1 86  ? -1.573  9.154   -9.677  1.00 28.60 ? 74  THR A N   1 
ATOM   392  C CA  . THR A 1 86  ? -2.716  8.367   -10.193 1.00 28.42 ? 74  THR A CA  1 
ATOM   393  C C   . THR A 1 86  ? -2.424  6.875   -10.031 1.00 27.01 ? 74  THR A C   1 
ATOM   394  O O   . THR A 1 86  ? -3.345  6.131   -9.669  1.00 28.07 ? 74  THR A O   1 
ATOM   395  C CB  . THR A 1 86  ? -3.023  8.668   -11.659 1.00 30.52 ? 74  THR A CB  1 
ATOM   396  O OG1 . THR A 1 86  ? -3.220  10.074  -11.793 1.00 33.79 ? 74  THR A OG1 1 
ATOM   397  C CG2 . THR A 1 86  ? -4.240  7.915   -12.126 1.00 28.97 ? 74  THR A CG2 1 
ATOM   398  N N   . LEU A 1 87  ? -1.221  6.433   -10.383 1.00 27.58 ? 75  LEU A N   1 
ATOM   399  C CA  . LEU A 1 87  ? -0.854  5.001   -10.221 1.00 28.55 ? 75  LEU A CA  1 
ATOM   400  C C   . LEU A 1 87  ? -1.003  4.620   -8.745  1.00 26.61 ? 75  LEU A C   1 
ATOM   401  O O   . LEU A 1 87  ? -1.550  3.537   -8.453  1.00 26.30 ? 75  LEU A O   1 
ATOM   402  C CB  . LEU A 1 87  ? 0.583   4.770   -10.669 1.00 27.33 ? 75  LEU A CB  1 
ATOM   403  C CG  . LEU A 1 87  ? 0.811   4.841   -12.173 1.00 29.68 ? 75  LEU A CG  1 
ATOM   404  C CD1 . LEU A 1 87  ? 2.297   4.984   -12.450 1.00 33.06 ? 75  LEU A CD1 1 
ATOM   405  C CD2 . LEU A 1 87  ? 0.246   3.622   -12.856 1.00 30.40 ? 75  LEU A CD2 1 
ATOM   406  N N   . LEU A 1 88  ? -0.491  5.456   -7.840  1.00 27.26 ? 76  LEU A N   1 
ATOM   407  C CA  . LEU A 1 88  ? -0.521  5.111   -6.399  1.00 28.28 ? 76  LEU A CA  1 
ATOM   408  C C   . LEU A 1 88  ? -1.980  5.018   -5.988  1.00 26.63 ? 76  LEU A C   1 
ATOM   409  O O   . LEU A 1 88  ? -2.331  4.061   -5.310  1.00 26.63 ? 76  LEU A O   1 
ATOM   410  C CB  . LEU A 1 88  ? 0.228   6.128   -5.553  1.00 28.51 ? 76  LEU A CB  1 
ATOM   411  C CG  . LEU A 1 88  ? 0.295   5.783   -4.062  1.00 28.85 ? 76  LEU A CG  1 
ATOM   412  C CD1 . LEU A 1 88  ? 0.917   4.401   -3.870  1.00 29.15 ? 76  LEU A CD1 1 
ATOM   413  C CD2 . LEU A 1 88  ? 1.121   6.835   -3.321  1.00 27.72 ? 76  LEU A CD2 1 
ATOM   414  N N   . ASP A 1 89  ? -2.784  5.983   -6.425  1.00 29.55 ? 77  ASP A N   1 
ATOM   415  C CA  . ASP A 1 89  ? -4.218  6.099   -6.056  1.00 29.33 ? 77  ASP A CA  1 
ATOM   416  C C   . ASP A 1 89  ? -4.924  4.821   -6.507  1.00 28.21 ? 77  ASP A C   1 
ATOM   417  O O   . ASP A 1 89  ? -5.727  4.300   -5.756  1.00 26.61 ? 77  ASP A O   1 
ATOM   418  C CB  . ASP A 1 89  ? -4.837  7.374   -6.630  1.00 32.90 ? 77  ASP A CB  1 
ATOM   419  C CG  . ASP A 1 89  ? -6.304  7.485   -6.274  1.00 37.46 ? 77  ASP A CG  1 
ATOM   420  O OD1 . ASP A 1 89  ? -7.081  6.788   -6.894  1.00 48.69 ? 77  ASP A OD1 1 
ATOM   421  O OD2 . ASP A 1 89  ? -6.638  8.206   -5.353  1.00 45.45 ? 77  ASP A OD2 1 
ATOM   422  N N   . ARG A 1 90  ? -4.595  4.284   -7.681  1.00 28.34 ? 78  ARG A N   1 
ATOM   423  C CA  . ARG A 1 90  ? -5.248  3.035   -8.156  1.00 29.63 ? 78  ARG A CA  1 
ATOM   424  C C   . ARG A 1 90  ? -4.823  1.831   -7.309  1.00 24.80 ? 78  ARG A C   1 
ATOM   425  O O   . ARG A 1 90  ? -5.670  1.021   -6.983  1.00 24.02 ? 78  ARG A O   1 
ATOM   426  C CB  . ARG A 1 90  ? -4.936  2.855   -9.639  1.00 36.78 ? 78  ARG A CB  1 
ATOM   427  C CG  . ARG A 1 90  ? -5.830  3.731   -10.504 1.00 42.52 ? 78  ARG A CG  1 
ATOM   428  C CD  . ARG A 1 90  ? -5.133  4.129   -11.794 1.00 52.23 ? 78  ARG A CD  1 
ATOM   429  N NE  . ARG A 1 90  ? -4.821  2.941   -12.588 1.00 56.99 ? 78  ARG A NE  1 
ATOM   430  C CZ  . ARG A 1 90  ? -5.627  2.396   -13.494 1.00 57.54 ? 78  ARG A CZ  1 
ATOM   431  N NH1 . ARG A 1 90  ? -5.240  1.310   -14.134 1.00 57.35 ? 78  ARG A NH1 1 
ATOM   432  N NH2 . ARG A 1 90  ? -6.801  2.939   -13.765 1.00 55.63 ? 78  ARG A NH2 1 
ATOM   433  N N   . VAL A 1 91  ? -3.541  1.694   -6.973  1.00 24.66 ? 79  VAL A N   1 
ATOM   434  C CA  . VAL A 1 91  ? -3.050  0.524   -6.185  1.00 25.98 ? 79  VAL A CA  1 
ATOM   435  C C   . VAL A 1 91  ? -3.674  0.602   -4.776  1.00 25.60 ? 79  VAL A C   1 
ATOM   436  O O   . VAL A 1 91  ? -4.207  -0.409  -4.273  1.00 26.81 ? 79  VAL A O   1 
ATOM   437  C CB  . VAL A 1 91  ? -1.505  0.495   -6.196  1.00 26.98 ? 79  VAL A CB  1 
ATOM   438  C CG1 . VAL A 1 91  ? -0.930  -0.534  -5.228  1.00 29.64 ? 79  VAL A CG1 1 
ATOM   439  C CG2 . VAL A 1 91  ? -0.975  0.229   -7.607  1.00 26.90 ? 79  VAL A CG2 1 
ATOM   440  N N   . VAL A 1 92  ? -3.682  1.790   -4.161  1.00 25.09 ? 80  VAL A N   1 
ATOM   441  C CA  . VAL A 1 92  ? -4.236  1.984   -2.789  1.00 24.06 ? 80  VAL A CA  1 
ATOM   442  C C   . VAL A 1 92  ? -5.724  1.638   -2.793  1.00 23.46 ? 80  VAL A C   1 
ATOM   443  O O   . VAL A 1 92  ? -6.208  0.901   -1.899  1.00 21.46 ? 80  VAL A O   1 
ATOM   444  C CB  . VAL A 1 92  ? -3.928  3.415   -2.327  1.00 27.29 ? 80  VAL A CB  1 
ATOM   445  C CG1 . VAL A 1 92  ? -4.832  3.869   -1.198  1.00 29.88 ? 80  VAL A CG1 1 
ATOM   446  C CG2 . VAL A 1 92  ? -2.469  3.572   -1.951  1.00 28.25 ? 80  VAL A CG2 1 
ATOM   447  N N   . ASN A 1 93  ? -6.448  2.093   -3.810  1.00 24.85 ? 81  ASN A N   1 
ATOM   448  C CA  . ASN A 1 93  ? -7.910  1.850   -3.910  1.00 25.44 ? 81  ASN A CA  1 
ATOM   449  C C   . ASN A 1 93  ? -8.162  0.362   -4.177  1.00 25.32 ? 81  ASN A C   1 
ATOM   450  O O   . ASN A 1 93  ? -9.141  -0.193  -3.621  1.00 25.81 ? 81  ASN A O   1 
ATOM   451  C CB  . ASN A 1 93  ? -8.555  2.796   -4.930  1.00 27.09 ? 81  ASN A CB  1 
ATOM   452  C CG  . ASN A 1 93  ? -8.872  4.149   -4.323  1.00 28.97 ? 81  ASN A CG  1 
ATOM   453  O OD1 . ASN A 1 93  ? -9.846  4.274   -3.584  1.00 30.57 ? 81  ASN A OD1 1 
ATOM   454  N ND2 . ASN A 1 93  ? -8.036  5.148   -4.578  1.00 28.16 ? 81  ASN A ND2 1 
ATOM   455  N N   . GLN A 1 94  ? -7.310  -0.288  -4.969  1.00 26.36 ? 82  GLN A N   1 
ATOM   456  C CA  . GLN A 1 94  ? -7.390  -1.750  -5.188  1.00 25.07 ? 82  GLN A CA  1 
ATOM   457  C C   . GLN A 1 94  ? -7.234  -2.498  -3.859  1.00 25.54 ? 82  GLN A C   1 
ATOM   458  O O   . GLN A 1 94  ? -7.978  -3.431  -3.620  1.00 23.14 ? 82  GLN A O   1 
ATOM   459  C CB  . GLN A 1 94  ? -6.305  -2.168  -6.179  1.00 30.66 ? 82  GLN A CB  1 
ATOM   460  C CG  . GLN A 1 94  ? -6.359  -3.638  -6.557  1.00 33.76 ? 82  GLN A CG  1 
ATOM   461  C CD  . GLN A 1 94  ? -5.335  -3.905  -7.629  1.00 42.10 ? 82  GLN A CD  1 
ATOM   462  O OE1 . GLN A 1 94  ? -5.160  -3.115  -8.561  1.00 47.50 ? 82  GLN A OE1 1 
ATOM   463  N NE2 . GLN A 1 94  ? -4.617  -4.998  -7.465  1.00 38.29 ? 82  GLN A NE2 1 
ATOM   464  N N   . ALA A 1 95  ? -6.247  -2.147  -3.026  1.00 24.91 ? 83  ALA A N   1 
ATOM   465  C CA  . ALA A 1 95  ? -6.072  -2.748  -1.682  1.00 22.82 ? 83  ALA A CA  1 
ATOM   466  C C   . ALA A 1 95  ? -7.340  -2.472  -0.879  1.00 22.72 ? 83  ALA A C   1 
ATOM   467  O O   . ALA A 1 95  ? -7.843  -3.371  -0.192  1.00 24.66 ? 83  ALA A O   1 
ATOM   468  C CB  . ALA A 1 95  ? -4.859  -2.146  -0.974  1.00 21.29 ? 83  ALA A CB  1 
ATOM   469  N N   . ASP A 1 96  ? -7.781  -1.214  -0.896  1.00 22.95 ? 84  ASP A N   1 
ATOM   470  C CA  . ASP A 1 96  ? -8.898  -0.811  -0.017  1.00 23.83 ? 84  ASP A CA  1 
ATOM   471  C C   . ASP A 1 96  ? -10.152 -1.612  -0.402  1.00 25.01 ? 84  ASP A C   1 
ATOM   472  O O   . ASP A 1 96  ? -10.832 -2.092  0.513   1.00 24.92 ? 84  ASP A O   1 
ATOM   473  C CB  . ASP A 1 96  ? -9.102  0.698   -0.035  1.00 24.21 ? 84  ASP A CB  1 
ATOM   474  C CG  . ASP A 1 96  ? -10.048 1.114   1.083   1.00 27.20 ? 84  ASP A CG  1 
ATOM   475  O OD1 . ASP A 1 96  ? -9.719  0.876   2.275   1.00 25.06 ? 84  ASP A OD1 1 
ATOM   476  O OD2 . ASP A 1 96  ? -11.153 1.540   0.750   1.00 25.97 ? 84  ASP A OD2 1 
ATOM   477  N N   . MET A 1 97  ? -10.461 -1.738  -1.698  1.00 26.27 ? 85  MET A N   1 
ATOM   478  C CA  . MET A 1 97  ? -11.645 -2.509  -2.177  1.00 31.30 ? 85  MET A CA  1 
ATOM   479  C C   . MET A 1 97  ? -11.498 -3.983  -1.819  1.00 28.12 ? 85  MET A C   1 
ATOM   480  O O   . MET A 1 97  ? -12.498 -4.599  -1.426  1.00 27.17 ? 85  MET A O   1 
ATOM   481  C CB  . MET A 1 97  ? -11.846 -2.367  -3.685  1.00 36.41 ? 85  MET A CB  1 
ATOM   482  C CG  . MET A 1 97  ? -12.371 -0.992  -4.057  1.00 48.80 ? 85  MET A CG  1 
ATOM   483  S SD  . MET A 1 97  ? -12.435 -0.756  -5.862  1.00 70.61 ? 85  MET A SD  1 
ATOM   484  C CE  . MET A 1 97  ? -13.754 -1.892  -6.311  1.00 68.47 ? 85  MET A CE  1 
ATOM   485  N N   . ALA A 1 98  ? -10.300 -4.554  -1.927  1.00 24.28 ? 86  ALA A N   1 
ATOM   486  C CA  . ALA A 1 98  ? -10.109 -5.974  -1.552  1.00 26.49 ? 86  ALA A CA  1 
ATOM   487  C C   . ALA A 1 98  ? -10.387 -6.129  -0.055  1.00 26.09 ? 86  ALA A C   1 
ATOM   488  O O   . ALA A 1 98  ? -10.996 -7.118  0.346   1.00 26.44 ? 86  ALA A O   1 
ATOM   489  C CB  . ALA A 1 98  ? -8.726  -6.438  -1.921  1.00 26.94 ? 86  ALA A CB  1 
ATOM   490  N N   . LEU A 1 99  ? -9.975  -5.172  0.768   1.00 26.68 ? 87  LEU A N   1 
ATOM   491  C CA  . LEU A 1 99  ? -10.241 -5.274  2.226   1.00 27.87 ? 87  LEU A CA  1 
ATOM   492  C C   . LEU A 1 99  ? -11.759 -5.123  2.488   1.00 30.24 ? 87  LEU A C   1 
ATOM   493  O O   . LEU A 1 99  ? -12.323 -5.919  3.298   1.00 30.93 ? 87  LEU A O   1 
ATOM   494  C CB  . LEU A 1 99  ? -9.398  -4.228  2.963   1.00 28.78 ? 87  LEU A CB  1 
ATOM   495  C CG  . LEU A 1 99  ? -9.444  -4.309  4.487   1.00 30.79 ? 87  LEU A CG  1 
ATOM   496  C CD1 . LEU A 1 99  ? -8.854  -5.619  4.989   1.00 30.18 ? 87  LEU A CD1 1 
ATOM   497  C CD2 . LEU A 1 99  ? -8.723  -3.121  5.103   1.00 30.28 ? 87  LEU A CD2 1 
ATOM   498  N N   . GLN A 1 100 ? -12.426 -4.214  1.784   1.00 31.64 ? 88  GLN A N   1 
ATOM   499  C CA  . GLN A 1 100 ? -13.915 -4.059  1.839   1.00 35.87 ? 88  GLN A CA  1 
ATOM   500  C C   . GLN A 1 100 ? -14.589 -5.390  1.516   1.00 32.83 ? 88  GLN A C   1 
ATOM   501  O O   . GLN A 1 100 ? -15.495 -5.758  2.265   1.00 32.55 ? 88  GLN A O   1 
ATOM   502  C CB  . GLN A 1 100 ? -14.421 -2.967  0.901   1.00 39.55 ? 88  GLN A CB  1 
ATOM   503  C CG  . GLN A 1 100 ? -14.152 -1.579  1.448   1.00 47.81 ? 88  GLN A CG  1 
ATOM   504  C CD  . GLN A 1 100 ? -14.680 -0.496  0.539   1.00 59.36 ? 88  GLN A CD  1 
ATOM   505  O OE1 . GLN A 1 100 ? -13.909 0.295   -0.015  1.00 65.43 ? 88  GLN A OE1 1 
ATOM   506  N NE2 . GLN A 1 100 ? -15.996 -0.486  0.365   1.00 48.68 ? 88  GLN A NE2 1 
ATOM   507  N N   . THR A 1 101 ? -14.094 -6.115  0.511   1.00 32.07 ? 89  THR A N   1 
ATOM   508  C CA  . THR A 1 101 ? -14.681 -7.393  0.053   1.00 33.65 ? 89  THR A CA  1 
ATOM   509  C C   . THR A 1 101 ? -14.588 -8.434  1.162   1.00 37.53 ? 89  THR A C   1 
ATOM   510  O O   . THR A 1 101 ? -15.590 -9.121  1.414   1.00 35.63 ? 89  THR A O   1 
ATOM   511  C CB  . THR A 1 101 ? -13.999 -7.882  -1.220  1.00 35.80 ? 89  THR A CB  1 
ATOM   512  O OG1 . THR A 1 101 ? -14.324 -6.885  -2.176  1.00 33.86 ? 89  THR A OG1 1 
ATOM   513  C CG2 . THR A 1 101 ? -14.504 -9.221  -1.694  1.00 38.09 ? 89  THR A CG2 1 
ATOM   514  N N   . LEU A 1 102 ? -13.432 -8.549  1.809   1.00 38.89 ? 90  LEU A N   1 
ATOM   515  C CA  . LEU A 1 102 ? -13.259 -9.460  2.971   1.00 38.27 ? 90  LEU A CA  1 
ATOM   516  C C   . LEU A 1 102 ? -14.227 -9.089  4.090   1.00 38.85 ? 90  LEU A C   1 
ATOM   517  O O   . LEU A 1 102 ? -14.796 -10.005 4.713   1.00 42.74 ? 90  LEU A O   1 
ATOM   518  C CB  . LEU A 1 102 ? -11.822 -9.352  3.487   1.00 38.26 ? 90  LEU A CB  1 
ATOM   519  C CG  . LEU A 1 102 ? -10.797 -10.088 2.643   1.00 40.68 ? 90  LEU A CG  1 
ATOM   520  C CD1 . LEU A 1 102 ? -9.417  -9.939  3.254   1.00 40.38 ? 90  LEU A CD1 1 
ATOM   521  C CD2 . LEU A 1 102 ? -11.189 -11.549 2.523   1.00 41.93 ? 90  LEU A CD2 1 
ATOM   522  N N   . ALA A 1 103 ? -14.340 -7.796  4.384   1.00 39.55 ? 91  ALA A N   1 
ATOM   523  C CA  . ALA A 1 103 ? -15.125 -7.280  5.519   1.00 44.02 ? 91  ALA A CA  1 
ATOM   524  C C   . ALA A 1 103 ? -16.615 -7.594  5.311   1.00 49.19 ? 91  ALA A C   1 
ATOM   525  O O   . ALA A 1 103 ? -17.315 -7.714  6.310   1.00 49.47 ? 91  ALA A O   1 
ATOM   526  C CB  . ALA A 1 103 ? -14.893 -5.805  5.667   1.00 43.21 ? 91  ALA A CB  1 
ATOM   527  N N   . GLU A 1 104 ? -17.086 -7.664  4.064   1.00 52.51 ? 92  GLU A N   1 
ATOM   528  C CA  . GLU A 1 104 ? -18.529 -7.812  3.738   1.00 57.38 ? 92  GLU A CA  1 
ATOM   529  C C   . GLU A 1 104 ? -18.953 -9.280  3.805   1.00 57.99 ? 92  GLU A C   1 
ATOM   530  O O   . GLU A 1 104 ? -20.148 -9.511  3.954   1.00 61.64 ? 92  GLU A O   1 
ATOM   531  C CB  . GLU A 1 104 ? -18.819 -7.254  2.353   1.00 58.34 ? 92  GLU A CB  1 
ATOM   532  C CG  . GLU A 1 104 ? -18.843 -5.744  2.341   1.00 60.92 ? 92  GLU A CG  1 
ATOM   533  C CD  . GLU A 1 104 ? -18.889 -5.160  0.945   1.00 60.83 ? 92  GLU A CD  1 
ATOM   534  O OE1 . GLU A 1 104 ? -18.981 -5.942  -0.004  1.00 57.39 ? 92  GLU A OE1 1 
ATOM   535  O OE2 . GLU A 1 104 ? -18.815 -3.934  0.821   1.00 60.52 ? 92  GLU A OE2 1 
ATOM   536  N N   . ASN A 1 105 ? -18.007 -10.215 3.751   1.00 61.08 ? 93  ASN A N   1 
ATOM   537  C CA  . ASN A 1 105 ? -18.285 -11.666 3.583   1.00 65.41 ? 93  ASN A CA  1 
ATOM   538  C C   . ASN A 1 105 ? -18.299 -12.367 4.961   1.00 59.81 ? 93  ASN A C   1 
ATOM   539  O O   . ASN A 1 105 ? -17.284 -12.336 5.679   1.00 62.48 ? 93  ASN A O   1 
ATOM   540  C CB  . ASN A 1 105 ? -17.383 -12.195 2.462   1.00 57.53 ? 93  ASN A CB  1 
ATOM   541  C CG  . ASN A 1 105 ? -17.966 -11.857 1.099   1.00 57.47 ? 93  ASN A CG  1 
ATOM   542  O OD1 . ASN A 1 105 ? -18.518 -12.724 0.445   1.00 64.19 ? 93  ASN A OD1 1 
ATOM   543  N ND2 . ASN A 1 105 ? -17.925 -10.605 0.672   1.00 49.64 ? 93  ASN A ND2 1 
ATOM   544  N N   . ASP A 1 110 ? -10.868 -19.599 11.390  1.00 39.81 ? 98  ASP A N   1 
ATOM   545  C CA  . ASP A 1 110 ? -10.189 -19.366 12.687  1.00 38.50 ? 98  ASP A CA  1 
ATOM   546  C C   . ASP A 1 110 ? -9.568  -17.961 12.669  1.00 36.34 ? 98  ASP A C   1 
ATOM   547  O O   . ASP A 1 110 ? -9.384  -17.387 11.578  1.00 32.62 ? 98  ASP A O   1 
ATOM   548  C CB  . ASP A 1 110 ? -9.238  -20.517 13.036  1.00 41.36 ? 98  ASP A CB  1 
ATOM   549  C CG  . ASP A 1 110 ? -7.802  -20.469 12.520  1.00 43.69 ? 98  ASP A CG  1 
ATOM   550  O OD1 . ASP A 1 110 ? -7.433  -19.545 11.808  1.00 38.99 ? 98  ASP A OD1 1 
ATOM   551  O OD2 . ASP A 1 110 ? -7.061  -21.395 12.843  1.00 50.53 ? 98  ASP A OD2 1 
ATOM   552  N N   . ARG A 1 111 ? -9.288  -17.417 13.845  1.00 32.50 ? 99  ARG A N   1 
ATOM   553  C CA  . ARG A 1 111 ? -8.890  -16.000 13.997  1.00 37.37 ? 99  ARG A CA  1 
ATOM   554  C C   . ARG A 1 111 ? -7.513  -15.745 13.360  1.00 31.55 ? 99  ARG A C   1 
ATOM   555  O O   . ARG A 1 111 ? -7.377  -14.718 12.697  1.00 31.67 ? 99  ARG A O   1 
ATOM   556  C CB  . ARG A 1 111 ? -8.950  -15.623 15.471  1.00 40.35 ? 99  ARG A CB  1 
ATOM   557  C CG  . ARG A 1 111 ? -7.842  -16.241 16.293  1.00 43.55 ? 99  ARG A CG  1 
ATOM   558  C CD  . ARG A 1 111 ? -8.351  -16.393 17.703  1.00 46.69 ? 99  ARG A CD  1 
ATOM   559  N NE  . ARG A 1 111 ? -7.254  -16.666 18.599  1.00 46.24 ? 99  ARG A NE  1 
ATOM   560  C CZ  . ARG A 1 111 ? -7.383  -16.761 19.917  1.00 48.47 ? 99  ARG A CZ  1 
ATOM   561  N NH1 . ARG A 1 111 ? -8.577  -16.633 20.487  1.00 47.50 ? 99  ARG A NH1 1 
ATOM   562  N NH2 . ARG A 1 111 ? -6.310  -17.001 20.644  1.00 45.06 ? 99  ARG A NH2 1 
ATOM   563  N N   . GLU A 1 112 ? -6.559  -16.666 13.486  1.00 29.37 ? 100 GLU A N   1 
ATOM   564  C CA  . GLU A 1 112 ? -5.230  -16.487 12.857  1.00 32.16 ? 100 GLU A CA  1 
ATOM   565  C C   . GLU A 1 112 ? -5.404  -16.311 11.344  1.00 31.66 ? 100 GLU A C   1 
ATOM   566  O O   . GLU A 1 112 ? -4.803  -15.418 10.729  1.00 29.40 ? 100 GLU A O   1 
ATOM   567  C CB  . GLU A 1 112 ? -4.322  -17.661 13.186  1.00 35.28 ? 100 GLU A CB  1 
ATOM   568  C CG  . GLU A 1 112 ? -3.171  -17.752 12.223  1.00 41.90 ? 100 GLU A CG  1 
ATOM   569  C CD  . GLU A 1 112 ? -1.954  -18.474 12.725  1.00 46.00 ? 100 GLU A CD  1 
ATOM   570  O OE1 . GLU A 1 112 ? -1.767  -18.546 13.956  1.00 53.56 ? 100 GLU A OE1 1 
ATOM   571  O OE2 . GLU A 1 112 ? -1.188  -18.931 11.868  1.00 57.87 ? 100 GLU A OE2 1 
ATOM   572  N N   . ASN A 1 113 ? -6.229  -17.142 10.742  1.00 30.93 ? 101 ASN A N   1 
ATOM   573  C CA  . ASN A 1 113 ? -6.473  -17.097 9.279   1.00 33.36 ? 101 ASN A CA  1 
ATOM   574  C C   . ASN A 1 113 ? -7.230  -15.829 8.863   1.00 27.32 ? 101 ASN A C   1 
ATOM   575  O O   . ASN A 1 113 ? -7.005  -15.329 7.710   1.00 26.80 ? 101 ASN A O   1 
ATOM   576  C CB  . ASN A 1 113 ? -7.219  -18.351 8.826   1.00 37.19 ? 101 ASN A CB  1 
ATOM   577  C CG  . ASN A 1 113 ? -6.768  -18.737 7.438   1.00 45.17 ? 101 ASN A CG  1 
ATOM   578  O OD1 . ASN A 1 113 ? -5.599  -19.082 7.247   1.00 45.71 ? 101 ASN A OD1 1 
ATOM   579  N ND2 . ASN A 1 113 ? -7.685  -18.648 6.483   1.00 45.82 ? 101 ASN A ND2 1 
ATOM   580  N N   . MET A 1 114 ? -8.162  -15.365 9.700   1.00 26.35 ? 102 MET A N   1 
ATOM   581  C CA  . MET A 1 114 ? -8.883  -14.086 9.472   1.00 26.59 ? 102 MET A CA  1 
ATOM   582  C C   . MET A 1 114 ? -7.836  -12.976 9.333   1.00 24.66 ? 102 MET A C   1 
ATOM   583  O O   . MET A 1 114 ? -7.928  -12.177 8.376   1.00 21.98 ? 102 MET A O   1 
ATOM   584  C CB  . MET A 1 114 ? -9.846  -13.769 10.623  1.00 30.20 ? 102 MET A CB  1 
ATOM   585  C CG  . MET A 1 114 ? -10.342 -12.309 10.654  1.00 36.09 ? 102 MET A CG  1 
ATOM   586  S SD  . MET A 1 114 ? -11.589 -11.981 11.968  1.00 41.58 ? 102 MET A SD  1 
ATOM   587  C CE  . MET A 1 114 ? -10.521 -11.679 13.376  1.00 36.76 ? 102 MET A CE  1 
ATOM   588  N N   . TRP A 1 115 ? -6.872  -12.913 10.259  1.00 24.74 ? 103 TRP A N   1 
ATOM   589  C CA  . TRP A 1 115 ? -5.866  -11.824 10.244  1.00 22.22 ? 103 TRP A CA  1 
ATOM   590  C C   . TRP A 1 115 ? -4.944  -12.031 9.048   1.00 22.46 ? 103 TRP A C   1 
ATOM   591  O O   . TRP A 1 115 ? -4.649  -11.037 8.376   1.00 21.40 ? 103 TRP A O   1 
ATOM   592  C CB  . TRP A 1 115 ? -5.119  -11.704 11.588  1.00 22.12 ? 103 TRP A CB  1 
ATOM   593  C CG  . TRP A 1 115 ? -6.007  -11.169 12.675  1.00 22.65 ? 103 TRP A CG  1 
ATOM   594  C CD1 . TRP A 1 115 ? -6.531  -11.856 13.742  1.00 21.97 ? 103 TRP A CD1 1 
ATOM   595  C CD2 . TRP A 1 115 ? -6.518  -9.826  12.781  1.00 21.24 ? 103 TRP A CD2 1 
ATOM   596  N NE1 . TRP A 1 115 ? -7.330  -11.024 14.490  1.00 21.76 ? 103 TRP A NE1 1 
ATOM   597  C CE2 . TRP A 1 115 ? -7.361  -9.786  13.915  1.00 21.31 ? 103 TRP A CE2 1 
ATOM   598  C CE3 . TRP A 1 115 ? -6.382  -8.672  12.007  1.00 20.49 ? 103 TRP A CE3 1 
ATOM   599  C CZ2 . TRP A 1 115 ? -8.006  -8.621  14.331  1.00 21.35 ? 103 TRP A CZ2 1 
ATOM   600  C CZ3 . TRP A 1 115 ? -7.049  -7.527  12.397  1.00 21.79 ? 103 TRP A CZ3 1 
ATOM   601  C CH2 . TRP A 1 115 ? -7.829  -7.494  13.551  1.00 23.09 ? 103 TRP A CH2 1 
ATOM   602  N N   . ARG A 1 116 ? -4.548  -13.277 8.755   1.00 21.13 ? 104 ARG A N   1 
ATOM   603  C CA  . ARG A 1 116 ? -3.638  -13.564 7.629   1.00 21.90 ? 104 ARG A CA  1 
ATOM   604  C C   . ARG A 1 116 ? -4.292  -13.084 6.326   1.00 22.27 ? 104 ARG A C   1 
ATOM   605  O O   . ARG A 1 116 ? -3.611  -12.472 5.496   1.00 21.05 ? 104 ARG A O   1 
ATOM   606  C CB  . ARG A 1 116 ? -3.284  -15.059 7.615   1.00 24.25 ? 104 ARG A CB  1 
ATOM   607  C CG  . ARG A 1 116 ? -2.375  -15.500 6.475   1.00 25.96 ? 104 ARG A CG  1 
ATOM   608  C CD  . ARG A 1 116 ? -2.065  -16.994 6.530   1.00 28.41 ? 104 ARG A CD  1 
ATOM   609  N NE  . ARG A 1 116 ? -1.414  -17.345 7.784   1.00 32.00 ? 104 ARG A NE  1 
ATOM   610  C CZ  . ARG A 1 116 ? -0.095  -17.256 8.013   1.00 39.34 ? 104 ARG A CZ  1 
ATOM   611  N NH1 . ARG A 1 116 ? 0.745   -16.863 7.065   1.00 40.39 ? 104 ARG A NH1 1 
ATOM   612  N NH2 . ARG A 1 116 ? 0.389   -17.594 9.202   1.00 37.69 ? 104 ARG A NH2 1 
ATOM   613  N N   . THR A 1 117 ? -5.591  -13.350 6.146   1.00 24.70 ? 105 THR A N   1 
ATOM   614  C CA  . THR A 1 117 ? -6.303  -12.996 4.904   1.00 23.68 ? 105 THR A CA  1 
ATOM   615  C C   . THR A 1 117 ? -6.316  -11.483 4.735   1.00 23.38 ? 105 THR A C   1 
ATOM   616  O O   . THR A 1 117 ? -6.169  -11.038 3.594   1.00 21.98 ? 105 THR A O   1 
ATOM   617  C CB  . THR A 1 117 ? -7.704  -13.623 4.824   1.00 27.07 ? 105 THR A CB  1 
ATOM   618  O OG1 . THR A 1 117 ? -8.481  -13.030 5.866   1.00 41.13 ? 105 THR A OG1 1 
ATOM   619  C CG2 . THR A 1 117 ? -7.657  -15.118 4.976   1.00 23.63 ? 105 THR A CG2 1 
ATOM   620  N N   . GLY A 1 118 ? -6.492  -10.715 5.809   1.00 25.54 ? 106 GLY A N   1 
ATOM   621  C CA  . GLY A 1 118 ? -6.433  -9.236  5.755   1.00 24.36 ? 106 GLY A CA  1 
ATOM   622  C C   . GLY A 1 118 ? -5.038  -8.719  5.441   1.00 21.34 ? 106 GLY A C   1 
ATOM   623  O O   . GLY A 1 118 ? -4.863  -7.940  4.490   1.00 21.30 ? 106 GLY A O   1 
ATOM   624  N N   . ILE A 1 119 ? -4.037  -9.188  6.167   1.00 18.66 ? 107 ILE A N   1 
ATOM   625  C CA  . ILE A 1 119 ? -2.645  -8.772  5.892   1.00 19.40 ? 107 ILE A CA  1 
ATOM   626  C C   . ILE A 1 119 ? -2.277  -9.136  4.446   1.00 18.82 ? 107 ILE A C   1 
ATOM   627  O O   . ILE A 1 119 ? -1.599  -8.343  3.770   1.00 18.47 ? 107 ILE A O   1 
ATOM   628  C CB  . ILE A 1 119 ? -1.691  -9.419  6.905   1.00 19.36 ? 107 ILE A CB  1 
ATOM   629  C CG1 . ILE A 1 119 ? -2.060  -8.989  8.338   1.00 19.68 ? 107 ILE A CG1 1 
ATOM   630  C CG2 . ILE A 1 119 ? -0.277  -9.078  6.505   1.00 19.46 ? 107 ILE A CG2 1 
ATOM   631  C CD1 . ILE A 1 119 ? -1.256  -9.649  9.445   1.00 21.21 ? 107 ILE A CD1 1 
ATOM   632  N N   . ASN A 1 120 ? -2.731  -10.287 3.968   1.00 19.21 ? 108 ASN A N   1 
ATOM   633  C CA  . ASN A 1 120 ? -2.431  -10.778 2.596   1.00 20.46 ? 108 ASN A CA  1 
ATOM   634  C C   . ASN A 1 120 ? -2.927  -9.805  1.521   1.00 19.30 ? 108 ASN A C   1 
ATOM   635  O O   . ASN A 1 120 ? -2.308  -9.774  0.469   1.00 21.46 ? 108 ASN A O   1 
ATOM   636  C CB  . ASN A 1 120 ? -3.007  -12.185 2.358   1.00 21.79 ? 108 ASN A CB  1 
ATOM   637  C CG  . ASN A 1 120 ? -2.478  -12.814 1.083   1.00 21.16 ? 108 ASN A CG  1 
ATOM   638  O OD1 . ASN A 1 120 ? -1.262  -12.926 0.897   1.00 20.27 ? 108 ASN A OD1 1 
ATOM   639  N ND2 . ASN A 1 120 ? -3.387  -13.190 0.189   1.00 20.17 ? 108 ASN A ND2 1 
ATOM   640  N N   . VAL A 1 121 ? -4.034  -9.088  1.728   1.00 19.38 ? 109 VAL A N   1 
ATOM   641  C CA  . VAL A 1 121 ? -4.522  -8.062  0.764   1.00 20.21 ? 109 VAL A CA  1 
ATOM   642  C C   . VAL A 1 121 ? -3.365  -7.124  0.427   1.00 18.05 ? 109 VAL A C   1 
ATOM   643  O O   . VAL A 1 121 ? -3.185  -6.727  -0.746  1.00 18.46 ? 109 VAL A O   1 
ATOM   644  C CB  . VAL A 1 121 ? -5.695  -7.255  1.378   1.00 24.55 ? 109 VAL A CB  1 
ATOM   645  C CG1 . VAL A 1 121 ? -5.969  -5.952  0.639   1.00 26.54 ? 109 VAL A CG1 1 
ATOM   646  C CG2 . VAL A 1 121 ? -6.958  -8.084  1.472   1.00 29.21 ? 109 VAL A CG2 1 
ATOM   647  N N   . PHE A 1 122 ? -2.630  -6.691  1.450   1.00 18.18 ? 110 PHE A N   1 
ATOM   648  C CA  . PHE A 1 122 ? -1.579  -5.651  1.341   1.00 16.89 ? 110 PHE A CA  1 
ATOM   649  C C   . PHE A 1 122 ? -0.296  -6.257  0.763   1.00 17.78 ? 110 PHE A C   1 
ATOM   650  O O   . PHE A 1 122 ? 0.327   -5.673  -0.144  1.00 17.21 ? 110 PHE A O   1 
ATOM   651  C CB  . PHE A 1 122 ? -1.385  -4.991  2.705   1.00 17.73 ? 110 PHE A CB  1 
ATOM   652  C CG  . PHE A 1 122 ? -2.585  -4.185  3.117   1.00 17.26 ? 110 PHE A CG  1 
ATOM   653  C CD1 . PHE A 1 122 ? -2.845  -2.967  2.529   1.00 18.89 ? 110 PHE A CD1 1 
ATOM   654  C CD2 . PHE A 1 122 ? -3.527  -4.717  3.976   1.00 20.04 ? 110 PHE A CD2 1 
ATOM   655  C CE1 . PHE A 1 122 ? -3.999  -2.250  2.834   1.00 17.97 ? 110 PHE A CE1 1 
ATOM   656  C CE2 . PHE A 1 122 ? -4.684  -4.007  4.285   1.00 21.26 ? 110 PHE A CE2 1 
ATOM   657  C CZ  . PHE A 1 122 ? -4.919  -2.773  3.705   1.00 19.77 ? 110 PHE A CZ  1 
ATOM   658  N N   . PHE A 1 123 ? 0.065   -7.429  1.253   1.00 19.44 ? 111 PHE A N   1 
ATOM   659  C CA  . PHE A 1 123 ? 1.179   -8.255  0.709   1.00 20.68 ? 111 PHE A CA  1 
ATOM   660  C C   . PHE A 1 123 ? 0.966   -8.492  -0.797  1.00 21.49 ? 111 PHE A C   1 
ATOM   661  O O   . PHE A 1 123 ? 1.871   -8.178  -1.594  1.00 19.94 ? 111 PHE A O   1 
ATOM   662  C CB  . PHE A 1 123 ? 1.271   -9.572  1.504   1.00 23.00 ? 111 PHE A CB  1 
ATOM   663  C CG  . PHE A 1 123 ? 2.318   -10.540 1.011   1.00 23.29 ? 111 PHE A CG  1 
ATOM   664  C CD1 . PHE A 1 123 ? 3.665   -10.264 1.179   1.00 22.82 ? 111 PHE A CD1 1 
ATOM   665  C CD2 . PHE A 1 123 ? 1.963   -11.695 0.314   1.00 26.38 ? 111 PHE A CD2 1 
ATOM   666  C CE1 . PHE A 1 123 ? 4.638   -11.152 0.712   1.00 23.45 ? 111 PHE A CE1 1 
ATOM   667  C CE2 . PHE A 1 123 ? 2.936   -12.582 -0.158  1.00 25.04 ? 111 PHE A CE2 1 
ATOM   668  C CZ  . PHE A 1 123 ? 4.268   -12.297 0.035   1.00 23.33 ? 111 PHE A CZ  1 
ATOM   669  N N   . GLU A 1 124 ? -0.203  -9.013  -1.213  1.00 22.12 ? 112 GLU A N   1 
ATOM   670  C CA  . GLU A 1 124 ? -0.441  -9.300  -2.657  1.00 23.14 ? 112 GLU A CA  1 
ATOM   671  C C   . GLU A 1 124 ? -0.602  -8.014  -3.464  1.00 24.52 ? 112 GLU A C   1 
ATOM   672  O O   . GLU A 1 124 ? -0.093  -7.951  -4.593  1.00 24.48 ? 112 GLU A O   1 
ATOM   673  C CB  . GLU A 1 124 ? -1.705  -10.132 -2.877  1.00 26.81 ? 112 GLU A CB  1 
ATOM   674  C CG  . GLU A 1 124 ? -1.524  -11.573 -2.481  1.00 30.89 ? 112 GLU A CG  1 
ATOM   675  C CD  . GLU A 1 124 ? -0.513  -12.307 -3.348  1.00 33.97 ? 112 GLU A CD  1 
ATOM   676  O OE1 . GLU A 1 124 ? -0.294  -11.865 -4.482  1.00 31.18 ? 112 GLU A OE1 1 
ATOM   677  O OE2 . GLU A 1 124 ? 0.062   -13.291 -2.865  1.00 34.68 ? 112 GLU A OE2 1 
ATOM   678  N N   . THR A 1 125 ? -1.355  -7.039  -2.974  1.00 21.19 ? 113 THR A N   1 
ATOM   679  C CA  . THR A 1 125 ? -1.668  -5.856  -3.797  1.00 23.40 ? 113 THR A CA  1 
ATOM   680  C C   . THR A 1 125 ? -0.401  -5.033  -4.025  1.00 24.33 ? 113 THR A C   1 
ATOM   681  O O   . THR A 1 125 ? -0.095  -4.718  -5.200  1.00 22.35 ? 113 THR A O   1 
ATOM   682  C CB  . THR A 1 125 ? -2.764  -4.979  -3.188  1.00 24.77 ? 113 THR A CB  1 
ATOM   683  O OG1 . THR A 1 125 ? -3.932  -5.784  -3.028  1.00 23.30 ? 113 THR A OG1 1 
ATOM   684  C CG2 . THR A 1 125 ? -3.083  -3.797  -4.074  1.00 28.15 ? 113 THR A CG2 1 
ATOM   685  N N   . PHE A 1 126 ? 0.284   -4.629  -2.951  1.00 21.43 ? 114 PHE A N   1 
ATOM   686  C CA  . PHE A 1 126 ? 1.479   -3.763  -3.071  1.00 21.54 ? 114 PHE A CA  1 
ATOM   687  C C   . PHE A 1 126 ? 2.598   -4.631  -3.651  1.00 21.76 ? 114 PHE A C   1 
ATOM   688  O O   . PHE A 1 126 ? 3.424   -4.126  -4.421  1.00 19.87 ? 114 PHE A O   1 
ATOM   689  C CB  . PHE A 1 126 ? 1.820   -3.095  -1.738  1.00 21.14 ? 114 PHE A CB  1 
ATOM   690  C CG  . PHE A 1 126 ? 0.848   -1.995  -1.406  1.00 22.47 ? 114 PHE A CG  1 
ATOM   691  C CD1 . PHE A 1 126 ? 0.965   -0.751  -2.012  1.00 24.03 ? 114 PHE A CD1 1 
ATOM   692  C CD2 . PHE A 1 126 ? -0.164  -2.192  -0.484  1.00 22.72 ? 114 PHE A CD2 1 
ATOM   693  C CE1 . PHE A 1 126 ? 0.056   0.256   -1.731  1.00 25.64 ? 114 PHE A CE1 1 
ATOM   694  C CE2 . PHE A 1 126 ? -1.107  -1.192  -0.244  1.00 24.92 ? 114 PHE A CE2 1 
ATOM   695  C CZ  . PHE A 1 126 ? -0.995  0.022   -0.863  1.00 26.02 ? 114 PHE A CZ  1 
ATOM   696  N N   . GLY A 1 127 ? 2.610   -5.926  -3.317  1.00 22.82 ? 115 GLY A N   1 
ATOM   697  C CA  . GLY A 1 127 ? 3.676   -6.847  -3.779  1.00 24.70 ? 115 GLY A CA  1 
ATOM   698  C C   . GLY A 1 127 ? 3.599   -7.117  -5.278  1.00 24.60 ? 115 GLY A C   1 
ATOM   699  O O   . GLY A 1 127 ? 4.601   -7.509  -5.862  1.00 25.69 ? 115 GLY A O   1 
ATOM   700  N N   . SER A 1 128 ? 2.432   -6.953  -5.886  1.00 25.35 ? 116 SER A N   1 
ATOM   701  C CA  . SER A 1 128 ? 2.212   -7.099  -7.348  1.00 26.70 ? 116 SER A CA  1 
ATOM   702  C C   . SER A 1 128 ? 2.519   -5.788  -8.061  1.00 25.82 ? 116 SER A C   1 
ATOM   703  O O   . SER A 1 128 ? 2.508   -5.790  -9.275  1.00 25.22 ? 116 SER A O   1 
ATOM   704  C CB  . SER A 1 128 ? 0.805   -7.524  -7.628  1.00 27.65 ? 116 SER A CB  1 
ATOM   705  O OG  . SER A 1 128 ? 0.624   -8.815  -7.085  1.00 28.48 ? 116 SER A OG  1 
ATOM   706  N N   . HIS A 1 129 ? 2.693   -4.698  -7.329  1.00 24.67 ? 117 HIS A N   1 
ATOM   707  C CA  . HIS A 1 129 ? 2.998   -3.364  -7.900  1.00 27.62 ? 117 HIS A CA  1 
ATOM   708  C C   . HIS A 1 129 ? 4.218   -2.786  -7.174  1.00 27.97 ? 117 HIS A C   1 
ATOM   709  O O   . HIS A 1 129 ? 4.119   -1.704  -6.624  1.00 26.03 ? 117 HIS A O   1 
ATOM   710  C CB  . HIS A 1 129 ? 1.754   -2.479  -7.822  1.00 27.59 ? 117 HIS A CB  1 
ATOM   711  C CG  . HIS A 1 129 ? 0.597   -3.030  -8.573  1.00 27.61 ? 117 HIS A CG  1 
ATOM   712  N ND1 . HIS A 1 129 ? 0.467   -2.860  -9.945  1.00 30.76 ? 117 HIS A ND1 1 
ATOM   713  C CD2 . HIS A 1 129 ? -0.436  -3.820  -8.188  1.00 30.87 ? 117 HIS A CD2 1 
ATOM   714  C CE1 . HIS A 1 129 ? -0.616  -3.509  -10.362 1.00 28.15 ? 117 HIS A CE1 1 
ATOM   715  N NE2 . HIS A 1 129 ? -1.181  -4.107  -9.312  1.00 28.29 ? 117 HIS A NE2 1 
ATOM   716  N N   . LYS A 1 130 ? 5.347   -3.488  -7.182  1.00 26.69 ? 118 LYS A N   1 
ATOM   717  C CA  . LYS A 1 130 ? 6.510   -3.081  -6.361  1.00 25.49 ? 118 LYS A CA  1 
ATOM   718  C C   . LYS A 1 130 ? 7.063   -1.727  -6.808  1.00 27.34 ? 118 LYS A C   1 
ATOM   719  O O   . LYS A 1 130 ? 7.487   -0.951  -5.937  1.00 24.19 ? 118 LYS A O   1 
ATOM   720  C CB  . LYS A 1 130 ? 7.594   -4.149  -6.399  1.00 29.30 ? 118 LYS A CB  1 
ATOM   721  C CG  . LYS A 1 130 ? 7.267   -5.409  -5.609  1.00 29.49 ? 118 LYS A CG  1 
ATOM   722  C CD  . LYS A 1 130 ? 8.434   -6.332  -5.627  1.00 31.31 ? 118 LYS A CD  1 
ATOM   723  C CE  . LYS A 1 130 ? 8.295   -7.497  -4.684  1.00 34.74 ? 118 LYS A CE  1 
ATOM   724  N NZ  . LYS A 1 130 ? 7.312   -8.476  -5.174  1.00 35.39 ? 118 LYS A NZ  1 
ATOM   725  N N   . ALA A 1 131 ? 7.144   -1.466  -8.107  1.00 25.93 ? 119 ALA A N   1 
ATOM   726  C CA  . ALA A 1 131 ? 7.768   -0.222  -8.600  1.00 25.86 ? 119 ALA A CA  1 
ATOM   727  C C   . ALA A 1 131 ? 6.875   0.956   -8.202  1.00 23.70 ? 119 ALA A C   1 
ATOM   728  O O   . ALA A 1 131 ? 7.413   1.976   -7.746  1.00 23.48 ? 119 ALA A O   1 
ATOM   729  C CB  . ALA A 1 131 ? 8.002   -0.276  -10.093 1.00 28.32 ? 119 ALA A CB  1 
ATOM   730  N N   . VAL A 1 132 ? 5.561   0.818   -8.314  1.00 23.29 ? 120 VAL A N   1 
ATOM   731  C CA  . VAL A 1 132 ? 4.629   1.910   -7.879  1.00 24.45 ? 120 VAL A CA  1 
ATOM   732  C C   . VAL A 1 132 ? 4.723   2.096   -6.354  1.00 25.99 ? 120 VAL A C   1 
ATOM   733  O O   . VAL A 1 132 ? 4.797   3.258   -5.881  1.00 27.49 ? 120 VAL A O   1 
ATOM   734  C CB  . VAL A 1 132 ? 3.178   1.670   -8.322  1.00 24.89 ? 120 VAL A CB  1 
ATOM   735  C CG1 . VAL A 1 132 ? 2.238   2.683   -7.665  1.00 26.72 ? 120 VAL A CG1 1 
ATOM   736  C CG2 . VAL A 1 132 ? 3.031   1.735   -9.840  1.00 27.36 ? 120 VAL A CG2 1 
ATOM   737  N N   . THR A 1 133 ? 4.784   1.002   -5.595  1.00 27.51 ? 121 THR A N   1 
ATOM   738  C CA  . THR A 1 133 ? 4.971   1.030   -4.114  1.00 26.37 ? 121 THR A CA  1 
ATOM   739  C C   . THR A 1 133 ? 6.230   1.833   -3.767  1.00 28.85 ? 121 THR A C   1 
ATOM   740  O O   . THR A 1 133 ? 6.114   2.785   -2.980  1.00 27.07 ? 121 THR A O   1 
ATOM   741  C CB  . THR A 1 133 ? 5.017   -0.391  -3.548  1.00 25.23 ? 121 THR A CB  1 
ATOM   742  O OG1 . THR A 1 133 ? 3.760   -0.974  -3.881  1.00 21.89 ? 121 THR A OG1 1 
ATOM   743  C CG2 . THR A 1 133 ? 5.224   -0.406  -2.053  1.00 26.43 ? 121 THR A CG2 1 
ATOM   744  N N   . ARG A 1 134 ? 7.378   1.458   -4.336  1.00 27.91 ? 122 ARG A N   1 
ATOM   745  C CA  . ARG A 1 134 ? 8.691   2.082   -4.041  1.00 30.56 ? 122 ARG A CA  1 
ATOM   746  C C   . ARG A 1 134 ? 8.602   3.581   -4.391  1.00 30.30 ? 122 ARG A C   1 
ATOM   747  O O   . ARG A 1 134 ? 8.861   4.410   -3.531  1.00 27.19 ? 122 ARG A O   1 
ATOM   748  C CB  . ARG A 1 134 ? 9.788   1.372   -4.838  1.00 35.55 ? 122 ARG A CB  1 
ATOM   749  C CG  . ARG A 1 134 ? 11.204  1.883   -4.606  1.00 41.72 ? 122 ARG A CG  1 
ATOM   750  C CD  . ARG A 1 134 ? 12.091  1.684   -5.840  1.00 49.40 ? 122 ARG A CD  1 
ATOM   751  N NE  . ARG A 1 134 ? 11.764  2.656   -6.900  1.00 59.26 ? 122 ARG A NE  1 
ATOM   752  C CZ  . ARG A 1 134 ? 11.455  2.378   -8.180  1.00 56.79 ? 122 ARG A CZ  1 
ATOM   753  N NH1 . ARG A 1 134 ? 11.178  3.366   -9.017  1.00 52.35 ? 122 ARG A NH1 1 
ATOM   754  N NH2 . ARG A 1 134 ? 11.434  1.135   -8.637  1.00 53.27 ? 122 ARG A NH2 1 
ATOM   755  N N   . ALA A 1 135 ? 8.158   3.925   -5.596  1.00 30.11 ? 123 ALA A N   1 
ATOM   756  C CA  . ALA A 1 135 ? 8.172   5.331   -6.072  1.00 29.64 ? 123 ALA A CA  1 
ATOM   757  C C   . ALA A 1 135 ? 7.131   6.149   -5.311  1.00 28.69 ? 123 ALA A C   1 
ATOM   758  O O   . ALA A 1 135 ? 7.415   7.306   -4.885  1.00 30.89 ? 123 ALA A O   1 
ATOM   759  C CB  . ALA A 1 135 ? 7.917   5.338   -7.553  1.00 31.58 ? 123 ALA A CB  1 
ATOM   760  N N   . GLY A 1 136 ? 5.952   5.582   -5.112  1.00 28.01 ? 124 GLY A N   1 
ATOM   761  C CA  . GLY A 1 136 ? 4.897   6.230   -4.311  1.00 27.23 ? 124 GLY A CA  1 
ATOM   762  C C   . GLY A 1 136 ? 5.390   6.557   -2.914  1.00 26.98 ? 124 GLY A C   1 
ATOM   763  O O   . GLY A 1 136 ? 5.056   7.626   -2.410  1.00 28.22 ? 124 GLY A O   1 
ATOM   764  N N   . GLN A 1 137 ? 6.099   5.635   -2.269  1.00 25.48 ? 125 GLN A N   1 
ATOM   765  C CA  . GLN A 1 137 ? 6.582   5.848   -0.873  1.00 27.36 ? 125 GLN A CA  1 
ATOM   766  C C   . GLN A 1 137 ? 7.656   6.940   -0.886  1.00 26.01 ? 125 GLN A C   1 
ATOM   767  O O   . GLN A 1 137 ? 7.621   7.792   0.004   1.00 24.58 ? 125 GLN A O   1 
ATOM   768  C CB  . GLN A 1 137 ? 7.063   4.537   -0.239  1.00 28.16 ? 125 GLN A CB  1 
ATOM   769  C CG  . GLN A 1 137 ? 5.912   3.548   0.018   1.00 29.07 ? 125 GLN A CG  1 
ATOM   770  C CD  . GLN A 1 137 ? 4.816   4.069   0.926   1.00 31.25 ? 125 GLN A CD  1 
ATOM   771  O OE1 . GLN A 1 137 ? 5.096   4.514   2.025   1.00 30.80 ? 125 GLN A OE1 1 
ATOM   772  N NE2 . GLN A 1 137 ? 3.559   4.059   0.470   1.00 29.22 ? 125 GLN A NE2 1 
ATOM   773  N N   . ALA A 1 138 ? 8.510   6.958   -1.903  1.00 26.04 ? 126 ALA A N   1 
ATOM   774  C CA  . ALA A 1 138 ? 9.606   7.954   -2.029  1.00 29.41 ? 126 ALA A CA  1 
ATOM   775  C C   . ALA A 1 138 ? 8.988   9.345   -2.229  1.00 29.23 ? 126 ALA A C   1 
ATOM   776  O O   . ALA A 1 138 ? 9.419   10.287  -1.560  1.00 29.66 ? 126 ALA A O   1 
ATOM   777  C CB  . ALA A 1 138 ? 10.551  7.541   -3.132  1.00 30.90 ? 126 ALA A CB  1 
ATOM   778  N N   . ALA A 1 139 ? 7.888   9.440   -2.980  1.00 30.14 ? 127 ALA A N   1 
ATOM   779  C CA  . ALA A 1 139 ? 7.226   10.728  -3.300  1.00 28.81 ? 127 ALA A CA  1 
ATOM   780  C C   . ALA A 1 139 ? 6.528   11.311  -2.070  1.00 30.55 ? 127 ALA A C   1 
ATOM   781  O O   . ALA A 1 139 ? 6.231   12.496  -2.097  1.00 28.73 ? 127 ALA A O   1 
ATOM   782  C CB  . ALA A 1 139 ? 6.270   10.540  -4.439  1.00 25.74 ? 127 ALA A CB  1 
ATOM   783  N N   . ARG A 1 140 ? 6.259   10.539  -1.014  1.00 30.22 ? 128 ARG A N   1 
ATOM   784  C CA  . ARG A 1 140 ? 5.649   11.095  0.227   1.00 28.15 ? 128 ARG A CA  1 
ATOM   785  C C   . ARG A 1 140 ? 6.487   12.256  0.768   1.00 31.88 ? 128 ARG A C   1 
ATOM   786  O O   . ARG A 1 140 ? 5.909   13.169  1.393   1.00 31.35 ? 128 ARG A O   1 
ATOM   787  C CB  . ARG A 1 140 ? 5.530   10.043  1.324   1.00 28.24 ? 128 ARG A CB  1 
ATOM   788  C CG  . ARG A 1 140 ? 4.454   9.011   1.033   1.00 29.64 ? 128 ARG A CG  1 
ATOM   789  C CD  . ARG A 1 140 ? 4.572   7.877   2.026   1.00 29.90 ? 128 ARG A CD  1 
ATOM   790  N NE  . ARG A 1 140 ? 4.208   8.304   3.355   1.00 30.57 ? 128 ARG A NE  1 
ATOM   791  C CZ  . ARG A 1 140 ? 4.300   7.536   4.438   1.00 33.61 ? 128 ARG A CZ  1 
ATOM   792  N NH1 . ARG A 1 140 ? 4.730   6.287   4.340   1.00 29.78 ? 128 ARG A NH1 1 
ATOM   793  N NH2 . ARG A 1 140 ? 3.931   8.012   5.612   1.00 31.26 ? 128 ARG A NH2 1 
ATOM   794  N N   . ALA A 1 141 ? 7.793   12.223  0.552   1.00 29.78 ? 129 ALA A N   1 
ATOM   795  C CA  . ALA A 1 141 ? 8.719   13.268  1.032   1.00 34.51 ? 129 ALA A CA  1 
ATOM   796  C C   . ALA A 1 141 ? 8.515   14.573  0.243   1.00 36.12 ? 129 ALA A C   1 
ATOM   797  O O   . ALA A 1 141 ? 8.760   15.626  0.830   1.00 34.82 ? 129 ALA A O   1 
ATOM   798  C CB  . ALA A 1 141 ? 10.144  12.776  0.970   1.00 33.15 ? 129 ALA A CB  1 
ATOM   799  N N   . THR A 1 142 ? 8.113   14.535  -1.034  1.00 40.37 ? 130 THR A N   1 
ATOM   800  C CA  . THR A 1 142 ? 8.167   15.724  -1.929  1.00 38.88 ? 130 THR A CA  1 
ATOM   801  C C   . THR A 1 142 ? 6.780   16.099  -2.458  1.00 43.95 ? 130 THR A C   1 
ATOM   802  O O   . THR A 1 142 ? 6.668   17.207  -2.980  1.00 43.44 ? 130 THR A O   1 
ATOM   803  C CB  . THR A 1 142 ? 9.190   15.507  -3.040  1.00 37.90 ? 130 THR A CB  1 
ATOM   804  O OG1 . THR A 1 142 ? 8.749   14.405  -3.824  1.00 35.98 ? 130 THR A OG1 1 
ATOM   805  C CG2 . THR A 1 142 ? 10.568  15.198  -2.500  1.00 39.37 ? 130 THR A CG2 1 
ATOM   806  N N   . SER A 1 143 ? 5.761   15.247  -2.324  1.00 33.33 ? 131 SER A N   1 
ATOM   807  C CA  . SER A 1 143 ? 4.401   15.552  -2.813  1.00 32.16 ? 131 SER A CA  1 
ATOM   808  C C   . SER A 1 143 ? 3.410   15.552  -1.650  1.00 35.05 ? 131 SER A C   1 
ATOM   809  O O   . SER A 1 143 ? 3.181   14.497  -1.031  1.00 35.83 ? 131 SER A O   1 
ATOM   810  C CB  . SER A 1 143 ? 3.962   14.617  -3.889  1.00 31.73 ? 131 SER A CB  1 
ATOM   811  O OG  . SER A 1 143 ? 2.544   14.626  -3.952  1.00 32.50 ? 131 SER A OG  1 
ATOM   812  N N   . VAL A 1 144 ? 2.822   16.716  -1.369  1.00 34.27 ? 132 VAL A N   1 
ATOM   813  C CA  . VAL A 1 144 ? 1.746   16.880  -0.368  1.00 34.28 ? 132 VAL A CA  1 
ATOM   814  C C   . VAL A 1 144 ? 0.579   15.980  -0.779  1.00 31.67 ? 132 VAL A C   1 
ATOM   815  O O   . VAL A 1 144 ? -0.136  15.475  0.100   1.00 32.12 ? 132 VAL A O   1 
ATOM   816  C CB  . VAL A 1 144 ? 1.331   18.362  -0.263  1.00 39.20 ? 132 VAL A CB  1 
ATOM   817  C CG1 . VAL A 1 144 ? 0.011   18.541  0.464   1.00 39.18 ? 132 VAL A CG1 1 
ATOM   818  C CG2 . VAL A 1 144 ? 2.428   19.179  0.406   1.00 39.67 ? 132 VAL A CG2 1 
ATOM   819  N N   . GLU A 1 145 ? 0.300   15.855  -2.069  1.00 33.53 ? 133 GLU A N   1 
ATOM   820  C CA  . GLU A 1 145 ? -0.874  15.058  -2.498  1.00 34.24 ? 133 GLU A CA  1 
ATOM   821  C C   . GLU A 1 145 ? -0.561  13.569  -2.238  1.00 30.02 ? 133 GLU A C   1 
ATOM   822  O O   . GLU A 1 145 ? -1.464  12.832  -1.842  1.00 30.51 ? 133 GLU A O   1 
ATOM   823  C CB  . GLU A 1 145 ? -1.195  15.323  -3.962  1.00 40.39 ? 133 GLU A CB  1 
ATOM   824  C CG  . GLU A 1 145 ? -1.721  16.722  -4.228  1.00 48.38 ? 133 GLU A CG  1 
ATOM   825  C CD  . GLU A 1 145 ? -1.865  17.017  -5.712  1.00 57.82 ? 133 GLU A CD  1 
ATOM   826  O OE1 . GLU A 1 145 ? -0.826  17.223  -6.368  1.00 70.55 ? 133 GLU A OE1 1 
ATOM   827  O OE2 . GLU A 1 145 ? -3.013  16.996  -6.229  1.00 69.71 ? 133 GLU A OE2 1 
ATOM   828  N N   . VAL A 1 146 ? 0.683   13.139  -2.438  1.00 28.16 ? 134 VAL A N   1 
ATOM   829  C CA  . VAL A 1 146 ? 1.026   11.710  -2.168  1.00 28.41 ? 134 VAL A CA  1 
ATOM   830  C C   . VAL A 1 146 ? 0.958   11.476  -0.654  1.00 27.51 ? 134 VAL A C   1 
ATOM   831  O O   . VAL A 1 146 ? 0.278   10.529  -0.256  1.00 24.99 ? 134 VAL A O   1 
ATOM   832  C CB  . VAL A 1 146 ? 2.363   11.303  -2.797  1.00 29.91 ? 134 VAL A CB  1 
ATOM   833  C CG1 . VAL A 1 146 ? 2.837   9.957   -2.262  1.00 31.21 ? 134 VAL A CG1 1 
ATOM   834  C CG2 . VAL A 1 146 ? 2.268   11.273  -4.325  1.00 31.00 ? 134 VAL A CG2 1 
ATOM   835  N N   . ALA A 1 147 ? 1.565   12.345  0.167   1.00 28.57 ? 135 ALA A N   1 
ATOM   836  C CA  . ALA A 1 147 ? 1.514   12.261  1.648   1.00 29.03 ? 135 ALA A CA  1 
ATOM   837  C C   . ALA A 1 147 ? 0.059   12.230  2.099   1.00 28.39 ? 135 ALA A C   1 
ATOM   838  O O   . ALA A 1 147 ? -0.263  11.416  2.968   1.00 26.37 ? 135 ALA A O   1 
ATOM   839  C CB  . ALA A 1 147 ? 2.297   13.375  2.306   1.00 27.28 ? 135 ALA A CB  1 
ATOM   840  N N   . GLU A 1 148 ? -0.827  13.054  1.537   1.00 26.18 ? 136 GLU A N   1 
ATOM   841  C CA  . GLU A 1 148 ? -2.201  13.131  2.086   1.00 29.15 ? 136 GLU A CA  1 
ATOM   842  C C   . GLU A 1 148 ? -2.969  11.888  1.655   1.00 25.60 ? 136 GLU A C   1 
ATOM   843  O O   . GLU A 1 148 ? -3.776  11.407  2.451   1.00 26.75 ? 136 GLU A O   1 
ATOM   844  C CB  . GLU A 1 148 ? -2.896  14.450  1.735   1.00 33.91 ? 136 GLU A CB  1 
ATOM   845  C CG  . GLU A 1 148 ? -2.281  15.583  2.545   1.00 40.47 ? 136 GLU A CG  1 
ATOM   846  C CD  . GLU A 1 148 ? -2.812  16.969  2.226   1.00 53.48 ? 136 GLU A CD  1 
ATOM   847  O OE1 . GLU A 1 148 ? -3.528  17.099  1.207   1.00 51.62 ? 136 GLU A OE1 1 
ATOM   848  O OE2 . GLU A 1 148 ? -2.487  17.921  2.993   1.00 58.66 ? 136 GLU A OE2 1 
ATOM   849  N N   . LEU A 1 149 ? -2.687  11.367  0.468   1.00 25.57 ? 137 LEU A N   1 
ATOM   850  C CA  . LEU A 1 149 ? -3.345  10.124  -0.009  1.00 24.88 ? 137 LEU A CA  1 
ATOM   851  C C   . LEU A 1 149 ? -2.978  8.982   0.952   1.00 23.80 ? 137 LEU A C   1 
ATOM   852  O O   . LEU A 1 149 ? -3.880  8.250   1.457   1.00 21.71 ? 137 LEU A O   1 
ATOM   853  C CB  . LEU A 1 149 ? -2.850  9.849   -1.426  1.00 24.66 ? 137 LEU A CB  1 
ATOM   854  C CG  . LEU A 1 149 ? -3.315  8.522   -2.015  1.00 26.82 ? 137 LEU A CG  1 
ATOM   855  C CD1 . LEU A 1 149 ? -4.818  8.491   -2.195  1.00 28.61 ? 137 LEU A CD1 1 
ATOM   856  C CD2 . LEU A 1 149 ? -2.629  8.237   -3.328  1.00 29.15 ? 137 LEU A CD2 1 
ATOM   857  N N   . TRP A 1 150 ? -1.684  8.823   1.184   1.00 22.68 ? 138 TRP A N   1 
ATOM   858  C CA  . TRP A 1 150 ? -1.146  7.734   2.028   1.00 23.84 ? 138 TRP A CA  1 
ATOM   859  C C   . TRP A 1 150 ? -1.752  7.866   3.428   1.00 22.46 ? 138 TRP A C   1 
ATOM   860  O O   . TRP A 1 150 ? -2.312  6.892   3.985   1.00 19.96 ? 138 TRP A O   1 
ATOM   861  C CB  . TRP A 1 150 ? 0.389   7.735   2.046   1.00 23.54 ? 138 TRP A CB  1 
ATOM   862  C CG  . TRP A 1 150 ? 0.840   6.464   2.678   1.00 23.56 ? 138 TRP A CG  1 
ATOM   863  C CD1 . TRP A 1 150 ? 1.322   6.268   3.941   1.00 24.05 ? 138 TRP A CD1 1 
ATOM   864  C CD2 . TRP A 1 150 ? 0.651   5.160   2.111   1.00 23.93 ? 138 TRP A CD2 1 
ATOM   865  N NE1 . TRP A 1 150 ? 1.541   4.932   4.155   1.00 24.45 ? 138 TRP A NE1 1 
ATOM   866  C CE2 . TRP A 1 150 ? 1.136   4.229   3.053   1.00 23.42 ? 138 TRP A CE2 1 
ATOM   867  C CE3 . TRP A 1 150 ? 0.190   4.702   0.872   1.00 23.82 ? 138 TRP A CE3 1 
ATOM   868  C CZ2 . TRP A 1 150 ? 1.100   2.857   2.815   1.00 23.27 ? 138 TRP A CZ2 1 
ATOM   869  C CZ3 . TRP A 1 150 ? 0.181   3.347   0.629   1.00 23.85 ? 138 TRP A CZ3 1 
ATOM   870  C CH2 . TRP A 1 150 ? 0.646   2.443   1.584   1.00 23.00 ? 138 TRP A CH2 1 
ATOM   871  N N   . SER A 1 151 ? -1.702  9.065   3.982   1.00 23.74 ? 139 SER A N   1 
ATOM   872  C CA  . SER A 1 151 ? -2.218  9.368   5.343   1.00 24.79 ? 139 SER A CA  1 
ATOM   873  C C   . SER A 1 151 ? -3.710  9.040   5.434   1.00 23.69 ? 139 SER A C   1 
ATOM   874  O O   . SER A 1 151 ? -4.167  8.437   6.452   1.00 21.64 ? 139 SER A O   1 
ATOM   875  C CB  . SER A 1 151 ? -1.907  10.823  5.684   1.00 24.40 ? 139 SER A CB  1 
ATOM   876  O OG  . SER A 1 151 ? -2.600  11.161  6.855   1.00 30.01 ? 139 SER A OG  1 
ATOM   877  N N   . THR A 1 152 ? -4.498  9.431   4.431   1.00 22.76 ? 140 THR A N   1 
ATOM   878  C CA  . THR A 1 152 ? -5.961  9.170   4.450   1.00 24.87 ? 140 THR A CA  1 
ATOM   879  C C   . THR A 1 152 ? -6.236  7.666   4.538   1.00 22.40 ? 140 THR A C   1 
ATOM   880  O O   . THR A 1 152 ? -7.109  7.268   5.341   1.00 21.69 ? 140 THR A O   1 
ATOM   881  C CB  . THR A 1 152 ? -6.644  9.764   3.208   1.00 28.35 ? 140 THR A CB  1 
ATOM   882  O OG1 . THR A 1 152 ? -6.416  11.160  3.359   1.00 31.73 ? 140 THR A OG1 1 
ATOM   883  C CG2 . THR A 1 152 ? -8.118  9.473   3.122   1.00 31.33 ? 140 THR A CG2 1 
ATOM   884  N N   . PHE A 1 153 ? -5.579  6.850   3.703   1.00 22.85 ? 141 PHE A N   1 
ATOM   885  C CA  . PHE A 1 153 ? -5.904  5.403   3.639   1.00 21.30 ? 141 PHE A CA  1 
ATOM   886  C C   . PHE A 1 153 ? -5.350  4.718   4.881   1.00 20.99 ? 141 PHE A C   1 
ATOM   887  O O   . PHE A 1 153 ? -6.029  3.858   5.430   1.00 19.87 ? 141 PHE A O   1 
ATOM   888  C CB  . PHE A 1 153 ? -5.441  4.785   2.323   1.00 23.59 ? 141 PHE A CB  1 
ATOM   889  C CG  . PHE A 1 153 ? -6.478  5.022   1.268   1.00 23.20 ? 141 PHE A CG  1 
ATOM   890  C CD1 . PHE A 1 153 ? -7.545  4.153   1.127   1.00 24.23 ? 141 PHE A CD1 1 
ATOM   891  C CD2 . PHE A 1 153 ? -6.470  6.201   0.537   1.00 26.02 ? 141 PHE A CD2 1 
ATOM   892  C CE1 . PHE A 1 153 ? -8.518  4.392   0.167   1.00 26.10 ? 141 PHE A CE1 1 
ATOM   893  C CE2 . PHE A 1 153 ? -7.462  6.453   -0.402  1.00 27.38 ? 141 PHE A CE2 1 
ATOM   894  C CZ  . PHE A 1 153 ? -8.481  5.553   -0.577  1.00 25.64 ? 141 PHE A CZ  1 
ATOM   895  N N   . MET A 1 154 ? -4.163  5.108   5.339   1.00 19.95 ? 142 MET A N   1 
ATOM   896  C CA  . MET A 1 154 ? -3.616  4.514   6.605   1.00 19.48 ? 142 MET A CA  1 
ATOM   897  C C   . MET A 1 154 ? -4.597  4.754   7.767   1.00 19.82 ? 142 MET A C   1 
ATOM   898  O O   . MET A 1 154 ? -4.850  3.828   8.589   1.00 18.42 ? 142 MET A O   1 
ATOM   899  C CB  . MET A 1 154 ? -2.234  5.100   6.905   1.00 18.13 ? 142 MET A CB  1 
ATOM   900  C CG  . MET A 1 154 ? -1.156  4.533   5.985   1.00 18.66 ? 142 MET A CG  1 
ATOM   901  S SD  . MET A 1 154 ? -0.861  2.719   6.235   1.00 23.17 ? 142 MET A SD  1 
ATOM   902  C CE  . MET A 1 154 ? 0.146   2.798   7.720   1.00 21.69 ? 142 MET A CE  1 
ATOM   903  N N   . GLN A 1 155 ? -5.165  5.957   7.850   1.00 21.43 ? 143 GLN A N   1 
ATOM   904  C CA  . GLN A 1 155 ? -6.166  6.268   8.893   1.00 21.19 ? 143 GLN A CA  1 
ATOM   905  C C   . GLN A 1 155 ? -7.359  5.335   8.736   1.00 21.09 ? 143 GLN A C   1 
ATOM   906  O O   . GLN A 1 155 ? -7.767  4.758   9.744   1.00 18.85 ? 143 GLN A O   1 
ATOM   907  C CB  . GLN A 1 155 ? -6.598  7.724   8.815   1.00 24.71 ? 143 GLN A CB  1 
ATOM   908  C CG  . GLN A 1 155 ? -5.531  8.675   9.319   1.00 28.19 ? 143 GLN A CG  1 
ATOM   909  C CD  . GLN A 1 155 ? -6.040  10.097  9.201   1.00 35.40 ? 143 GLN A CD  1 
ATOM   910  O OE1 . GLN A 1 155 ? -7.076  10.435  9.749   1.00 39.60 ? 143 GLN A OE1 1 
ATOM   911  N NE2 . GLN A 1 155 ? -5.355  10.927  8.430   1.00 40.86 ? 143 GLN A NE2 1 
ATOM   912  N N   . LYS A 1 156 ? -7.849  5.144   7.510   1.00 20.46 ? 144 LYS A N   1 
ATOM   913  C CA  . LYS A 1 156 ? -8.996  4.245   7.249   1.00 22.16 ? 144 LYS A CA  1 
ATOM   914  C C   . LYS A 1 156 ? -8.660  2.807   7.663   1.00 20.07 ? 144 LYS A C   1 
ATOM   915  O O   . LYS A 1 156 ? -9.437  2.206   8.378   1.00 19.96 ? 144 LYS A O   1 
ATOM   916  C CB  . LYS A 1 156 ? -9.361  4.369   5.773   1.00 25.15 ? 144 LYS A CB  1 
ATOM   917  C CG  . LYS A 1 156 ? -10.620 3.621   5.382   1.00 30.10 ? 144 LYS A CG  1 
ATOM   918  C CD  . LYS A 1 156 ? -11.091 3.917   3.964   1.00 34.46 ? 144 LYS A CD  1 
ATOM   919  C CE  . LYS A 1 156 ? -12.307 3.072   3.624   1.00 36.12 ? 144 LYS A CE  1 
ATOM   920  N NZ  . LYS A 1 156 ? -12.560 3.136   2.172   1.00 40.37 ? 144 LYS A NZ  1 
ATOM   921  N N   . TRP A 1 157 ? -7.481  2.286   7.302   1.00 21.49 ? 145 TRP A N   1 
ATOM   922  C CA  . TRP A 1 157 ? -7.114  0.866   7.595   1.00 20.75 ? 145 TRP A CA  1 
ATOM   923  C C   . TRP A 1 157 ? -6.915  0.638   9.098   1.00 20.84 ? 145 TRP A C   1 
ATOM   924  O O   . TRP A 1 157 ? -7.327  -0.426  9.621   1.00 20.08 ? 145 TRP A O   1 
ATOM   925  C CB  . TRP A 1 157 ? -5.882  0.489   6.772   1.00 21.01 ? 145 TRP A CB  1 
ATOM   926  C CG  . TRP A 1 157 ? -6.134  0.604   5.306   1.00 20.68 ? 145 TRP A CG  1 
ATOM   927  C CD1 . TRP A 1 157 ? -7.332  0.402   4.681   1.00 21.93 ? 145 TRP A CD1 1 
ATOM   928  C CD2 . TRP A 1 157 ? -5.180  0.880   4.264   1.00 22.18 ? 145 TRP A CD2 1 
ATOM   929  N NE1 . TRP A 1 157 ? -7.194  0.572   3.333   1.00 22.49 ? 145 TRP A NE1 1 
ATOM   930  C CE2 . TRP A 1 157 ? -5.891  0.861   3.046   1.00 21.24 ? 145 TRP A CE2 1 
ATOM   931  C CE3 . TRP A 1 157 ? -3.809  1.156   4.234   1.00 20.65 ? 145 TRP A CE3 1 
ATOM   932  C CZ2 . TRP A 1 157 ? -5.273  1.085   1.818   1.00 21.59 ? 145 TRP A CZ2 1 
ATOM   933  C CZ3 . TRP A 1 157 ? -3.208  1.432   3.037   1.00 21.37 ? 145 TRP A CZ3 1 
ATOM   934  C CH2 . TRP A 1 157 ? -3.929  1.364   1.835   1.00 21.28 ? 145 TRP A CH2 1 
ATOM   935  N N   . ILE A 1 158 ? -6.307  1.611   9.779   1.00 21.44 ? 146 ILE A N   1 
ATOM   936  C CA  . ILE A 1 158 ? -6.127  1.615   11.258  1.00 20.06 ? 146 ILE A CA  1 
ATOM   937  C C   . ILE A 1 158 ? -7.513  1.632   11.926  1.00 18.96 ? 146 ILE A C   1 
ATOM   938  O O   . ILE A 1 158 ? -7.766  0.772   12.790  1.00 18.49 ? 146 ILE A O   1 
ATOM   939  C CB  . ILE A 1 158 ? -5.228  2.794   11.690  1.00 20.19 ? 146 ILE A CB  1 
ATOM   940  C CG1 . ILE A 1 158 ? -3.765  2.540   11.321  1.00 19.23 ? 146 ILE A CG1 1 
ATOM   941  C CG2 . ILE A 1 158 ? -5.397  3.083   13.179  1.00 20.88 ? 146 ILE A CG2 1 
ATOM   942  C CD1 . ILE A 1 158 ? -2.928  3.799   11.221  1.00 19.67 ? 146 ILE A CD1 1 
ATOM   943  N N   . ALA A 1 159 ? -8.415  2.518   11.523  1.00 20.63 ? 147 ALA A N   1 
ATOM   944  C CA  . ALA A 1 159 ? -9.780  2.571   12.117  1.00 21.50 ? 147 ALA A CA  1 
ATOM   945  C C   . ALA A 1 159 ? -10.440 1.203   11.935  1.00 20.75 ? 147 ALA A C   1 
ATOM   946  O O   . ALA A 1 159 ? -11.012 0.686   12.925  1.00 20.13 ? 147 ALA A O   1 
ATOM   947  C CB  . ALA A 1 159 ? -10.589 3.716   11.536  1.00 20.39 ? 147 ALA A CB  1 
ATOM   948  N N   . TYR A 1 160 ? -10.301 0.566   10.752  1.00 22.18 ? 148 TYR A N   1 
ATOM   949  C CA  . TYR A 1 160 ? -10.947 -0.750  10.497  1.00 23.61 ? 148 TYR A CA  1 
ATOM   950  C C   . TYR A 1 160 ? -10.262 -1.821  11.370  1.00 22.90 ? 148 TYR A C   1 
ATOM   951  O O   . TYR A 1 160 ? -10.939 -2.637  11.995  1.00 20.38 ? 148 TYR A O   1 
ATOM   952  C CB  . TYR A 1 160 ? -11.017 -1.141  9.012   1.00 24.90 ? 148 TYR A CB  1 
ATOM   953  C CG  . TYR A 1 160 ? -11.710 -2.460  8.810   1.00 26.72 ? 148 TYR A CG  1 
ATOM   954  C CD1 . TYR A 1 160 ? -13.019 -2.642  9.241   1.00 30.58 ? 148 TYR A CD1 1 
ATOM   955  C CD2 . TYR A 1 160 ? -11.069 -3.552  8.254   1.00 28.91 ? 148 TYR A CD2 1 
ATOM   956  C CE1 . TYR A 1 160 ? -13.686 -3.848  9.102   1.00 29.85 ? 148 TYR A CE1 1 
ATOM   957  C CE2 . TYR A 1 160 ? -11.724 -4.773  8.120   1.00 31.40 ? 148 TYR A CE2 1 
ATOM   958  C CZ  . TYR A 1 160 ? -13.027 -4.930  8.560   1.00 34.33 ? 148 TYR A CZ  1 
ATOM   959  O OH  . TYR A 1 160 ? -13.686 -6.130  8.455   1.00 41.34 ? 148 TYR A OH  1 
ATOM   960  N N   . THR A 1 161 ? -8.937  -1.802  11.453  1.00 20.51 ? 149 THR A N   1 
ATOM   961  C CA  . THR A 1 161 ? -8.180  -2.727  12.335  1.00 20.84 ? 149 THR A CA  1 
ATOM   962  C C   . THR A 1 161 ? -8.731  -2.590  13.758  1.00 20.66 ? 149 THR A C   1 
ATOM   963  O O   . THR A 1 161 ? -9.015  -3.641  14.373  1.00 21.80 ? 149 THR A O   1 
ATOM   964  C CB  . THR A 1 161 ? -6.662  -2.472  12.294  1.00 19.40 ? 149 THR A CB  1 
ATOM   965  O OG1 . THR A 1 161 ? -6.204  -2.545  10.936  1.00 20.85 ? 149 THR A OG1 1 
ATOM   966  C CG2 . THR A 1 161 ? -5.911  -3.448  13.167  1.00 18.21 ? 149 THR A CG2 1 
ATOM   967  N N   . ALA A 1 162 ? -8.865  -1.357  14.269  1.00 21.51 ? 150 ALA A N   1 
ATOM   968  C CA  . ALA A 1 162 ? -9.282  -1.104  15.677  1.00 21.32 ? 150 ALA A CA  1 
ATOM   969  C C   . ALA A 1 162 ? -10.699 -1.660  15.880  1.00 21.50 ? 150 ALA A C   1 
ATOM   970  O O   . ALA A 1 162 ? -10.957 -2.281  16.928  1.00 23.04 ? 150 ALA A O   1 
ATOM   971  C CB  . ALA A 1 162 ? -9.230  0.368   15.994  1.00 20.28 ? 150 ALA A CB  1 
ATOM   972  N N   . ALA A 1 163 ? -11.594 -1.403  14.924  1.00 24.77 ? 151 ALA A N   1 
ATOM   973  C CA  . ALA A 1 163 ? -13.014 -1.844  14.980  1.00 25.59 ? 151 ALA A CA  1 
ATOM   974  C C   . ALA A 1 163 ? -13.043 -3.362  15.110  1.00 25.82 ? 151 ALA A C   1 
ATOM   975  O O   . ALA A 1 163 ? -13.827 -3.893  15.936  1.00 24.29 ? 151 ALA A O   1 
ATOM   976  C CB  . ALA A 1 163 ? -13.795 -1.369  13.768  1.00 26.12 ? 151 ALA A CB  1 
ATOM   977  N N   . VAL A 1 164 ? -12.195 -4.078  14.359  1.00 25.55 ? 152 VAL A N   1 
ATOM   978  C CA  . VAL A 1 164 ? -12.211 -5.565  14.412  1.00 23.78 ? 152 VAL A CA  1 
ATOM   979  C C   . VAL A 1 164 ? -11.632 -5.989  15.769  1.00 24.88 ? 152 VAL A C   1 
ATOM   980  O O   . VAL A 1 164 ? -12.189 -6.881  16.389  1.00 24.60 ? 152 VAL A O   1 
ATOM   981  C CB  . VAL A 1 164 ? -11.502 -6.178  13.182  1.00 26.68 ? 152 VAL A CB  1 
ATOM   982  C CG1 . VAL A 1 164 ? -11.384 -7.681  13.275  1.00 26.09 ? 152 VAL A CG1 1 
ATOM   983  C CG2 . VAL A 1 164 ? -12.222 -5.799  11.896  1.00 28.96 ? 152 VAL A CG2 1 
ATOM   984  N N   . ILE A 1 165 ? -10.547 -5.371  16.250  1.00 23.73 ? 153 ILE A N   1 
ATOM   985  C CA  . ILE A 1 165 ? -9.968  -5.748  17.569  1.00 22.76 ? 153 ILE A CA  1 
ATOM   986  C C   . ILE A 1 165 ? -11.073 -5.527  18.625  1.00 25.53 ? 153 ILE A C   1 
ATOM   987  O O   . ILE A 1 165 ? -11.267 -6.385  19.452  1.00 25.59 ? 153 ILE A O   1 
ATOM   988  C CB  . ILE A 1 165 ? -8.685  -4.931  17.864  1.00 22.69 ? 153 ILE A CB  1 
ATOM   989  C CG1 . ILE A 1 165 ? -7.525  -5.355  16.949  1.00 21.13 ? 153 ILE A CG1 1 
ATOM   990  C CG2 . ILE A 1 165 ? -8.292  -5.005  19.327  1.00 22.52 ? 153 ILE A CG2 1 
ATOM   991  C CD1 . ILE A 1 165 ? -6.376  -4.372  16.960  1.00 21.90 ? 153 ILE A CD1 1 
ATOM   992  N N   . ASP A 1 166 ? -11.760 -4.397  18.583  1.00 24.92 ? 154 ASP A N   1 
ATOM   993  C CA  . ASP A 1 166 ? -12.881 -4.087  19.522  1.00 30.33 ? 154 ASP A CA  1 
ATOM   994  C C   . ASP A 1 166 ? -13.994 -5.153  19.467  1.00 30.73 ? 154 ASP A C   1 
ATOM   995  O O   . ASP A 1 166 ? -14.403 -5.619  20.537  1.00 33.77 ? 154 ASP A O   1 
ATOM   996  C CB  . ASP A 1 166 ? -13.416 -2.690  19.241  1.00 28.97 ? 154 ASP A CB  1 
ATOM   997  C CG  . ASP A 1 166 ? -12.578 -1.648  19.941  1.00 33.76 ? 154 ASP A CG  1 
ATOM   998  O OD1 . ASP A 1 166 ? -11.907 -2.016  20.938  1.00 35.04 ? 154 ASP A OD1 1 
ATOM   999  O OD2 . ASP A 1 166 ? -12.558 -0.500  19.459  1.00 39.54 ? 154 ASP A OD2 1 
ATOM   1000 N N   . ALA A 1 167 ? -14.437 -5.549  18.279  1.00 30.06 ? 155 ALA A N   1 
ATOM   1001 C CA  . ALA A 1 167 ? -15.403 -6.654  18.074  1.00 31.93 ? 155 ALA A CA  1 
ATOM   1002 C C   . ALA A 1 167 ? -14.876 -7.942  18.726  1.00 33.24 ? 155 ALA A C   1 
ATOM   1003 O O   . ALA A 1 167 ? -15.630 -8.633  19.410  1.00 34.72 ? 155 ALA A O   1 
ATOM   1004 C CB  . ALA A 1 167 ? -15.644 -6.851  16.596  1.00 32.30 ? 155 ALA A CB  1 
ATOM   1005 N N   . GLU A 1 168 ? -13.603 -8.271  18.549  1.00 30.88 ? 156 GLU A N   1 
ATOM   1006 C CA  . GLU A 1 168 ? -13.008 -9.480  19.159  1.00 29.10 ? 156 GLU A CA  1 
ATOM   1007 C C   . GLU A 1 168 ? -13.032 -9.350  20.685  1.00 35.88 ? 156 GLU A C   1 
ATOM   1008 O O   . GLU A 1 168 ? -13.197 -10.394 21.373  1.00 36.19 ? 156 GLU A O   1 
ATOM   1009 C CB  . GLU A 1 168 ? -11.578 -9.704  18.669  1.00 30.13 ? 156 GLU A CB  1 
ATOM   1010 C CG  . GLU A 1 168 ? -11.497 -10.164 17.231  1.00 31.07 ? 156 GLU A CG  1 
ATOM   1011 C CD  . GLU A 1 168 ? -12.003 -11.583 17.068  1.00 32.23 ? 156 GLU A CD  1 
ATOM   1012 O OE1 . GLU A 1 168 ? -11.220 -12.549 17.231  1.00 30.18 ? 156 GLU A OE1 1 
ATOM   1013 O OE2 . GLU A 1 168 ? -13.187 -11.712 16.851  1.00 30.47 ? 156 GLU A OE2 1 
ATOM   1014 N N   . ARG A 1 169 ? -12.815 -8.140  21.214  1.00 33.11 ? 157 ARG A N   1 
ATOM   1015 C CA  . ARG A 1 169 ? -12.812 -7.902  22.679  1.00 32.49 ? 157 ARG A CA  1 
ATOM   1016 C C   . ARG A 1 169 ? -14.250 -8.043  23.227  1.00 35.23 ? 157 ARG A C   1 
ATOM   1017 O O   . ARG A 1 169 ? -14.405 -8.653  24.292  1.00 31.36 ? 157 ARG A O   1 
ATOM   1018 C CB  . ARG A 1 169 ? -12.229 -6.523  22.975  1.00 32.96 ? 157 ARG A CB  1 
ATOM   1019 C CG  . ARG A 1 169 ? -10.713 -6.474  22.829  1.00 30.70 ? 157 ARG A CG  1 
ATOM   1020 C CD  . ARG A 1 169 ? -10.197 -5.062  22.948  1.00 27.36 ? 157 ARG A CD  1 
ATOM   1021 N NE  . ARG A 1 169 ? -8.750  -5.148  22.852  1.00 28.12 ? 157 ARG A NE  1 
ATOM   1022 C CZ  . ARG A 1 169 ? -7.902  -4.170  23.168  1.00 25.21 ? 157 ARG A CZ  1 
ATOM   1023 N NH1 . ARG A 1 169 ? -6.601  -4.380  23.110  1.00 23.89 ? 157 ARG A NH1 1 
ATOM   1024 N NH2 . ARG A 1 169 ? -8.353  -2.996  23.556  1.00 24.04 ? 157 ARG A NH2 1 
ATOM   1025 N N   . ASP A 1 170 ? -15.236 -7.510  22.509  1.00 33.52 ? 158 ASP A N   1 
ATOM   1026 C CA  . ASP A 1 170 ? -16.676 -7.496  22.892  1.00 38.11 ? 158 ASP A CA  1 
ATOM   1027 C C   . ASP A 1 170 ? -17.236 -8.917  22.870  1.00 40.69 ? 158 ASP A C   1 
ATOM   1028 O O   . ASP A 1 170 ? -18.108 -9.198  23.672  1.00 48.32 ? 158 ASP A O   1 
ATOM   1029 C CB  . ASP A 1 170 ? -17.491 -6.634  21.934  1.00 39.20 ? 158 ASP A CB  1 
ATOM   1030 C CG  . ASP A 1 170 ? -17.213 -5.148  22.082  1.00 43.55 ? 158 ASP A CG  1 
ATOM   1031 O OD1 . ASP A 1 170 ? -16.511 -4.759  23.052  1.00 46.67 ? 158 ASP A OD1 1 
ATOM   1032 O OD2 . ASP A 1 170 ? -17.681 -4.393  21.219  1.00 43.55 ? 158 ASP A OD2 1 
ATOM   1033 N N   . ARG A 1 171 ? -16.718 -9.789  22.017  1.00 38.26 ? 159 ARG A N   1 
ATOM   1034 C CA  . ARG A 1 171 ? -17.199 -11.189 21.910  1.00 39.62 ? 159 ARG A CA  1 
ATOM   1035 C C   . ARG A 1 171 ? -16.433 -12.027 22.935  1.00 34.16 ? 159 ARG A C   1 
ATOM   1036 O O   . ARG A 1 171 ? -16.765 -13.187 23.102  1.00 35.68 ? 159 ARG A O   1 
ATOM   1037 C CB  . ARG A 1 171 ? -17.174 -11.644 20.440  1.00 40.38 ? 159 ARG A CB  1 
ATOM   1038 C CG  . ARG A 1 171 ? -16.026 -12.546 20.016  1.00 46.78 ? 159 ARG A CG  1 
ATOM   1039 C CD  . ARG A 1 171 ? -16.126 -13.017 18.570  1.00 50.57 ? 159 ARG A CD  1 
ATOM   1040 N NE  . ARG A 1 171 ? -14.808 -13.421 18.045  1.00 50.72 ? 159 ARG A NE  1 
ATOM   1041 C CZ  . ARG A 1 171 ? -14.222 -14.609 18.216  1.00 52.63 ? 159 ARG A CZ  1 
ATOM   1042 N NH1 . ARG A 1 171 ? -14.831 -15.554 18.910  1.00 60.07 ? 159 ARG A NH1 1 
ATOM   1043 N NH2 . ARG A 1 171 ? -13.023 -14.861 17.701  1.00 50.80 ? 159 ARG A NH2 1 
ATOM   1044 N N   . GLY A 1 172 ? -15.462 -11.456 23.640  1.00 34.36 ? 160 GLY A N   1 
ATOM   1045 C CA  . GLY A 1 172 ? -14.689 -12.176 24.674  1.00 30.13 ? 160 GLY A CA  1 
ATOM   1046 C C   . GLY A 1 172 ? -13.508 -12.959 24.124  1.00 33.30 ? 160 GLY A C   1 
ATOM   1047 O O   . GLY A 1 172 ? -12.882 -13.648 24.917  1.00 36.06 ? 160 GLY A O   1 
ATOM   1048 N N   . ALA A 1 173 ? -13.162 -12.870 22.824  1.00 37.04 ? 161 ALA A N   1 
ATOM   1049 C CA  . ALA A 1 173 ? -12.032 -13.642 22.224  1.00 32.69 ? 161 ALA A CA  1 
ATOM   1050 C C   . ALA A 1 173 ? -10.681 -12.954 22.466  1.00 32.38 ? 161 ALA A C   1 
ATOM   1051 O O   . ALA A 1 173 ? -9.702  -13.656 22.625  1.00 35.21 ? 161 ALA A O   1 
ATOM   1052 C CB  . ALA A 1 173 ? -12.276 -13.833 20.762  1.00 34.81 ? 161 ALA A CB  1 
ATOM   1053 N N   . ALA A 1 174 ? -10.627 -11.622 22.537  1.00 29.29 ? 162 ALA A N   1 
ATOM   1054 C CA  . ALA A 1 174 ? -9.377  -10.862 22.786  1.00 29.22 ? 162 ALA A CA  1 
ATOM   1055 C C   . ALA A 1 174 ? -9.463  -10.137 24.129  1.00 27.46 ? 162 ALA A C   1 
ATOM   1056 O O   . ALA A 1 174 ? -10.506 -9.615  24.476  1.00 28.96 ? 162 ALA A O   1 
ATOM   1057 C CB  . ALA A 1 174 ? -9.161  -9.890  21.667  1.00 28.25 ? 162 ALA A CB  1 
ATOM   1058 N N   . PRO A 1 175 ? -8.369  -10.073 24.909  1.00 27.14 ? 163 PRO A N   1 
ATOM   1059 C CA  . PRO A 1 175 ? -8.370  -9.370  26.193  1.00 27.93 ? 163 PRO A CA  1 
ATOM   1060 C C   . PRO A 1 175 ? -8.266  -7.854  26.022  1.00 32.24 ? 163 PRO A C   1 
ATOM   1061 O O   . PRO A 1 175 ? -7.753  -7.404  24.998  1.00 29.65 ? 163 PRO A O   1 
ATOM   1062 C CB  . PRO A 1 175 ? -7.127  -9.942  26.871  1.00 28.94 ? 163 PRO A CB  1 
ATOM   1063 C CG  . PRO A 1 175 ? -6.166  -10.221 25.720  1.00 29.63 ? 163 PRO A CG  1 
ATOM   1064 C CD  . PRO A 1 175 ? -7.075  -10.703 24.602  1.00 28.54 ? 163 PRO A CD  1 
ATOM   1065 N N   . ARG A 1 176 ? -8.775  -7.098  26.997  1.00 28.40 ? 164 ARG A N   1 
ATOM   1066 C CA  . ARG A 1 176 ? -8.683  -5.620  26.988  1.00 31.45 ? 164 ARG A CA  1 
ATOM   1067 C C   . ARG A 1 176 ? -7.301  -5.223  27.496  1.00 31.82 ? 164 ARG A C   1 
ATOM   1068 O O   . ARG A 1 176 ? -7.161  -5.017  28.701  1.00 31.49 ? 164 ARG A O   1 
ATOM   1069 C CB  . ARG A 1 176 ? -9.829  -4.987  27.796  1.00 32.76 ? 164 ARG A CB  1 
ATOM   1070 C CG  . ARG A 1 176 ? -11.176 -5.140  27.102  1.00 42.16 ? 164 ARG A CG  1 
ATOM   1071 C CD  . ARG A 1 176 ? -12.435 -4.647  27.827  1.00 47.31 ? 164 ARG A CD  1 
ATOM   1072 N NE  . ARG A 1 176 ? -13.623 -5.135  27.119  1.00 51.16 ? 164 ARG A NE  1 
ATOM   1073 C CZ  . ARG A 1 176 ? -14.029 -4.743  25.896  1.00 55.46 ? 164 ARG A CZ  1 
ATOM   1074 N NH1 . ARG A 1 176 ? -15.104 -5.283  25.347  1.00 51.95 ? 164 ARG A NH1 1 
ATOM   1075 N NH2 . ARG A 1 176 ? -13.379 -3.814  25.211  1.00 53.50 ? 164 ARG A NH2 1 
ATOM   1076 N N   . THR A 1 177 ? -6.330  -5.070  26.597  1.00 26.55 ? 165 THR A N   1 
ATOM   1077 C CA  . THR A 1 177 ? -4.929  -4.717  26.942  1.00 26.38 ? 165 THR A CA  1 
ATOM   1078 C C   . THR A 1 177 ? -4.738  -3.242  26.580  1.00 27.63 ? 165 THR A C   1 
ATOM   1079 O O   . THR A 1 177 ? -5.416  -2.395  27.151  1.00 26.74 ? 165 THR A O   1 
ATOM   1080 C CB  . THR A 1 177 ? -3.946  -5.706  26.288  1.00 25.80 ? 165 THR A CB  1 
ATOM   1081 O OG1 . THR A 1 177 ? -4.247  -5.780  24.886  1.00 25.21 ? 165 THR A OG1 1 
ATOM   1082 C CG2 . THR A 1 177 ? -4.017  -7.089  26.897  1.00 24.30 ? 165 THR A CG2 1 
ATOM   1083 N N   . LEU A 1 178 ? -3.903  -2.956  25.590  1.00 25.96 ? 166 LEU A N   1 
ATOM   1084 C CA  . LEU A 1 178 ? -3.711  -1.605  25.050  1.00 25.72 ? 166 LEU A CA  1 
ATOM   1085 C C   . LEU A 1 178 ? -5.045  -1.084  24.534  1.00 24.30 ? 166 LEU A C   1 
ATOM   1086 O O   . LEU A 1 178 ? -5.836  -1.843  23.997  1.00 26.59 ? 166 LEU A O   1 
ATOM   1087 C CB  . LEU A 1 178 ? -2.757  -1.674  23.853  1.00 26.64 ? 166 LEU A CB  1 
ATOM   1088 C CG  . LEU A 1 178 ? -1.312  -2.096  24.091  1.00 27.30 ? 166 LEU A CG  1 
ATOM   1089 C CD1 . LEU A 1 178 ? -0.544  -1.925  22.783  1.00 25.01 ? 166 LEU A CD1 1 
ATOM   1090 C CD2 . LEU A 1 178 ? -0.669  -1.308  25.248  1.00 27.84 ? 166 LEU A CD2 1 
ATOM   1091 N N   . PRO A 1 179 ? -5.228  0.244   24.499  1.00 25.27 ? 167 PRO A N   1 
ATOM   1092 C CA  . PRO A 1 179 ? -6.212  0.869   23.614  1.00 24.74 ? 167 PRO A CA  1 
ATOM   1093 C C   . PRO A 1 179 ? -6.121  0.362   22.160  1.00 25.65 ? 167 PRO A C   1 
ATOM   1094 O O   . PRO A 1 179 ? -5.022  0.390   21.528  1.00 21.65 ? 167 PRO A O   1 
ATOM   1095 C CB  . PRO A 1 179 ? -5.843  2.358   23.639  1.00 24.17 ? 167 PRO A CB  1 
ATOM   1096 C CG  . PRO A 1 179 ? -5.087  2.550   24.954  1.00 28.07 ? 167 PRO A CG  1 
ATOM   1097 C CD  . PRO A 1 179 ? -4.379  1.231   25.188  1.00 26.46 ? 167 PRO A CD  1 
ATOM   1098 N N   . ALA A 1 180 ? -7.276  -0.059  21.634  1.00 22.11 ? 168 ALA A N   1 
ATOM   1099 C CA  . ALA A 1 180 ? -7.393  -0.737  20.336  1.00 22.90 ? 168 ALA A CA  1 
ATOM   1100 C C   . ALA A 1 180 ? -6.752  0.110   19.245  1.00 22.18 ? 168 ALA A C   1 
ATOM   1101 O O   . ALA A 1 180 ? -6.047  -0.466  18.382  1.00 20.35 ? 168 ALA A O   1 
ATOM   1102 C CB  . ALA A 1 180 ? -8.829  -1.055  20.048  1.00 23.74 ? 168 ALA A CB  1 
ATOM   1103 N N   . HIS A 1 181 ? -6.970  1.419   19.269  1.00 19.39 ? 169 HIS A N   1 
ATOM   1104 C CA  . HIS A 1 181 ? -6.595  2.295   18.138  1.00 21.16 ? 169 HIS A CA  1 
ATOM   1105 C C   . HIS A 1 181 ? -5.073  2.482   18.125  1.00 21.64 ? 169 HIS A C   1 
ATOM   1106 O O   . HIS A 1 181 ? -4.471  2.577   17.026  1.00 18.01 ? 169 HIS A O   1 
ATOM   1107 C CB  . HIS A 1 181 ? -7.412  3.593   18.163  1.00 22.82 ? 169 HIS A CB  1 
ATOM   1108 C CG  . HIS A 1 181 ? -7.241  4.407   16.922  1.00 20.72 ? 169 HIS A CG  1 
ATOM   1109 N ND1 . HIS A 1 181 ? -6.227  5.338   16.793  1.00 19.69 ? 169 HIS A ND1 1 
ATOM   1110 C CD2 . HIS A 1 181 ? -7.951  4.418   15.766  1.00 19.89 ? 169 HIS A CD2 1 
ATOM   1111 C CE1 . HIS A 1 181 ? -6.338  5.939   15.605  1.00 20.81 ? 169 HIS A CE1 1 
ATOM   1112 N NE2 . HIS A 1 181 ? -7.414  5.397   14.947  1.00 21.55 ? 169 HIS A NE2 1 
ATOM   1113 N N   . GLU A 1 182 ? -4.475  2.546   19.311  1.00 19.80 ? 170 GLU A N   1 
ATOM   1114 C CA  . GLU A 1 182 ? -3.003  2.658   19.475  1.00 20.75 ? 170 GLU A CA  1 
ATOM   1115 C C   . GLU A 1 182 ? -2.325  1.352   19.012  1.00 20.39 ? 170 GLU A C   1 
ATOM   1116 O O   . GLU A 1 182 ? -1.357  1.464   18.258  1.00 16.89 ? 170 GLU A O   1 
ATOM   1117 C CB  . GLU A 1 182 ? -2.672  3.035   20.911  1.00 21.83 ? 170 GLU A CB  1 
ATOM   1118 C CG  . GLU A 1 182 ? -3.243  4.402   21.260  1.00 23.65 ? 170 GLU A CG  1 
ATOM   1119 C CD  . GLU A 1 182 ? -3.124  4.835   22.717  1.00 29.00 ? 170 GLU A CD  1 
ATOM   1120 O OE1 . GLU A 1 182 ? -2.426  4.109   23.513  1.00 24.14 ? 170 GLU A OE1 1 
ATOM   1121 O OE2 . GLU A 1 182 ? -3.762  5.889   23.038  1.00 28.43 ? 170 GLU A OE2 1 
ATOM   1122 N N   . LEU A 1 183 ? -2.799  0.185   19.464  1.00 19.20 ? 171 LEU A N   1 
ATOM   1123 C CA  . LEU A 1 183 ? -2.312  -1.141  19.007  1.00 19.37 ? 171 LEU A CA  1 
ATOM   1124 C C   . LEU A 1 183 ? -2.438  -1.237  17.482  1.00 16.55 ? 171 LEU A C   1 
ATOM   1125 O O   . LEU A 1 183 ? -1.451  -1.605  16.838  1.00 18.19 ? 171 LEU A O   1 
ATOM   1126 C CB  . LEU A 1 183 ? -3.118  -2.234  19.702  1.00 19.87 ? 171 LEU A CB  1 
ATOM   1127 C CG  . LEU A 1 183 ? -2.862  -3.659  19.226  1.00 19.75 ? 171 LEU A CG  1 
ATOM   1128 C CD1 . LEU A 1 183 ? -1.375  -4.005  19.274  1.00 20.53 ? 171 LEU A CD1 1 
ATOM   1129 C CD2 . LEU A 1 183 ? -3.654  -4.632  20.089  1.00 21.34 ? 171 LEU A CD2 1 
ATOM   1130 N N   . ALA A 1 184 ? -3.585  -0.866  16.923  1.00 16.60 ? 172 ALA A N   1 
ATOM   1131 C CA  . ALA A 1 184 ? -3.855  -0.872  15.464  1.00 17.58 ? 172 ALA A CA  1 
ATOM   1132 C C   . ALA A 1 184 ? -2.856  0.012   14.729  1.00 18.24 ? 172 ALA A C   1 
ATOM   1133 O O   . ALA A 1 184 ? -2.378  -0.388  13.663  1.00 16.62 ? 172 ALA A O   1 
ATOM   1134 C CB  . ALA A 1 184 ? -5.277  -0.431  15.194  1.00 19.03 ? 172 ALA A CB  1 
ATOM   1135 N N   . THR A 1 185 ? -2.577  1.207   15.254  1.00 16.93 ? 173 THR A N   1 
ATOM   1136 C CA  . THR A 1 185 ? -1.676  2.174   14.604  1.00 17.54 ? 173 THR A CA  1 
ATOM   1137 C C   . THR A 1 185 ? -0.282  1.514   14.500  1.00 17.33 ? 173 THR A C   1 
ATOM   1138 O O   . THR A 1 185 ? 0.307   1.566   13.426  1.00 17.05 ? 173 THR A O   1 
ATOM   1139 C CB  . THR A 1 185 ? -1.651  3.526   15.352  1.00 20.50 ? 173 THR A CB  1 
ATOM   1140 O OG1 . THR A 1 185 ? -2.974  4.079   15.334  1.00 19.89 ? 173 THR A OG1 1 
ATOM   1141 C CG2 . THR A 1 185 ? -0.659  4.507   14.758  1.00 21.10 ? 173 THR A CG2 1 
ATOM   1142 N N   . ALA A 1 186 ? 0.255   0.965   15.583  1.00 16.30 ? 174 ALA A N   1 
ATOM   1143 C CA  . ALA A 1 186 ? 1.627   0.385   15.592  1.00 18.26 ? 174 ALA A CA  1 
ATOM   1144 C C   . ALA A 1 186 ? 1.678   -0.832  14.661  1.00 16.08 ? 174 ALA A C   1 
ATOM   1145 O O   . ALA A 1 186 ? 2.662   -0.977  13.900  1.00 14.96 ? 174 ALA A O   1 
ATOM   1146 C CB  . ALA A 1 186 ? 2.083   0.040   17.003  1.00 17.57 ? 174 ALA A CB  1 
ATOM   1147 N N   . LEU A 1 187 ? 0.650   -1.673  14.669  1.00 17.68 ? 175 LEU A N   1 
ATOM   1148 C CA  . LEU A 1 187 ? 0.623   -2.871  13.787  1.00 17.22 ? 175 LEU A CA  1 
ATOM   1149 C C   . LEU A 1 187 ? 0.596   -2.429  12.315  1.00 17.39 ? 175 LEU A C   1 
ATOM   1150 O O   . LEU A 1 187 ? 1.314   -3.038  11.516  1.00 16.44 ? 175 LEU A O   1 
ATOM   1151 C CB  . LEU A 1 187 ? -0.547  -3.795  14.147  1.00 16.41 ? 175 LEU A CB  1 
ATOM   1152 C CG  . LEU A 1 187 ? -0.469  -4.433  15.542  1.00 17.25 ? 175 LEU A CG  1 
ATOM   1153 C CD1 . LEU A 1 187 ? -1.728  -5.245  15.793  1.00 18.91 ? 175 LEU A CD1 1 
ATOM   1154 C CD2 . LEU A 1 187 ? 0.770   -5.293  15.677  1.00 16.83 ? 175 LEU A CD2 1 
ATOM   1155 N N   . ASN A 1 188 ? -0.204  -1.433  11.969  1.00 17.09 ? 176 ASN A N   1 
ATOM   1156 C CA  . ASN A 1 188 ? -0.330  -0.911  10.583  1.00 17.43 ? 176 ASN A CA  1 
ATOM   1157 C C   . ASN A 1 188 ? 1.008   -0.290  10.151  1.00 18.94 ? 176 ASN A C   1 
ATOM   1158 O O   . ASN A 1 188 ? 1.447   -0.537  9.016   1.00 17.72 ? 176 ASN A O   1 
ATOM   1159 C CB  . ASN A 1 188 ? -1.492  0.079   10.456  1.00 16.52 ? 176 ASN A CB  1 
ATOM   1160 C CG  . ASN A 1 188 ? -2.801  -0.598  10.106  1.00 16.34 ? 176 ASN A CG  1 
ATOM   1161 O OD1 . ASN A 1 188 ? -3.248  -0.479  8.962   1.00 18.85 ? 176 ASN A OD1 1 
ATOM   1162 N ND2 . ASN A 1 188 ? -3.400  -1.304  11.054  1.00 17.01 ? 176 ASN A ND2 1 
ATOM   1163 N N   . LEU A 1 189 ? 1.696   0.410   11.048  1.00 17.11 ? 177 LEU A N   1 
ATOM   1164 C CA  . LEU A 1 189 ? 2.987   1.076   10.692  1.00 17.49 ? 177 LEU A CA  1 
ATOM   1165 C C   . LEU A 1 189 ? 4.079   0.004   10.579  1.00 17.16 ? 177 LEU A C   1 
ATOM   1166 O O   . LEU A 1 189 ? 4.977   0.143   9.750   1.00 17.06 ? 177 LEU A O   1 
ATOM   1167 C CB  . LEU A 1 189 ? 3.330   2.133   11.753  1.00 19.04 ? 177 LEU A CB  1 
ATOM   1168 C CG  . LEU A 1 189 ? 2.495   3.429   11.706  1.00 17.53 ? 177 LEU A CG  1 
ATOM   1169 C CD1 . LEU A 1 189 ? 2.934   4.344   12.826  1.00 18.84 ? 177 LEU A CD1 1 
ATOM   1170 C CD2 . LEU A 1 189 ? 2.682   4.160   10.393  1.00 20.07 ? 177 LEU A CD2 1 
ATOM   1171 N N   . MET A 1 190 ? 4.021   -1.026  11.425  1.00 17.37 ? 178 MET A N   1 
ATOM   1172 C CA  . MET A 1 190 ? 4.935   -2.179  11.277  1.00 18.04 ? 178 MET A CA  1 
ATOM   1173 C C   . MET A 1 190 ? 4.756   -2.762  9.882   1.00 18.38 ? 178 MET A C   1 
ATOM   1174 O O   . MET A 1 190 ? 5.780   -3.023  9.241   1.00 16.71 ? 178 MET A O   1 
ATOM   1175 C CB  . MET A 1 190 ? 4.670   -3.294  12.286  1.00 17.86 ? 178 MET A CB  1 
ATOM   1176 C CG  . MET A 1 190 ? 5.532   -4.520  12.007  1.00 16.17 ? 178 MET A CG  1 
ATOM   1177 S SD  . MET A 1 190 ? 5.285   -5.826  13.225  1.00 19.09 ? 178 MET A SD  1 
ATOM   1178 C CE  . MET A 1 190 ? 3.562   -6.245  12.967  1.00 19.77 ? 178 MET A CE  1 
ATOM   1179 N N   . ASN A 1 191 ? 3.508   -2.981  9.448   1.00 17.52 ? 179 ASN A N   1 
ATOM   1180 C CA  . ASN A 1 191 ? 3.256   -3.625  8.134   1.00 17.94 ? 179 ASN A CA  1 
ATOM   1181 C C   . ASN A 1 191 ? 3.833   -2.758  7.019   1.00 17.93 ? 179 ASN A C   1 
ATOM   1182 O O   . ASN A 1 191 ? 4.480   -3.307  6.105   1.00 17.81 ? 179 ASN A O   1 
ATOM   1183 C CB  . ASN A 1 191 ? 1.783   -3.977  7.933   1.00 16.66 ? 179 ASN A CB  1 
ATOM   1184 C CG  . ASN A 1 191 ? 1.426   -5.214  8.730   1.00 20.37 ? 179 ASN A CG  1 
ATOM   1185 O OD1 . ASN A 1 191 ? 2.143   -5.577  9.669   1.00 17.70 ? 179 ASN A OD1 1 
ATOM   1186 N ND2 . ASN A 1 191 ? 0.318   -5.850  8.379   1.00 17.48 ? 179 ASN A ND2 1 
ATOM   1187 N N   . GLU A 1 192 ? 3.562   -1.457  7.057   1.00 17.86 ? 180 GLU A N   1 
ATOM   1188 C CA  . GLU A 1 192 ? 4.045   -0.500  6.049   1.00 18.46 ? 180 GLU A CA  1 
ATOM   1189 C C   . GLU A 1 192 ? 5.573   -0.651  5.921   1.00 18.72 ? 180 GLU A C   1 
ATOM   1190 O O   . GLU A 1 192 ? 6.089   -0.850  4.801   1.00 20.07 ? 180 GLU A O   1 
ATOM   1191 C CB  . GLU A 1 192 ? 3.629   0.910   6.453   1.00 18.21 ? 180 GLU A CB  1 
ATOM   1192 C CG  . GLU A 1 192 ? 4.186   1.957   5.545   1.00 21.64 ? 180 GLU A CG  1 
ATOM   1193 C CD  . GLU A 1 192 ? 4.079   3.405   6.031   1.00 24.38 ? 180 GLU A CD  1 
ATOM   1194 O OE1 . GLU A 1 192 ? 2.983   3.851   6.365   1.00 22.96 ? 180 GLU A OE1 1 
ATOM   1195 O OE2 . GLU A 1 192 ? 5.102   4.075   6.078   1.00 28.67 ? 180 GLU A OE2 1 
ATOM   1196 N N   . ARG A 1 193 ? 6.301   -0.502  7.022   1.00 18.33 ? 181 ARG A N   1 
ATOM   1197 C CA  . ARG A 1 193 ? 7.776   -0.491  6.964   1.00 18.08 ? 181 ARG A CA  1 
ATOM   1198 C C   . ARG A 1 193 ? 8.320   -1.867  6.553   1.00 17.72 ? 181 ARG A C   1 
ATOM   1199 O O   . ARG A 1 193 ? 9.306   -1.913  5.756   1.00 18.08 ? 181 ARG A O   1 
ATOM   1200 C CB  . ARG A 1 193 ? 8.365   -0.062  8.304   1.00 18.35 ? 181 ARG A CB  1 
ATOM   1201 C CG  . ARG A 1 193 ? 9.852   0.236   8.231   1.00 20.06 ? 181 ARG A CG  1 
ATOM   1202 C CD  . ARG A 1 193 ? 10.082  1.463   7.371   1.00 24.00 ? 181 ARG A CD  1 
ATOM   1203 N NE  . ARG A 1 193 ? 11.484  1.471   7.175   1.00 32.22 ? 181 ARG A NE  1 
ATOM   1204 C CZ  . ARG A 1 193 ? 12.109  0.955   6.116   1.00 32.93 ? 181 ARG A CZ  1 
ATOM   1205 N NH1 . ARG A 1 193 ? 13.414  0.987   6.112   1.00 35.66 ? 181 ARG A NH1 1 
ATOM   1206 N NH2 . ARG A 1 193 ? 11.454  0.501   5.072   1.00 33.32 ? 181 ARG A NH2 1 
ATOM   1207 N N   . THR A 1 194 ? 7.768   -2.935  7.137   1.00 16.96 ? 182 THR A N   1 
ATOM   1208 C CA  . THR A 1 194 ? 8.280   -4.307  6.993   1.00 17.27 ? 182 THR A CA  1 
ATOM   1209 C C   . THR A 1 194 ? 7.927   -4.828  5.586   1.00 18.36 ? 182 THR A C   1 
ATOM   1210 O O   . THR A 1 194 ? 8.838   -5.344  4.924   1.00 16.52 ? 182 THR A O   1 
ATOM   1211 C CB  . THR A 1 194 ? 7.762   -5.208  8.123   1.00 20.51 ? 182 THR A CB  1 
ATOM   1212 O OG1 . THR A 1 194 ? 8.055   -4.617  9.392   1.00 19.59 ? 182 THR A OG1 1 
ATOM   1213 C CG2 . THR A 1 194 ? 8.421   -6.566  8.045   1.00 19.23 ? 182 THR A CG2 1 
ATOM   1214 N N   . LEU A 1 195 ? 6.679   -4.660  5.114   1.00 16.31 ? 183 LEU A N   1 
ATOM   1215 C CA  . LEU A 1 195 ? 6.323   -5.084  3.739   1.00 18.55 ? 183 LEU A CA  1 
ATOM   1216 C C   . LEU A 1 195 ? 7.212   -4.371  2.729   1.00 18.58 ? 183 LEU A C   1 
ATOM   1217 O O   . LEU A 1 195 ? 7.778   -5.051  1.813   1.00 19.73 ? 183 LEU A O   1 
ATOM   1218 C CB  . LEU A 1 195 ? 4.858   -4.827  3.419   1.00 19.14 ? 183 LEU A CB  1 
ATOM   1219 C CG  . LEU A 1 195 ? 3.896   -5.778  4.118   1.00 21.37 ? 183 LEU A CG  1 
ATOM   1220 C CD1 . LEU A 1 195 ? 2.462   -5.332  3.862   1.00 22.95 ? 183 LEU A CD1 1 
ATOM   1221 C CD2 . LEU A 1 195 ? 4.118   -7.233  3.706   1.00 22.00 ? 183 LEU A CD2 1 
ATOM   1222 N N   . PHE A 1 196 ? 7.316   -3.061  2.849   1.00 19.06 ? 184 PHE A N   1 
ATOM   1223 C CA  . PHE A 1 196 ? 7.978   -2.238  1.810   1.00 20.32 ? 184 PHE A CA  1 
ATOM   1224 C C   . PHE A 1 196 ? 9.498   -2.491  1.877   1.00 21.64 ? 184 PHE A C   1 
ATOM   1225 O O   . PHE A 1 196 ? 10.117  -2.574  0.804   1.00 21.31 ? 184 PHE A O   1 
ATOM   1226 C CB  . PHE A 1 196 ? 7.500   -0.786  1.907   1.00 21.67 ? 184 PHE A CB  1 
ATOM   1227 C CG  . PHE A 1 196 ? 6.009   -0.607  1.703   1.00 22.25 ? 184 PHE A CG  1 
ATOM   1228 C CD1 . PHE A 1 196 ? 5.194   -1.621  1.206   1.00 24.21 ? 184 PHE A CD1 1 
ATOM   1229 C CD2 . PHE A 1 196 ? 5.406   0.615   1.965   1.00 26.90 ? 184 PHE A CD2 1 
ATOM   1230 C CE1 . PHE A 1 196 ? 3.819   -1.447  1.069   1.00 24.60 ? 184 PHE A CE1 1 
ATOM   1231 C CE2 . PHE A 1 196 ? 4.039   0.817   1.765   1.00 23.51 ? 184 PHE A CE2 1 
ATOM   1232 C CZ  . PHE A 1 196 ? 3.244   -0.213  1.324   1.00 24.67 ? 184 PHE A CZ  1 
ATOM   1233 N N   . ALA A 1 197 ? 10.094  -2.716  3.056   1.00 17.99 ? 185 ALA A N   1 
ATOM   1234 C CA  . ALA A 1 197 ? 11.530  -3.087  3.144   1.00 21.53 ? 185 ALA A CA  1 
ATOM   1235 C C   . ALA A 1 197 ? 11.776  -4.440  2.450   1.00 21.39 ? 185 ALA A C   1 
ATOM   1236 O O   . ALA A 1 197 ? 12.763  -4.566  1.698   1.00 22.03 ? 185 ALA A O   1 
ATOM   1237 C CB  . ALA A 1 197 ? 11.997  -3.107  4.587   1.00 22.23 ? 185 ALA A CB  1 
ATOM   1238 N N   . SER A 1 198 ? 10.867  -5.397  2.617   1.00 21.03 ? 186 SER A N   1 
ATOM   1239 C CA  . SER A 1 198 ? 10.954  -6.740  2.010   1.00 21.47 ? 186 SER A CA  1 
ATOM   1240 C C   . SER A 1 198 ? 10.865  -6.594  0.498   1.00 22.76 ? 186 SER A C   1 
ATOM   1241 O O   . SER A 1 198 ? 11.678  -7.250  -0.184  1.00 19.95 ? 186 SER A O   1 
ATOM   1242 C CB  . SER A 1 198 ? 9.899   -7.708  2.506   1.00 22.71 ? 186 SER A CB  1 
ATOM   1243 O OG  . SER A 1 198 ? 10.133  -8.065  3.871   1.00 31.73 ? 186 SER A OG  1 
ATOM   1244 N N   . PHE A 1 199 ? 9.872   -5.846  -0.005  1.00 22.10 ? 187 PHE A N   1 
ATOM   1245 C CA  . PHE A 1 199 ? 9.656   -5.694  -1.456  1.00 23.34 ? 187 PHE A CA  1 
ATOM   1246 C C   . PHE A 1 199 ? 10.888  -5.047  -2.065  1.00 27.04 ? 187 PHE A C   1 
ATOM   1247 O O   . PHE A 1 199 ? 11.249  -5.464  -3.139  1.00 27.82 ? 187 PHE A O   1 
ATOM   1248 C CB  . PHE A 1 199 ? 8.425   -4.869  -1.818  1.00 21.45 ? 187 PHE A CB  1 
ATOM   1249 C CG  . PHE A 1 199 ? 7.135   -5.481  -1.364  1.00 21.44 ? 187 PHE A CG  1 
ATOM   1250 C CD1 . PHE A 1 199 ? 7.043   -6.846  -1.147  1.00 22.48 ? 187 PHE A CD1 1 
ATOM   1251 C CD2 . PHE A 1 199 ? 6.036   -4.681  -1.098  1.00 22.24 ? 187 PHE A CD2 1 
ATOM   1252 C CE1 . PHE A 1 199 ? 5.854   -7.405  -0.715  1.00 21.46 ? 187 PHE A CE1 1 
ATOM   1253 C CE2 . PHE A 1 199 ? 4.838   -5.244  -0.702  1.00 22.51 ? 187 PHE A CE2 1 
ATOM   1254 C CZ  . PHE A 1 199 ? 4.765   -6.595  -0.458  1.00 23.47 ? 187 PHE A CZ  1 
ATOM   1255 N N   . ALA A 1 200 ? 11.490  -4.064  -1.407  1.00 27.03 ? 188 ALA A N   1 
ATOM   1256 C CA  . ALA A 1 200 ? 12.630  -3.334  -1.993  1.00 26.98 ? 188 ALA A CA  1 
ATOM   1257 C C   . ALA A 1 200 ? 13.936  -4.101  -1.750  1.00 26.56 ? 188 ALA A C   1 
ATOM   1258 O O   . ALA A 1 200 ? 14.947  -3.592  -2.141  1.00 31.92 ? 188 ALA A O   1 
ATOM   1259 C CB  . ALA A 1 200 ? 12.640  -1.907  -1.480  1.00 27.13 ? 188 ALA A CB  1 
ATOM   1260 N N   . GLY A 1 201 ? 13.925  -5.299  -1.171  1.00 26.35 ? 189 GLY A N   1 
ATOM   1261 C CA  . GLY A 1 201 ? 15.155  -6.031  -0.820  1.00 26.94 ? 189 GLY A CA  1 
ATOM   1262 C C   . GLY A 1 201 ? 16.083  -5.201  0.069   1.00 30.78 ? 189 GLY A C   1 
ATOM   1263 O O   . GLY A 1 201 ? 17.321  -5.289  -0.120  1.00 31.51 ? 189 GLY A O   1 
ATOM   1264 N N   . GLU A 1 202 ? 15.566  -4.421  1.029   1.00 25.84 ? 190 GLU A N   1 
ATOM   1265 C CA  . GLU A 1 202 ? 16.431  -3.530  1.859   1.00 26.92 ? 190 GLU A CA  1 
ATOM   1266 C C   . GLU A 1 202 ? 17.303  -4.384  2.763   1.00 25.60 ? 190 GLU A C   1 
ATOM   1267 O O   . GLU A 1 202 ? 16.894  -5.480  3.120   1.00 27.20 ? 190 GLU A O   1 
ATOM   1268 C CB  . GLU A 1 202 ? 15.661  -2.554  2.751   1.00 26.38 ? 190 GLU A CB  1 
ATOM   1269 C CG  . GLU A 1 202 ? 15.049  -1.420  1.980   1.00 30.23 ? 190 GLU A CG  1 
ATOM   1270 C CD  . GLU A 1 202 ? 14.215  -0.481  2.840   1.00 34.10 ? 190 GLU A CD  1 
ATOM   1271 O OE1 . GLU A 1 202 ? 14.496  -0.390  4.060   1.00 32.11 ? 190 GLU A OE1 1 
ATOM   1272 O OE2 . GLU A 1 202 ? 13.294  0.138   2.296   1.00 38.43 ? 190 GLU A OE2 1 
ATOM   1273 N N   . GLN A 1 203 ? 18.422  -3.841  3.217   1.00 26.80 ? 191 GLN A N   1 
ATOM   1274 C CA  . GLN A 1 203 ? 19.196  -4.441  4.323   1.00 31.23 ? 191 GLN A CA  1 
ATOM   1275 C C   . GLN A 1 203 ? 19.098  -3.480  5.507   1.00 29.68 ? 191 GLN A C   1 
ATOM   1276 O O   . GLN A 1 203 ? 19.513  -2.336  5.413   1.00 30.11 ? 191 GLN A O   1 
ATOM   1277 C CB  . GLN A 1 203 ? 20.616  -4.750  3.872   1.00 39.22 ? 191 GLN A CB  1 
ATOM   1278 C CG  . GLN A 1 203 ? 21.094  -6.079  4.442   1.00 49.91 ? 191 GLN A CG  1 
ATOM   1279 C CD  . GLN A 1 203 ? 22.553  -6.311  4.148   1.00 59.55 ? 191 GLN A CD  1 
ATOM   1280 O OE1 . GLN A 1 203 ? 23.200  -5.515  3.470   1.00 63.88 ? 191 GLN A OE1 1 
ATOM   1281 N NE2 . GLN A 1 203 ? 23.083  -7.407  4.665   1.00 56.33 ? 191 GLN A NE2 1 
ATOM   1282 N N   . PRO A 1 204 ? 18.421  -3.855  6.611   1.00 27.87 ? 192 PRO A N   1 
ATOM   1283 C CA  . PRO A 1 204 ? 17.822  -5.186  6.781   1.00 25.41 ? 192 PRO A CA  1 
ATOM   1284 C C   . PRO A 1 204 ? 16.378  -5.321  6.249   1.00 24.88 ? 192 PRO A C   1 
ATOM   1285 O O   . PRO A 1 204 ? 15.662  -4.324  6.144   1.00 23.91 ? 192 PRO A O   1 
ATOM   1286 C CB  . PRO A 1 204 ? 17.799  -5.286  8.308   1.00 29.38 ? 192 PRO A CB  1 
ATOM   1287 C CG  . PRO A 1 204 ? 17.438  -3.878  8.745   1.00 30.62 ? 192 PRO A CG  1 
ATOM   1288 C CD  . PRO A 1 204 ? 18.154  -2.965  7.758   1.00 30.28 ? 192 PRO A CD  1 
ATOM   1289 N N   . SER A 1 205 ? 15.905  -6.555  6.044   1.00 20.73 ? 193 SER A N   1 
ATOM   1290 C CA  . SER A 1 205 ? 14.488  -6.821  5.685   1.00 21.98 ? 193 SER A CA  1 
ATOM   1291 C C   . SER A 1 205 ? 14.183  -8.282  5.959   1.00 23.15 ? 193 SER A C   1 
ATOM   1292 O O   . SER A 1 205 ? 15.106  -9.074  5.997   1.00 22.10 ? 193 SER A O   1 
ATOM   1293 C CB  . SER A 1 205 ? 14.176  -6.468  4.250   1.00 20.45 ? 193 SER A CB  1 
ATOM   1294 O OG  . SER A 1 205 ? 15.015  -7.216  3.374   1.00 20.84 ? 193 SER A OG  1 
ATOM   1295 N N   . VAL A 1 206 ? 12.933  -8.600  6.203   1.00 23.52 ? 194 VAL A N   1 
ATOM   1296 C CA  . VAL A 1 206 ? 12.504  -10.013 6.282   1.00 23.61 ? 194 VAL A CA  1 
ATOM   1297 C C   . VAL A 1 206 ? 12.467  -10.462 4.830   1.00 23.17 ? 194 VAL A C   1 
ATOM   1298 O O   . VAL A 1 206 ? 12.029  -9.698  3.987   1.00 20.11 ? 194 VAL A O   1 
ATOM   1299 C CB  . VAL A 1 206 ? 11.148  -10.131 6.992   1.00 22.52 ? 194 VAL A CB  1 
ATOM   1300 C CG1 . VAL A 1 206 ? 10.647  -11.550 7.043   1.00 21.21 ? 194 VAL A CG1 1 
ATOM   1301 C CG2 . VAL A 1 206 ? 11.200  -9.553  8.399   1.00 23.43 ? 194 VAL A CG2 1 
ATOM   1302 N N   . PRO A 1 207 ? 12.938  -11.669 4.468   1.00 21.91 ? 195 PRO A N   1 
ATOM   1303 C CA  . PRO A 1 207 ? 12.773  -12.139 3.097   1.00 21.96 ? 195 PRO A CA  1 
ATOM   1304 C C   . PRO A 1 207 ? 11.275  -12.167 2.789   1.00 20.04 ? 195 PRO A C   1 
ATOM   1305 O O   . PRO A 1 207 ? 10.420  -12.519 3.661   1.00 19.41 ? 195 PRO A O   1 
ATOM   1306 C CB  . PRO A 1 207 ? 13.380  -13.554 3.084   1.00 22.75 ? 195 PRO A CB  1 
ATOM   1307 C CG  . PRO A 1 207 ? 14.248  -13.612 4.351   1.00 23.89 ? 195 PRO A CG  1 
ATOM   1308 C CD  . PRO A 1 207 ? 13.610  -12.644 5.326   1.00 24.89 ? 195 PRO A CD  1 
ATOM   1309 N N   . GLU A 1 208 ? 10.967  -11.870 1.539   1.00 22.34 ? 196 GLU A N   1 
ATOM   1310 C CA  . GLU A 1 208 ? 9.587   -11.709 1.044   1.00 24.12 ? 196 GLU A CA  1 
ATOM   1311 C C   . GLU A 1 208 ? 8.812   -13.010 1.265   1.00 25.22 ? 196 GLU A C   1 
ATOM   1312 O O   . GLU A 1 208 ? 7.595   -12.943 1.584   1.00 21.28 ? 196 GLU A O   1 
ATOM   1313 C CB  . GLU A 1 208 ? 9.663   -11.236 -0.409  1.00 27.02 ? 196 GLU A CB  1 
ATOM   1314 C CG  . GLU A 1 208 ? 8.287   -11.047 -1.004  1.00 32.61 ? 196 GLU A CG  1 
ATOM   1315 C CD  . GLU A 1 208 ? 8.250   -10.389 -2.373  1.00 36.79 ? 196 GLU A CD  1 
ATOM   1316 O OE1 . GLU A 1 208 ? 9.285   -9.884  -2.824  1.00 37.48 ? 196 GLU A OE1 1 
ATOM   1317 O OE2 . GLU A 1 208 ? 7.168   -10.379 -2.966  1.00 43.57 ? 196 GLU A OE2 1 
ATOM   1318 N N   . ALA A 1 209 ? 9.467   -14.165 1.100   1.00 22.55 ? 197 ALA A N   1 
ATOM   1319 C CA  . ALA A 1 209 ? 8.838   -15.479 1.359   1.00 22.48 ? 197 ALA A CA  1 
ATOM   1320 C C   . ALA A 1 209 ? 8.565   -15.718 2.850   1.00 21.20 ? 197 ALA A C   1 
ATOM   1321 O O   . ALA A 1 209 ? 7.887   -16.693 3.120   1.00 21.04 ? 197 ALA A O   1 
ATOM   1322 C CB  . ALA A 1 209 ? 9.693   -16.607 0.771   1.00 23.57 ? 197 ALA A CB  1 
ATOM   1323 N N   . ARG A 1 210 ? 9.081   -14.923 3.795   1.00 17.70 ? 198 ARG A N   1 
ATOM   1324 C CA  . ARG A 1 210 ? 8.816   -15.118 5.245   1.00 18.79 ? 198 ARG A CA  1 
ATOM   1325 C C   . ARG A 1 210 ? 7.986   -13.965 5.854   1.00 19.61 ? 198 ARG A C   1 
ATOM   1326 O O   . ARG A 1 210 ? 7.546   -14.084 6.979   1.00 18.71 ? 198 ARG A O   1 
ATOM   1327 C CB  . ARG A 1 210 ? 10.157  -15.280 5.965   1.00 20.35 ? 198 ARG A CB  1 
ATOM   1328 C CG  . ARG A 1 210 ? 10.908  -16.554 5.577   1.00 21.44 ? 198 ARG A CG  1 
ATOM   1329 C CD  . ARG A 1 210 ? 10.278  -17.830 6.139   1.00 22.48 ? 198 ARG A CD  1 
ATOM   1330 N NE  . ARG A 1 210 ? 9.900   -17.649 7.529   1.00 26.20 ? 198 ARG A NE  1 
ATOM   1331 C CZ  . ARG A 1 210 ? 8.769   -18.117 8.064   1.00 29.27 ? 198 ARG A CZ  1 
ATOM   1332 N NH1 . ARG A 1 210 ? 7.965   -18.874 7.332   1.00 28.01 ? 198 ARG A NH1 1 
ATOM   1333 N NH2 . ARG A 1 210 ? 8.439   -17.840 9.320   1.00 26.76 ? 198 ARG A NH2 1 
ATOM   1334 N N   . VAL A 1 211 ? 7.765   -12.885 5.127   1.00 19.76 ? 199 VAL A N   1 
ATOM   1335 C CA  . VAL A 1 211 ? 7.209   -11.644 5.746   1.00 20.14 ? 199 VAL A CA  1 
ATOM   1336 C C   . VAL A 1 211 ? 5.736   -11.845 6.123   1.00 19.30 ? 199 VAL A C   1 
ATOM   1337 O O   . VAL A 1 211 ? 5.345   -11.401 7.221   1.00 19.83 ? 199 VAL A O   1 
ATOM   1338 C CB  . VAL A 1 211 ? 7.498   -10.423 4.860   1.00 19.02 ? 199 VAL A CB  1 
ATOM   1339 C CG1 . VAL A 1 211 ? 6.641   -10.406 3.616   1.00 19.10 ? 199 VAL A CG1 1 
ATOM   1340 C CG2 . VAL A 1 211 ? 7.318   -9.151  5.660   1.00 20.08 ? 199 VAL A CG2 1 
ATOM   1341 N N   . LEU A 1 212 ? 4.915   -12.515 5.308   1.00 19.53 ? 200 LEU A N   1 
ATOM   1342 C CA  . LEU A 1 212 ? 3.490   -12.714 5.676   1.00 20.20 ? 200 LEU A CA  1 
ATOM   1343 C C   . LEU A 1 212 ? 3.387   -13.458 7.015   1.00 20.68 ? 200 LEU A C   1 
ATOM   1344 O O   . LEU A 1 212 ? 2.704   -12.945 7.951   1.00 19.38 ? 200 LEU A O   1 
ATOM   1345 C CB  . LEU A 1 212 ? 2.726   -13.411 4.538   1.00 19.69 ? 200 LEU A CB  1 
ATOM   1346 C CG  . LEU A 1 212 ? 1.234   -13.622 4.791   1.00 20.09 ? 200 LEU A CG  1 
ATOM   1347 C CD1 . LEU A 1 212 ? 0.524   -12.310 5.056   1.00 19.35 ? 200 LEU A CD1 1 
ATOM   1348 C CD2 . LEU A 1 212 ? 0.588   -14.348 3.604   1.00 21.99 ? 200 LEU A CD2 1 
ATOM   1349 N N   . ASP A 1 213 ? 4.082   -14.590 7.159   1.00 21.41 ? 201 ASP A N   1 
ATOM   1350 C CA  . ASP A 1 213 ? 4.051   -15.413 8.391   1.00 21.94 ? 201 ASP A CA  1 
ATOM   1351 C C   . ASP A 1 213 ? 4.574   -14.565 9.574   1.00 20.63 ? 201 ASP A C   1 
ATOM   1352 O O   . ASP A 1 213 ? 4.059   -14.705 10.703  1.00 18.18 ? 201 ASP A O   1 
ATOM   1353 C CB  . ASP A 1 213 ? 4.888   -16.687 8.277   1.00 25.46 ? 201 ASP A CB  1 
ATOM   1354 C CG  . ASP A 1 213 ? 4.280   -17.888 7.550   1.00 29.66 ? 201 ASP A CG  1 
ATOM   1355 O OD1 . ASP A 1 213 ? 3.075   -17.889 7.315   1.00 27.40 ? 201 ASP A OD1 1 
ATOM   1356 O OD2 . ASP A 1 213 ? 5.053   -18.858 7.284   1.00 31.45 ? 201 ASP A OD2 1 
ATOM   1357 N N   . THR A 1 214 ? 5.610   -13.765 9.351   1.00 18.29 ? 202 THR A N   1 
ATOM   1358 C CA  . THR A 1 214 ? 6.248   -12.939 10.412  1.00 18.66 ? 202 THR A CA  1 
ATOM   1359 C C   . THR A 1 214 ? 5.177   -11.980 10.954  1.00 18.28 ? 202 THR A C   1 
ATOM   1360 O O   . THR A 1 214 ? 4.939   -11.911 12.186  1.00 19.57 ? 202 THR A O   1 
ATOM   1361 C CB  . THR A 1 214 ? 7.497   -12.221 9.868   1.00 21.32 ? 202 THR A CB  1 
ATOM   1362 O OG1 . THR A 1 214 ? 8.415   -13.187 9.343   1.00 20.05 ? 202 THR A OG1 1 
ATOM   1363 C CG2 . THR A 1 214 ? 8.153   -11.352 10.938  1.00 21.80 ? 202 THR A CG2 1 
ATOM   1364 N N   . LEU A 1 215 ? 4.531   -11.247 10.055  1.00 18.94 ? 203 LEU A N   1 
ATOM   1365 C CA  . LEU A 1 215 ? 3.547   -10.212 10.465  1.00 19.33 ? 203 LEU A CA  1 
ATOM   1366 C C   . LEU A 1 215 ? 2.342   -10.887 11.115  1.00 18.12 ? 203 LEU A C   1 
ATOM   1367 O O   . LEU A 1 215 ? 1.884   -10.374 12.143  1.00 16.81 ? 203 LEU A O   1 
ATOM   1368 C CB  . LEU A 1 215 ? 3.175   -9.343  9.261   1.00 17.55 ? 203 LEU A CB  1 
ATOM   1369 C CG  . LEU A 1 215 ? 4.359   -8.606  8.664   1.00 16.89 ? 203 LEU A CG  1 
ATOM   1370 C CD1 . LEU A 1 215 ? 3.941   -7.922  7.378   1.00 17.26 ? 203 LEU A CD1 1 
ATOM   1371 C CD2 . LEU A 1 215 ? 4.926   -7.589  9.656   1.00 16.92 ? 203 LEU A CD2 1 
ATOM   1372 N N   . VAL A 1 216 ? 1.872   -12.010 10.589  1.00 17.96 ? 204 VAL A N   1 
ATOM   1373 C CA  . VAL A 1 216 ? 0.670   -12.667 11.160  1.00 17.90 ? 204 VAL A CA  1 
ATOM   1374 C C   . VAL A 1 216 ? 0.985   -13.060 12.614  1.00 18.53 ? 204 VAL A C   1 
ATOM   1375 O O   . VAL A 1 216 ? 0.137   -12.784 13.520  1.00 20.50 ? 204 VAL A O   1 
ATOM   1376 C CB  . VAL A 1 216 ? 0.211   -13.871 10.329  1.00 18.71 ? 204 VAL A CB  1 
ATOM   1377 C CG1 . VAL A 1 216 ? -0.843  -14.673 11.086  1.00 21.31 ? 204 VAL A CG1 1 
ATOM   1378 C CG2 . VAL A 1 216 ? -0.310  -13.439 8.983   1.00 18.41 ? 204 VAL A CG2 1 
ATOM   1379 N N   . HIS A 1 217 ? 2.155   -13.640 12.869  1.00 18.74 ? 205 HIS A N   1 
ATOM   1380 C CA  . HIS A 1 217 ? 2.532   -14.021 14.258  1.00 19.73 ? 205 HIS A CA  1 
ATOM   1381 C C   . HIS A 1 217 ? 2.432   -12.791 15.192  1.00 19.48 ? 205 HIS A C   1 
ATOM   1382 O O   . HIS A 1 217 ? 1.897   -12.910 16.319  1.00 18.30 ? 205 HIS A O   1 
ATOM   1383 C CB  . HIS A 1 217 ? 3.924   -14.606 14.316  1.00 18.50 ? 205 HIS A CB  1 
ATOM   1384 C CG  . HIS A 1 217 ? 4.448   -14.734 15.703  1.00 18.56 ? 205 HIS A CG  1 
ATOM   1385 N ND1 . HIS A 1 217 ? 4.140   -15.818 16.505  1.00 20.05 ? 205 HIS A ND1 1 
ATOM   1386 C CD2 . HIS A 1 217 ? 5.217   -13.936 16.451  1.00 18.50 ? 205 HIS A CD2 1 
ATOM   1387 C CE1 . HIS A 1 217 ? 4.747   -15.715 17.674  1.00 18.88 ? 205 HIS A CE1 1 
ATOM   1388 N NE2 . HIS A 1 217 ? 5.388   -14.542 17.688  1.00 19.99 ? 205 HIS A NE2 1 
ATOM   1389 N N   . ILE A 1 218 ? 2.949   -11.643 14.763  1.00 18.69 ? 206 ILE A N   1 
ATOM   1390 C CA  . ILE A 1 218 ? 3.083   -10.458 15.651  1.00 18.71 ? 206 ILE A CA  1 
ATOM   1391 C C   . ILE A 1 218 ? 1.675   -9.889  15.864  1.00 18.81 ? 206 ILE A C   1 
ATOM   1392 O O   . ILE A 1 218 ? 1.365   -9.552  17.014  1.00 20.38 ? 206 ILE A O   1 
ATOM   1393 C CB  . ILE A 1 218 ? 4.099   -9.436  15.105  1.00 18.41 ? 206 ILE A CB  1 
ATOM   1394 C CG1 . ILE A 1 218 ? 5.508   -10.013 15.078  1.00 18.06 ? 206 ILE A CG1 1 
ATOM   1395 C CG2 . ILE A 1 218 ? 4.065   -8.195  15.985  1.00 18.05 ? 206 ILE A CG2 1 
ATOM   1396 C CD1 . ILE A 1 218 ? 6.515   -9.275  14.220  1.00 18.08 ? 206 ILE A CD1 1 
ATOM   1397 N N   . TRP A 1 219 ? 0.808   -9.932  14.838  1.00 16.70 ? 207 TRP A N   1 
ATOM   1398 C CA  . TRP A 1 219 ? -0.576  -9.398  14.949  1.00 19.08 ? 207 TRP A CA  1 
ATOM   1399 C C   . TRP A 1 219 ? -1.352  -10.266 15.941  1.00 21.23 ? 207 TRP A C   1 
ATOM   1400 O O   . TRP A 1 219 ? -1.915  -9.727  16.933  1.00 17.15 ? 207 TRP A O   1 
ATOM   1401 C CB  . TRP A 1 219 ? -1.271  -9.301  13.600  1.00 17.92 ? 207 TRP A CB  1 
ATOM   1402 C CG  . TRP A 1 219 ? -0.919  -8.093  12.786  1.00 18.69 ? 207 TRP A CG  1 
ATOM   1403 C CD1 . TRP A 1 219 ? 0.322   -7.696  12.387  1.00 18.45 ? 207 TRP A CD1 1 
ATOM   1404 C CD2 . TRP A 1 219 ? -1.843  -7.132  12.236  1.00 18.78 ? 207 TRP A CD2 1 
ATOM   1405 N NE1 . TRP A 1 219 ? 0.225   -6.553  11.636  1.00 20.51 ? 207 TRP A NE1 1 
ATOM   1406 C CE2 . TRP A 1 219 ? -1.086  -6.183  11.529  1.00 18.78 ? 207 TRP A CE2 1 
ATOM   1407 C CE3 . TRP A 1 219 ? -3.234  -6.977  12.271  1.00 18.65 ? 207 TRP A CE3 1 
ATOM   1408 C CZ2 . TRP A 1 219 ? -1.666  -5.096  10.879  1.00 20.16 ? 207 TRP A CZ2 1 
ATOM   1409 C CZ3 . TRP A 1 219 ? -3.813  -5.916  11.605  1.00 19.09 ? 207 TRP A CZ3 1 
ATOM   1410 C CH2 . TRP A 1 219 ? -3.039  -4.985  10.922  1.00 18.12 ? 207 TRP A CH2 1 
ATOM   1411 N N   . VAL A 1 220 ? -1.321  -11.575 15.723  1.00 20.37 ? 208 VAL A N   1 
ATOM   1412 C CA  . VAL A 1 220 ? -2.177  -12.521 16.482  1.00 21.30 ? 208 VAL A CA  1 
ATOM   1413 C C   . VAL A 1 220 ? -1.713  -12.540 17.950  1.00 21.90 ? 208 VAL A C   1 
ATOM   1414 O O   . VAL A 1 220 ? -2.577  -12.430 18.853  1.00 22.08 ? 208 VAL A O   1 
ATOM   1415 C CB  . VAL A 1 220 ? -2.150  -13.899 15.795  1.00 23.63 ? 208 VAL A CB  1 
ATOM   1416 C CG1 . VAL A 1 220 ? -2.696  -14.994 16.701  1.00 28.01 ? 208 VAL A CG1 1 
ATOM   1417 C CG2 . VAL A 1 220 ? -2.922  -13.838 14.490  1.00 26.33 ? 208 VAL A CG2 1 
ATOM   1418 N N   . THR A 1 221 ? -0.403  -12.611 18.200  1.00 20.58 ? 209 THR A N   1 
ATOM   1419 C CA  . THR A 1 221 ? 0.091   -12.657 19.584  1.00 22.69 ? 209 THR A CA  1 
ATOM   1420 C C   . THR A 1 221 ? -0.227  -11.319 20.285  1.00 23.36 ? 209 THR A C   1 
ATOM   1421 O O   . THR A 1 221 ? -0.566  -11.348 21.464  1.00 22.30 ? 209 THR A O   1 
ATOM   1422 C CB  . THR A 1 221 ? 1.560   -13.084 19.649  1.00 25.76 ? 209 THR A CB  1 
ATOM   1423 O OG1 . THR A 1 221 ? 2.315   -12.159 18.862  1.00 23.37 ? 209 THR A OG1 1 
ATOM   1424 C CG2 . THR A 1 221 ? 1.755   -14.533 19.229  1.00 24.62 ? 209 THR A CG2 1 
ATOM   1425 N N   . SER A 1 222 ? -0.104  -10.176 19.618  1.00 20.59 ? 210 SER A N   1 
ATOM   1426 C CA  . SER A 1 222 ? -0.280  -8.871  20.295  1.00 21.07 ? 210 SER A CA  1 
ATOM   1427 C C   . SER A 1 222 ? -1.779  -8.573  20.486  1.00 20.98 ? 210 SER A C   1 
ATOM   1428 O O   . SER A 1 222 ? -2.121  -7.886  21.454  1.00 20.23 ? 210 SER A O   1 
ATOM   1429 C CB  . SER A 1 222 ? 0.472   -7.789  19.572  1.00 20.48 ? 210 SER A CB  1 
ATOM   1430 O OG  . SER A 1 222 ? -0.165  -7.462  18.376  1.00 19.10 ? 210 SER A OG  1 
ATOM   1431 N N   . ILE A 1 223 ? -2.648  -9.073  19.611  1.00 20.39 ? 211 ILE A N   1 
ATOM   1432 C CA  . ILE A 1 223 ? -4.124  -8.875  19.715  1.00 23.26 ? 211 ILE A CA  1 
ATOM   1433 C C   . ILE A 1 223 ? -4.725  -9.849  20.739  1.00 25.01 ? 211 ILE A C   1 
ATOM   1434 O O   . ILE A 1 223 ? -5.616  -9.417  21.481  1.00 25.85 ? 211 ILE A O   1 
ATOM   1435 C CB  . ILE A 1 223 ? -4.766  -8.983  18.317  1.00 21.83 ? 211 ILE A CB  1 
ATOM   1436 C CG1 . ILE A 1 223 ? -4.305  -7.808  17.450  1.00 20.25 ? 211 ILE A CG1 1 
ATOM   1437 C CG2 . ILE A 1 223 ? -6.288  -9.038  18.397  1.00 23.08 ? 211 ILE A CG2 1 
ATOM   1438 C CD1 . ILE A 1 223 ? -4.660  -7.944  15.951  1.00 19.52 ? 211 ILE A CD1 1 
ATOM   1439 N N   . TYR A 1 224 ? -4.234  -11.083 20.850  1.00 22.24 ? 212 TYR A N   1 
ATOM   1440 C CA  . TYR A 1 224 ? -4.898  -12.113 21.698  1.00 24.02 ? 212 TYR A CA  1 
ATOM   1441 C C   . TYR A 1 224 ? -4.112  -12.338 22.980  1.00 24.88 ? 212 TYR A C   1 
ATOM   1442 O O   . TYR A 1 224 ? -4.658  -12.993 23.851  1.00 25.90 ? 212 TYR A O   1 
ATOM   1443 C CB  . TYR A 1 224 ? -5.155  -13.385 20.881  1.00 23.82 ? 212 TYR A CB  1 
ATOM   1444 C CG  . TYR A 1 224 ? -6.123  -13.132 19.758  1.00 25.38 ? 212 TYR A CG  1 
ATOM   1445 C CD1 . TYR A 1 224 ? -7.497  -13.082 19.984  1.00 25.65 ? 212 TYR A CD1 1 
ATOM   1446 C CD2 . TYR A 1 224 ? -5.660  -12.892 18.470  1.00 24.74 ? 212 TYR A CD2 1 
ATOM   1447 C CE1 . TYR A 1 224 ? -8.385  -12.805 18.962  1.00 22.60 ? 212 TYR A CE1 1 
ATOM   1448 C CE2 . TYR A 1 224 ? -6.537  -12.633 17.440  1.00 24.63 ? 212 TYR A CE2 1 
ATOM   1449 C CZ  . TYR A 1 224 ? -7.901  -12.604 17.679  1.00 23.90 ? 212 TYR A CZ  1 
ATOM   1450 O OH  . TYR A 1 224 ? -8.728  -12.304 16.634  1.00 23.38 ? 212 TYR A OH  1 
ATOM   1451 N N   . GLY A 1 225 ? -2.902  -11.781 23.088  1.00 26.25 ? 213 GLY A N   1 
ATOM   1452 C CA  . GLY A 1 225 ? -1.980  -12.036 24.206  1.00 28.56 ? 213 GLY A CA  1 
ATOM   1453 C C   . GLY A 1 225 ? -2.241  -11.094 25.362  1.00 31.81 ? 213 GLY A C   1 
ATOM   1454 O O   . GLY A 1 225 ? -2.608  -9.950  25.109  1.00 33.31 ? 213 GLY A O   1 
ATOM   1455 N N   . GLU A 1 226 ? -1.984  -11.557 26.588  1.00 43.07 ? 214 GLU A N   1 
ATOM   1456 C CA  . GLU A 1 226 ? -1.802  -10.732 27.826  1.00 46.76 ? 214 GLU A CA  1 
ATOM   1457 C C   . GLU A 1 226 ? -0.597  -11.246 28.606  1.00 42.33 ? 214 GLU A C   1 
ATOM   1458 O O   . GLU A 1 226 ? 0.377   -10.507 28.689  1.00 53.01 ? 214 GLU A O   1 
ATOM   1459 C CB  . GLU A 1 226 ? -3.028  -10.834 28.719  1.00 53.21 ? 214 GLU A CB  1 
ATOM   1460 C CG  . GLU A 1 226 ? -3.455  -12.274 28.925  1.00 56.01 ? 214 GLU A CG  1 
ATOM   1461 C CD  . GLU A 1 226 ? -4.934  -12.405 29.206  1.00 67.03 ? 214 GLU A CD  1 
ATOM   1462 O OE1 . GLU A 1 226 ? -5.551  -13.360 28.694  1.00 71.64 ? 214 GLU A OE1 1 
ATOM   1463 O OE2 . GLU A 1 226 ? -5.465  -11.528 29.915  1.00 68.90 ? 214 GLU A OE2 1 
HETATM 1464 C C4  . GH2 B 2 .   ? -8.610  -9.018  9.257   1.00 30.96 ? 301 GH2 A C4  1 
HETATM 1465 C C14 . GH2 B 2 .   ? -2.000  -3.475  6.949   1.00 22.49 ? 301 GH2 A C14 1 
HETATM 1466 C C5  . GH2 B 2 .   ? -8.244  -7.567  9.208   1.00 28.87 ? 301 GH2 A C5  1 
HETATM 1467 C C6  . GH2 B 2 .   ? -6.956  -5.762  8.704   1.00 23.58 ? 301 GH2 A C6  1 
HETATM 1468 C C11 . GH2 B 2 .   ? -3.287  -4.051  7.394   1.00 20.05 ? 301 GH2 A C11 1 
HETATM 1469 C C7  . GH2 B 2 .   ? -8.039  -5.107  9.316   1.00 24.95 ? 301 GH2 A C7  1 
HETATM 1470 C C8  . GH2 B 2 .   ? -5.698  -5.164  8.225   1.00 20.79 ? 301 GH2 A C8  1 
HETATM 1471 C C9  . GH2 B 2 .   ? -4.572  -5.993  8.019   1.00 19.30 ? 301 GH2 A C9  1 
HETATM 1472 C C10 . GH2 B 2 .   ? -3.387  -5.419  7.619   1.00 20.87 ? 301 GH2 A C10 1 
HETATM 1473 C C12 . GH2 B 2 .   ? -4.390  -3.222  7.665   1.00 19.48 ? 301 GH2 A C12 1 
HETATM 1474 C C13 . GH2 B 2 .   ? -5.601  -3.816  8.040   1.00 20.40 ? 301 GH2 A C13 1 
HETATM 1475 N N1  . GH2 B 2 .   ? -7.088  -7.100  8.669   1.00 24.76 ? 301 GH2 A N1  1 
HETATM 1476 N N2  . GH2 B 2 .   ? -1.822  -2.148  7.017   1.00 20.43 ? 301 GH2 A N2  1 
HETATM 1477 C C3  . GH2 B 2 .   ? -9.913  -9.193  8.499   1.00 36.00 ? 301 GH2 A C3  1 
HETATM 1478 C C1  . GH2 B 2 .   ? -13.602 -9.574  9.356   1.00 59.75 ? 301 GH2 A C1  1 
HETATM 1479 C C2  . GH2 B 2 .   ? -12.398 -9.422  8.424   1.00 59.03 ? 301 GH2 A C2  1 
HETATM 1480 O O1  . GH2 B 2 .   ? -11.175 -9.181  9.176   1.00 50.76 ? 301 GH2 A O1  1 
HETATM 1481 O O2  . GH2 B 2 .   ? -9.951  -9.303  7.292   1.00 41.40 ? 301 GH2 A O2  1 
HETATM 1482 S S1  . GH2 B 2 .   ? -9.229  -6.266  9.837   1.00 27.64 ? 301 GH2 A S1  1 
HETATM 1483 O O3  . GH2 B 2 .   ? -1.116  -4.235  6.511   1.00 22.90 ? 301 GH2 A O3  1 
HETATM 1484 C C15 . GH2 B 2 .   ? -0.674  -1.517  6.403   1.00 20.82 ? 301 GH2 A C15 1 
HETATM 1485 C C16 . GH2 B 2 .   ? -0.864  -1.277  4.914   1.00 22.68 ? 301 GH2 A C16 1 
HETATM 1486 C C17 . GH2 B 2 .   ? 0.465   -1.030  4.223   1.00 26.43 ? 301 GH2 A C17 1 
HETATM 1487 F F1  . GH2 B 2 .   ? 0.296   -0.902  2.938   1.00 30.81 ? 301 GH2 A F1  1 
HETATM 1488 F F2  . GH2 B 2 .   ? 1.262   -2.068  4.397   1.00 25.51 ? 301 GH2 A F2  1 
HETATM 1489 F F3  . GH2 B 2 .   ? 1.035   0.067   4.710   1.00 24.68 ? 301 GH2 A F3  1 
HETATM 1490 O O   . HOH C 3 .   ? 10.652  3.967   -1.911  1.00 32.45 ? 401 HOH A O   1 
HETATM 1491 O O   . HOH C 3 .   ? 14.962  0.447   7.975   1.00 35.66 ? 402 HOH A O   1 
HETATM 1492 O O   . HOH C 3 .   ? -0.141  -14.591 -0.750  1.00 22.21 ? 403 HOH A O   1 
HETATM 1493 O O   . HOH C 3 .   ? -5.119  7.186   21.346  0.50 20.84 ? 404 HOH A O   1 
HETATM 1494 O O   . HOH C 3 .   ? -3.737  -8.064  23.811  1.00 25.10 ? 405 HOH A O   1 
HETATM 1495 O O   . HOH C 3 .   ? -9.223  8.386   6.308   1.00 29.43 ? 406 HOH A O   1 
HETATM 1496 O O   . HOH C 3 .   ? -12.495 -9.042  26.024  1.00 36.39 ? 407 HOH A O   1 
HETATM 1497 O O   . HOH C 3 .   ? -11.249 1.729   19.139  1.00 36.10 ? 408 HOH A O   1 
HETATM 1498 O O   . HOH C 3 .   ? -1.165  1.838   23.747  1.00 28.73 ? 409 HOH A O   1 
HETATM 1499 O O   . HOH C 3 .   ? 4.480   -1.385  -9.923  1.00 24.26 ? 410 HOH A O   1 
HETATM 1500 O O   . HOH C 3 .   ? 15.442  -1.611  6.206   1.00 22.23 ? 411 HOH A O   1 
HETATM 1501 O O   . HOH C 3 .   ? 5.651   -14.125 2.978   1.00 19.90 ? 412 HOH A O   1 
HETATM 1502 O O   . HOH C 3 .   ? -15.996 -2.598  16.814  1.00 34.62 ? 413 HOH A O   1 
HETATM 1503 O O   . HOH C 3 .   ? 2.564   -16.882 11.176  1.00 25.87 ? 414 HOH A O   1 
HETATM 1504 O O   . HOH C 3 .   ? -3.337  6.542   14.330  1.00 32.35 ? 415 HOH A O   1 
HETATM 1505 O O   . HOH C 3 .   ? 9.056   8.577   -6.625  1.00 34.92 ? 416 HOH A O   1 
HETATM 1506 O O   . HOH C 3 .   ? 1.852   10.395  4.335   1.00 31.57 ? 417 HOH A O   1 
HETATM 1507 O O   . HOH C 3 .   ? -6.732  -7.093  22.384  1.00 25.03 ? 418 HOH A O   1 
HETATM 1508 O O   . HOH C 3 .   ? 11.214  -6.475  5.979   1.00 23.13 ? 419 HOH A O   1 
HETATM 1509 O O   . HOH C 3 .   ? -0.266  13.163  -29.702 1.00 36.79 ? 420 HOH A O   1 
HETATM 1510 O O   . HOH C 3 .   ? 6.552   -19.530 10.427  1.00 30.98 ? 421 HOH A O   1 
HETATM 1511 O O   . HOH C 3 .   ? 7.654   3.063   5.692   1.00 30.73 ? 422 HOH A O   1 
HETATM 1512 O O   . HOH C 3 .   ? -6.219  -12.409 1.170   1.00 30.44 ? 423 HOH A O   1 
HETATM 1513 O O   . HOH C 3 .   ? 5.829   -5.686  -8.879  1.00 33.45 ? 424 HOH A O   1 
HETATM 1514 O O   . HOH C 3 .   ? -7.691  6.122   12.220  1.00 22.78 ? 425 HOH A O   1 
HETATM 1515 O O   . HOH C 3 .   ? 9.035   -1.087  -1.348  1.00 25.59 ? 426 HOH A O   1 
HETATM 1516 O O   . HOH C 3 .   ? 5.448   -15.881 5.023   1.00 20.12 ? 427 HOH A O   1 
HETATM 1517 O O   . HOH C 3 .   ? 11.943  -14.454 -0.442  1.00 22.02 ? 428 HOH A O   1 
HETATM 1518 O O   . HOH C 3 .   ? 8.981   -2.142  -3.698  1.00 27.85 ? 429 HOH A O   1 
HETATM 1519 O O   . HOH C 3 .   ? -6.134  -19.246 15.068  1.00 37.80 ? 430 HOH A O   1 
HETATM 1520 O O   . HOH C 3 .   ? 6.489   -3.595  -10.222 1.00 33.61 ? 431 HOH A O   1 
HETATM 1521 O O   . HOH C 3 .   ? -10.112 -19.056 16.370  1.00 45.67 ? 432 HOH A O   1 
HETATM 1522 O O   . HOH C 3 .   ? 9.710   4.702   6.498   0.50 33.76 ? 433 HOH A O   1 
HETATM 1523 O O   . HOH C 3 .   ? -5.236  7.310   12.515  1.00 29.18 ? 434 HOH A O   1 
HETATM 1524 O O   . HOH C 3 .   ? 3.324   16.964  -32.154 1.00 31.55 ? 435 HOH A O   1 
HETATM 1525 O O   . HOH C 3 .   ? 3.978   -15.506 1.248   1.00 34.66 ? 436 HOH A O   1 
# 
